data_7MI9
#
_entry.id   7MI9
#
_cell.length_a   1.00
_cell.length_b   1.00
_cell.length_c   1.00
_cell.angle_alpha   90.00
_cell.angle_beta   90.00
_cell.angle_gamma   90.00
#
_symmetry.space_group_name_H-M   'P 1'
#
loop_
_entity.id
_entity.type
_entity.pdbx_description
1 polymer 'CRISPR-associated exonuclease Cas4/endonuclease Cas1 fusion'
2 polymer 'CRISPR-associated endoribonuclease Cas2'
3 polymer 'DNA (80-MER)'
4 polymer 'DNA (72-MER)'
5 polymer "DNA (5'-D(P*CP*GP*GP*AP*AP*AP*AP*GP*AP*GP*CP*C)-3')"
6 polymer "DNA (5'-D(P*GP*AP*AP*GP*CP*C)-3')"
#
loop_
_entity_poly.entity_id
_entity_poly.type
_entity_poly.pdbx_seq_one_letter_code
_entity_poly.pdbx_strand_id
1 'polypeptide(L)'
;MAETDGSIPLIPVRMLNEHVYCPRLAYLMWVQGEFSHNEFTVDGVIRHRRVDAGGGVLPSETQEDSRIHARSVSLSSERL
GITAKIDLVEGEGAYVSPVDYKRGKRPHVAGGAYEPERVQLCAQGLLLREHGFASDGGALYFVASRERVPVAFDDELIGR
TLAAIDEMGRTALSGTMPPPLEDSPKCPRCSLVGICLPDEVRFLSHLSVEPRPIIPADGRGLPLYVQSPKAYVRKDGDCL
VIEEERVRVAEARLGETSQVALFGNATLTTAALHECLRREIPVTWLSYGGWFMGHTVSTGHRNVETRTYQYQRSFDPETC
LNLARRWIVAKIANCRTLLRRNWRGEGDEAKAPPGLLMSLQDDMRHAMRAPSLEVLLGIEGASAGRYFQHFSRMLRGGDG
EGMGFDFTTRNRRPPKDPVNALLSFAYAMLTREWTVALAAVGLDPYRGFYHQPRFGRPALALDMMEPFRPLIADSTVLMA
INNGEIRTGDFVRSAGGCNLTDSARKRFIAGFERRMEQEVTHPIFKYTISYRRLLEVQARLLTRYLSGEIPAYPNFVTR
;
A,B,C,D
2 'polypeptide(L)'
;MEHLYIVSYDIRNQRRWRRLFKTMHGFGCWLQLSVFQCRLDRIRIIKMEAAINEIVNHAEDHVLILDLGPAENVKPKVSS
IGKTFDPILRQAVIV
;
E,F
3 'polydeoxyribonucleotide'
;(DA)(DG)(DG)(DA)(DC)(DA)(DA)(DC)(DG)(DT)(DT)(DA)(DC)(DG)(DG)(DA)(DC)(DG)(DG)(DC)
(DA)(DC)(DA)(DG)(DC)(DC)(DT)(DT)(DT)(DT)(DT)(DG)(DC)(DT)(DT)(DC)(DA)(DA)(DT)(DG)
(DA)(DG)(DG)(DC)(DC)(DG)(DG)(DG)(DG)(DC)(DA)(DT)(DC)(DA)(DT)(DG)(DG)(DC)(DC)(DC)
(DC)(DG)(DG)(DA)(DA)(DT)(DA)(DC)(DG)(DG)(DC)(DT)(DC)(DT)(DT)(DT)(DT)(DC)(DC)(DG)
;
G
4 'polydeoxyribonucleotide'
;(DC)(DT)(DG)(DT)(DG)(DC)(DC)(DG)(DT)(DC)(DC)(DG)(DT)(DA)(DA)(DC)(DG)(DT)(DT)(DG)
(DT)(DC)(DG)(DA)(DT)(DT)(DT)(DT)(DT)(DG)(DT)(DA)(DT)(DT)(DC)(DC)(DG)(DG)(DG)(DG)
(DC)(DC)(DA)(DT)(DG)(DA)(DT)(DG)(DC)(DC)(DC)(DC)(DG)(DG)(DC)(DC)(DT)(DC)(DA)(DT)
(DT)(DG)(DA)(DA)(DG)(DC)(DG)(DG)(DC)(DT)(DT)(DC)
;
H
5 'polydeoxyribonucleotide' (DC)(DG)(DG)(DA)(DA)(DA)(DA)(DG)(DA)(DG)(DC)(DC) I
6 'polydeoxyribonucleotide' (DG)(DA)(DA)(DG)(DC)(DC) J
#
# COMPACT_ATOMS: atom_id res chain seq x y z
N PRO A 211 -24.04 -9.52 -36.70
CA PRO A 211 -25.02 -10.06 -35.76
C PRO A 211 -24.38 -10.40 -34.41
N ARG A 212 -25.16 -10.31 -33.32
CA ARG A 212 -24.71 -10.61 -31.94
C ARG A 212 -23.50 -9.72 -31.57
N PRO A 213 -23.70 -8.41 -31.30
CA PRO A 213 -22.61 -7.51 -30.94
C PRO A 213 -21.79 -8.08 -29.77
N ILE A 214 -20.45 -8.12 -29.91
CA ILE A 214 -19.61 -8.68 -28.86
C ILE A 214 -18.91 -7.57 -28.08
N ILE A 215 -18.71 -6.42 -28.70
CA ILE A 215 -18.02 -5.30 -28.05
C ILE A 215 -19.07 -4.32 -27.56
N PRO A 216 -19.26 -4.16 -26.26
CA PRO A 216 -19.71 -2.89 -25.72
C PRO A 216 -18.49 -2.04 -25.43
N ALA A 217 -18.73 -0.79 -25.07
CA ALA A 217 -17.65 0.12 -24.71
C ALA A 217 -17.57 0.20 -23.20
N ASP A 218 -16.40 -0.14 -22.65
CA ASP A 218 -16.24 -0.14 -21.20
C ASP A 218 -16.45 1.24 -20.62
N GLY A 219 -15.76 2.23 -21.16
CA GLY A 219 -15.96 3.60 -20.72
C GLY A 219 -15.08 3.95 -19.55
N ARG A 220 -14.19 4.92 -19.71
CA ARG A 220 -13.32 5.32 -18.63
C ARG A 220 -13.99 6.29 -17.67
N GLY A 221 -14.50 7.40 -18.18
CA GLY A 221 -15.06 8.44 -17.35
C GLY A 221 -16.57 8.36 -17.25
N LEU A 222 -17.13 9.40 -16.64
CA LEU A 222 -18.56 9.57 -16.48
C LEU A 222 -18.87 11.06 -16.52
N PRO A 223 -20.06 11.43 -17.01
CA PRO A 223 -20.29 12.81 -17.43
C PRO A 223 -20.11 13.82 -16.31
N LEU A 224 -19.69 15.02 -16.70
CA LEU A 224 -19.71 16.19 -15.84
C LEU A 224 -20.86 17.08 -16.26
N TYR A 225 -21.67 17.50 -15.29
CA TYR A 225 -22.77 18.42 -15.55
C TYR A 225 -22.52 19.72 -14.81
N VAL A 226 -22.95 20.81 -15.40
CA VAL A 226 -22.82 22.14 -14.79
C VAL A 226 -24.19 22.79 -14.90
N GLN A 227 -24.98 22.66 -13.83
CA GLN A 227 -26.30 23.25 -13.72
C GLN A 227 -26.27 24.65 -13.12
N SER A 228 -25.20 25.02 -12.42
CA SER A 228 -25.08 26.35 -11.86
C SER A 228 -24.98 27.37 -12.99
N PRO A 229 -25.85 28.37 -13.06
CA PRO A 229 -25.76 29.34 -14.14
C PRO A 229 -24.82 30.48 -13.84
N LYS A 230 -24.00 30.32 -12.80
CA LYS A 230 -22.93 31.27 -12.50
C LYS A 230 -21.62 30.53 -12.30
N ALA A 231 -21.44 29.45 -13.04
CA ALA A 231 -20.20 28.70 -12.97
C ALA A 231 -19.14 29.38 -13.82
N TYR A 232 -17.96 28.76 -13.86
CA TYR A 232 -16.85 29.21 -14.68
C TYR A 232 -15.83 28.09 -14.67
N VAL A 233 -15.40 27.64 -15.84
CA VAL A 233 -14.65 26.40 -15.96
C VAL A 233 -13.29 26.71 -16.54
N ARG A 234 -12.24 26.45 -15.77
CA ARG A 234 -10.87 26.68 -16.19
C ARG A 234 -10.15 25.35 -16.28
N LYS A 235 -9.38 25.16 -17.32
CA LYS A 235 -8.43 24.05 -17.31
C LYS A 235 -7.31 24.38 -16.34
N ASP A 236 -6.99 23.43 -15.47
CA ASP A 236 -5.84 23.55 -14.58
C ASP A 236 -5.05 22.25 -14.66
N GLY A 237 -3.88 22.32 -15.29
CA GLY A 237 -3.09 21.12 -15.52
C GLY A 237 -3.89 20.07 -16.25
N ASP A 238 -4.24 19.00 -15.55
CA ASP A 238 -5.05 17.92 -16.11
C ASP A 238 -6.45 17.86 -15.53
N CYS A 239 -6.64 18.25 -14.27
CA CYS A 239 -7.98 18.42 -13.75
C CYS A 239 -8.70 19.51 -14.53
N LEU A 240 -10.01 19.59 -14.35
CA LEU A 240 -10.81 20.65 -14.96
C LEU A 240 -11.54 21.36 -13.84
N VAL A 241 -10.85 22.33 -13.23
CA VAL A 241 -11.43 23.08 -12.13
C VAL A 241 -12.55 23.96 -12.63
N ILE A 242 -13.66 23.99 -11.88
CA ILE A 242 -14.69 25.01 -12.08
C ILE A 242 -14.55 26.02 -10.96
N GLU A 243 -14.65 27.28 -11.30
CA GLU A 243 -14.46 28.36 -10.34
C GLU A 243 -15.73 29.19 -10.30
N GLU A 244 -16.16 29.56 -9.11
CA GLU A 244 -17.45 30.22 -8.91
C GLU A 244 -17.22 31.53 -8.17
N GLU A 245 -17.44 32.65 -8.86
CA GLU A 245 -17.22 33.97 -8.31
C GLU A 245 -15.84 34.04 -7.64
N ARG A 246 -14.84 33.55 -8.37
CA ARG A 246 -13.46 33.44 -7.91
C ARG A 246 -13.28 32.46 -6.76
N VAL A 247 -14.31 31.65 -6.45
CA VAL A 247 -14.23 30.65 -5.40
C VAL A 247 -14.53 29.30 -6.01
N ARG A 248 -13.60 28.36 -5.87
CA ARG A 248 -13.76 27.07 -6.49
C ARG A 248 -14.95 26.33 -5.90
N VAL A 249 -15.43 25.33 -6.65
CA VAL A 249 -16.40 24.39 -6.12
C VAL A 249 -15.90 22.98 -6.32
N ALA A 250 -15.59 22.62 -7.57
CA ALA A 250 -15.25 21.23 -7.88
C ALA A 250 -14.22 21.19 -9.00
N GLU A 251 -13.84 19.96 -9.35
CA GLU A 251 -12.81 19.70 -10.33
C GLU A 251 -12.96 18.26 -10.81
N ALA A 252 -12.79 18.06 -12.12
CA ALA A 252 -12.93 16.75 -12.73
C ALA A 252 -11.59 16.31 -13.30
N ARG A 253 -11.15 15.12 -12.92
CA ARG A 253 -9.98 14.54 -13.56
C ARG A 253 -10.33 14.19 -14.99
N LEU A 254 -9.61 14.76 -15.95
CA LEU A 254 -10.03 14.61 -17.33
C LEU A 254 -9.95 13.18 -17.84
N GLY A 255 -9.27 12.29 -17.12
CA GLY A 255 -9.48 10.88 -17.36
C GLY A 255 -10.86 10.42 -16.98
N GLU A 256 -11.41 10.99 -15.92
CA GLU A 256 -12.72 10.60 -15.39
C GLU A 256 -13.88 11.33 -16.06
N THR A 257 -13.61 12.28 -16.94
CA THR A 257 -14.67 12.98 -17.65
C THR A 257 -14.99 12.22 -18.93
N SER A 258 -16.27 11.91 -19.13
CA SER A 258 -16.70 11.27 -20.35
C SER A 258 -17.53 12.18 -21.24
N GLN A 259 -18.20 13.18 -20.66
CA GLN A 259 -18.91 14.20 -21.41
C GLN A 259 -18.81 15.48 -20.61
N VAL A 260 -19.30 16.56 -21.21
CA VAL A 260 -19.49 17.80 -20.48
C VAL A 260 -20.83 18.36 -20.90
N ALA A 261 -21.59 18.84 -19.92
CA ALA A 261 -22.86 19.48 -20.21
C ALA A 261 -22.92 20.78 -19.41
N LEU A 262 -23.35 21.85 -20.04
CA LEU A 262 -23.49 23.15 -19.38
C LEU A 262 -24.97 23.49 -19.31
N PHE A 263 -25.60 23.17 -18.19
CA PHE A 263 -27.04 23.37 -18.04
C PHE A 263 -27.33 24.85 -17.79
N GLY A 264 -27.18 25.62 -18.85
CA GLY A 264 -27.54 27.02 -18.85
C GLY A 264 -26.36 27.91 -19.12
N ASN A 265 -26.53 29.19 -18.80
CA ASN A 265 -25.52 30.20 -19.07
C ASN A 265 -24.38 30.03 -18.06
N ALA A 266 -23.64 28.95 -18.17
CA ALA A 266 -22.47 28.70 -17.34
C ALA A 266 -21.23 28.87 -18.21
N THR A 267 -20.46 29.90 -17.92
CA THR A 267 -19.34 30.26 -18.79
C THR A 267 -18.33 29.12 -18.88
N LEU A 268 -17.62 29.10 -19.99
CA LEU A 268 -16.55 28.16 -20.23
C LEU A 268 -15.38 28.93 -20.81
N THR A 269 -14.18 28.38 -20.66
CA THR A 269 -12.98 29.03 -21.15
C THR A 269 -12.35 28.17 -22.23
N THR A 270 -12.04 28.80 -23.36
CA THR A 270 -11.70 28.07 -24.58
C THR A 270 -10.47 27.18 -24.41
N ALA A 271 -9.62 27.47 -23.42
CA ALA A 271 -8.55 26.52 -23.12
C ALA A 271 -9.13 25.15 -22.80
N ALA A 272 -10.25 25.13 -22.08
CA ALA A 272 -10.89 23.86 -21.78
C ALA A 272 -11.41 23.18 -23.04
N LEU A 273 -12.01 23.95 -23.96
CA LEU A 273 -12.47 23.34 -25.21
C LEU A 273 -11.30 22.73 -25.97
N HIS A 274 -10.21 23.47 -26.08
CA HIS A 274 -9.07 22.97 -26.83
C HIS A 274 -8.50 21.70 -26.21
N GLU A 275 -8.43 21.66 -24.88
CA GLU A 275 -7.95 20.44 -24.25
C GLU A 275 -8.95 19.31 -24.39
N CYS A 276 -10.24 19.63 -24.33
CA CYS A 276 -11.28 18.61 -24.31
C CYS A 276 -11.44 17.95 -25.67
N LEU A 277 -11.48 18.76 -26.73
CA LEU A 277 -11.43 18.22 -28.08
C LEU A 277 -10.09 17.58 -28.35
N ARG A 278 -9.01 18.14 -27.79
CA ARG A 278 -7.72 17.49 -27.86
C ARG A 278 -7.73 16.15 -27.14
N ARG A 279 -8.75 15.91 -26.34
CA ARG A 279 -9.07 14.58 -25.83
C ARG A 279 -10.36 14.04 -26.43
N GLU A 280 -11.11 14.86 -27.15
CA GLU A 280 -12.36 14.48 -27.81
C GLU A 280 -13.37 13.93 -26.80
N ILE A 281 -13.81 14.84 -25.94
CA ILE A 281 -14.89 14.57 -24.99
C ILE A 281 -16.00 15.56 -25.31
N PRO A 282 -17.19 15.11 -25.67
CA PRO A 282 -18.17 16.02 -26.29
C PRO A 282 -18.76 17.05 -25.34
N VAL A 283 -18.35 18.31 -25.48
CA VAL A 283 -19.09 19.38 -24.82
C VAL A 283 -20.49 19.40 -25.40
N THR A 284 -21.49 19.67 -24.55
CA THR A 284 -22.89 19.71 -24.98
C THR A 284 -23.54 20.90 -24.29
N TRP A 285 -23.56 22.04 -24.97
CA TRP A 285 -24.22 23.21 -24.44
C TRP A 285 -25.71 22.94 -24.31
N LEU A 286 -26.32 23.48 -23.25
CA LEU A 286 -27.69 23.16 -22.91
C LEU A 286 -28.35 24.37 -22.27
N SER A 287 -29.53 24.74 -22.78
CA SER A 287 -30.30 25.79 -22.14
C SER A 287 -30.73 25.35 -20.74
N TYR A 288 -31.32 26.29 -19.99
CA TYR A 288 -31.65 26.05 -18.59
C TYR A 288 -32.43 24.76 -18.39
N GLY A 289 -33.49 24.57 -19.16
CA GLY A 289 -34.31 23.39 -18.99
C GLY A 289 -33.74 22.16 -19.68
N GLY A 290 -32.43 22.13 -19.84
CA GLY A 290 -31.79 21.03 -20.53
C GLY A 290 -32.27 20.90 -21.95
N TRP A 291 -32.83 21.97 -22.50
CA TRP A 291 -33.36 21.97 -23.85
C TRP A 291 -32.18 21.94 -24.80
N PHE A 292 -31.80 20.73 -25.22
CA PHE A 292 -30.55 20.49 -25.93
C PHE A 292 -30.37 21.48 -27.07
N MET A 293 -29.37 22.34 -26.96
CA MET A 293 -29.20 23.43 -27.91
C MET A 293 -27.92 23.29 -28.73
N GLY A 294 -26.80 22.99 -28.10
CA GLY A 294 -25.53 22.94 -28.78
C GLY A 294 -24.83 21.62 -28.54
N HIS A 295 -23.77 21.41 -29.32
CA HIS A 295 -23.03 20.16 -29.35
C HIS A 295 -21.77 20.40 -30.17
N THR A 296 -20.68 19.77 -29.76
CA THR A 296 -19.41 19.95 -30.45
C THR A 296 -19.04 18.67 -31.20
N VAL A 297 -18.55 18.84 -32.43
CA VAL A 297 -18.20 17.72 -33.28
C VAL A 297 -16.90 18.06 -34.00
N SER A 298 -16.01 17.07 -34.10
CA SER A 298 -14.68 17.27 -34.66
C SER A 298 -14.65 16.68 -36.08
N THR A 299 -15.08 17.48 -37.04
CA THR A 299 -15.09 17.12 -38.47
C THR A 299 -15.55 15.69 -38.71
N GLY A 300 -16.68 15.34 -38.11
CA GLY A 300 -17.31 14.07 -38.42
C GLY A 300 -16.59 12.87 -37.84
N HIS A 301 -17.34 11.81 -37.56
CA HIS A 301 -16.72 10.55 -37.19
C HIS A 301 -15.93 10.03 -38.38
N ARG A 302 -14.75 9.48 -38.10
CA ARG A 302 -13.82 9.16 -39.17
C ARG A 302 -14.18 7.88 -39.92
N ASN A 303 -15.40 7.38 -39.74
CA ASN A 303 -15.93 6.33 -40.60
C ASN A 303 -17.07 6.91 -41.44
N VAL A 304 -17.29 6.28 -42.59
CA VAL A 304 -18.33 6.75 -43.50
C VAL A 304 -19.36 5.65 -43.70
N GLU A 305 -18.92 4.39 -43.60
CA GLU A 305 -19.81 3.28 -43.90
C GLU A 305 -21.04 3.30 -43.00
N THR A 306 -20.85 3.67 -41.74
CA THR A 306 -21.95 3.62 -40.78
C THR A 306 -23.00 4.66 -41.12
N ARG A 307 -22.61 5.93 -41.16
CA ARG A 307 -23.62 6.94 -41.43
C ARG A 307 -24.06 6.96 -42.88
N THR A 308 -23.27 6.43 -43.82
CA THR A 308 -23.84 6.28 -45.16
C THR A 308 -24.90 5.21 -45.16
N TYR A 309 -24.71 4.13 -44.39
CA TYR A 309 -25.81 3.19 -44.20
C TYR A 309 -27.02 3.91 -43.65
N GLN A 310 -26.78 4.77 -42.65
CA GLN A 310 -27.87 5.55 -42.00
C GLN A 310 -28.63 6.36 -43.05
N TYR A 311 -27.95 7.31 -43.69
CA TYR A 311 -28.58 8.20 -44.72
C TYR A 311 -29.26 7.37 -45.80
N GLN A 312 -28.60 6.29 -46.25
CA GLN A 312 -29.15 5.43 -47.33
C GLN A 312 -30.49 4.84 -46.91
N ARG A 313 -30.53 4.15 -45.76
CA ARG A 313 -31.76 3.52 -45.29
C ARG A 313 -32.82 4.56 -44.96
N SER A 314 -32.40 5.70 -44.40
CA SER A 314 -33.34 6.79 -44.13
C SER A 314 -34.10 7.18 -45.37
N PHE A 315 -33.39 7.35 -46.49
CA PHE A 315 -34.06 7.69 -47.74
C PHE A 315 -34.96 6.57 -48.21
N ASP A 316 -34.71 5.35 -47.80
CA ASP A 316 -35.68 4.28 -47.99
C ASP A 316 -36.85 4.54 -47.05
N PRO A 317 -38.06 4.63 -47.55
CA PRO A 317 -39.19 4.93 -46.65
C PRO A 317 -39.63 3.74 -45.83
N GLU A 318 -39.51 2.54 -46.41
CA GLU A 318 -39.90 1.28 -45.74
C GLU A 318 -39.14 1.12 -44.41
N THR A 319 -37.82 1.28 -44.45
CA THR A 319 -36.96 1.15 -43.24
C THR A 319 -37.53 2.01 -42.10
N CYS A 320 -37.81 3.28 -42.37
CA CYS A 320 -38.36 4.21 -41.36
C CYS A 320 -39.59 3.59 -40.68
N LEU A 321 -40.56 3.14 -41.49
CA LEU A 321 -41.81 2.51 -40.96
C LEU A 321 -41.46 1.29 -40.11
N ASN A 322 -40.67 0.36 -40.68
CA ASN A 322 -40.26 -0.88 -39.97
C ASN A 322 -39.65 -0.53 -38.60
N LEU A 323 -38.93 0.60 -38.53
CA LEU A 323 -38.30 1.01 -37.30
C LEU A 323 -39.20 1.86 -36.42
N ALA A 324 -40.07 2.65 -37.06
CA ALA A 324 -41.05 3.50 -36.33
C ALA A 324 -42.01 2.56 -35.58
N ARG A 325 -42.34 1.43 -36.19
CA ARG A 325 -43.25 0.42 -35.56
C ARG A 325 -42.51 -0.18 -34.36
N ARG A 326 -41.44 -0.95 -34.61
CA ARG A 326 -40.63 -1.53 -33.50
C ARG A 326 -40.09 -0.38 -32.65
N TRP A 327 -40.12 0.84 -33.22
CA TRP A 327 -39.65 2.06 -32.49
C TRP A 327 -40.74 2.62 -31.58
N ILE A 328 -42.01 2.28 -31.86
CA ILE A 328 -43.15 2.80 -31.04
C ILE A 328 -43.76 1.66 -30.22
N VAL A 329 -43.64 0.42 -30.70
CA VAL A 329 -44.20 -0.77 -29.99
C VAL A 329 -43.33 -1.07 -28.78
N ALA A 330 -42.03 -0.71 -28.86
CA ALA A 330 -41.09 -0.95 -27.78
C ALA A 330 -41.21 0.09 -26.69
N LYS A 331 -41.93 1.18 -26.94
CA LYS A 331 -42.21 2.15 -25.90
C LYS A 331 -43.50 1.85 -25.16
N ILE A 332 -44.53 1.39 -25.87
CA ILE A 332 -45.78 1.05 -25.20
C ILE A 332 -45.60 -0.19 -24.32
N ALA A 333 -44.88 -1.18 -24.82
CA ALA A 333 -44.70 -2.44 -24.12
C ALA A 333 -43.70 -2.33 -23.01
N ASN A 334 -43.27 -1.14 -22.67
CA ASN A 334 -42.64 -0.92 -21.38
C ASN A 334 -43.28 0.21 -20.60
N CYS A 335 -44.05 1.09 -21.23
CA CYS A 335 -44.99 1.91 -20.48
C CYS A 335 -45.92 1.05 -19.65
N ARG A 336 -46.46 -0.01 -20.25
CA ARG A 336 -47.43 -0.79 -19.50
C ARG A 336 -46.77 -1.64 -18.42
N THR A 337 -45.54 -2.11 -18.64
CA THR A 337 -44.91 -2.84 -17.55
C THR A 337 -44.48 -1.87 -16.46
N LEU A 338 -44.16 -0.62 -16.80
CA LEU A 338 -43.93 0.36 -15.75
C LEU A 338 -45.19 0.56 -14.92
N LEU A 339 -46.35 0.64 -15.58
CA LEU A 339 -47.61 0.58 -14.86
C LEU A 339 -47.62 -0.59 -13.89
N ARG A 340 -47.59 -1.79 -14.47
CA ARG A 340 -47.63 -3.08 -13.72
C ARG A 340 -46.36 -3.22 -12.86
N ARG A 341 -45.77 -2.09 -12.47
CA ARG A 341 -44.56 -2.09 -11.63
C ARG A 341 -44.61 -0.89 -10.68
N ASN A 342 -45.15 0.24 -11.14
CA ASN A 342 -45.20 1.45 -10.33
C ASN A 342 -46.63 1.92 -10.07
N TRP A 343 -47.63 1.04 -10.24
CA TRP A 343 -49.02 1.43 -10.02
C TRP A 343 -49.30 1.34 -8.52
N ARG A 344 -49.31 2.50 -7.87
CA ARG A 344 -49.38 2.56 -6.40
C ARG A 344 -50.83 2.43 -5.97
N GLY A 345 -51.28 1.18 -5.84
CA GLY A 345 -52.60 0.87 -5.34
C GLY A 345 -52.62 0.79 -3.82
N GLU A 346 -53.75 1.16 -3.26
CA GLU A 346 -53.96 1.18 -1.81
C GLU A 346 -55.08 0.25 -1.35
N GLY A 347 -56.22 0.26 -2.04
CA GLY A 347 -57.33 -0.61 -1.74
C GLY A 347 -58.22 -0.72 -2.96
N ASP A 348 -58.53 -1.96 -3.37
CA ASP A 348 -59.14 -2.23 -4.67
C ASP A 348 -58.33 -1.64 -5.80
N GLU A 349 -57.03 -1.42 -5.57
CA GLU A 349 -56.15 -0.80 -6.55
C GLU A 349 -54.77 -1.43 -6.60
N ALA A 350 -54.51 -2.49 -5.83
CA ALA A 350 -53.15 -2.97 -5.65
C ALA A 350 -52.48 -3.35 -6.96
N LYS A 351 -53.26 -3.63 -8.01
CA LYS A 351 -52.73 -3.80 -9.36
C LYS A 351 -53.53 -2.93 -10.31
N ALA A 352 -52.87 -2.52 -11.38
CA ALA A 352 -53.51 -1.65 -12.36
C ALA A 352 -54.67 -2.39 -13.02
N PRO A 353 -55.69 -1.66 -13.48
CA PRO A 353 -56.88 -2.31 -14.05
C PRO A 353 -56.53 -3.04 -15.34
N PRO A 354 -56.83 -4.33 -15.43
CA PRO A 354 -56.64 -5.03 -16.70
C PRO A 354 -57.45 -4.46 -17.84
N GLY A 355 -58.55 -3.77 -17.53
CA GLY A 355 -59.26 -3.01 -18.55
C GLY A 355 -58.45 -1.88 -19.15
N LEU A 356 -57.34 -1.50 -18.51
CA LEU A 356 -56.38 -0.56 -19.08
C LEU A 356 -55.20 -1.31 -19.69
N LEU A 357 -54.57 -2.17 -18.90
CA LEU A 357 -53.43 -2.94 -19.38
C LEU A 357 -53.77 -3.75 -20.62
N MET A 358 -55.05 -3.90 -20.93
CA MET A 358 -55.41 -4.36 -22.26
C MET A 358 -55.38 -3.23 -23.27
N SER A 359 -55.95 -2.09 -22.92
CA SER A 359 -56.09 -1.02 -23.90
C SER A 359 -54.72 -0.50 -24.34
N LEU A 360 -53.73 -0.54 -23.46
CA LEU A 360 -52.36 -0.28 -23.91
C LEU A 360 -51.87 -1.38 -24.85
N GLN A 361 -52.20 -2.64 -24.53
CA GLN A 361 -51.89 -3.70 -25.47
C GLN A 361 -52.69 -3.55 -26.75
N ASP A 362 -53.94 -3.09 -26.60
CA ASP A 362 -54.83 -2.86 -27.77
C ASP A 362 -54.19 -1.78 -28.65
N ASP A 363 -53.48 -0.85 -28.01
CA ASP A 363 -52.77 0.24 -28.74
C ASP A 363 -51.52 -0.36 -29.39
N MET A 364 -50.92 -1.37 -28.73
CA MET A 364 -49.71 -2.04 -29.28
C MET A 364 -50.09 -2.72 -30.61
N ARG A 365 -51.24 -3.41 -30.65
CA ARG A 365 -51.63 -4.01 -31.91
C ARG A 365 -52.10 -2.98 -32.93
N HIS A 366 -52.50 -1.79 -32.48
CA HIS A 366 -52.77 -0.73 -33.44
C HIS A 366 -51.49 -0.22 -34.07
N ALA A 367 -50.36 -0.36 -33.37
CA ALA A 367 -49.11 0.22 -33.83
C ALA A 367 -48.27 -0.75 -34.65
N MET A 368 -48.33 -2.05 -34.33
CA MET A 368 -47.62 -3.01 -35.14
C MET A 368 -48.24 -3.18 -36.53
N ARG A 369 -49.27 -2.41 -36.83
CA ARG A 369 -49.93 -2.45 -38.13
C ARG A 369 -50.16 -1.04 -38.66
N ALA A 370 -49.17 -0.18 -38.49
CA ALA A 370 -49.33 1.23 -38.87
C ALA A 370 -49.32 1.38 -40.38
N PRO A 371 -50.37 1.93 -40.99
CA PRO A 371 -50.36 2.11 -42.45
C PRO A 371 -49.30 3.06 -42.95
N SER A 372 -48.82 3.98 -42.12
CA SER A 372 -47.97 5.05 -42.60
C SER A 372 -47.01 5.46 -41.50
N LEU A 373 -46.40 6.64 -41.65
CA LEU A 373 -45.55 7.23 -40.64
C LEU A 373 -46.11 8.53 -40.10
N GLU A 374 -47.39 8.78 -40.29
CA GLU A 374 -48.07 9.81 -39.52
C GLU A 374 -49.18 9.21 -38.67
N VAL A 375 -49.82 8.16 -39.18
CA VAL A 375 -50.75 7.39 -38.37
C VAL A 375 -50.04 6.83 -37.14
N LEU A 376 -48.79 6.40 -37.32
CA LEU A 376 -48.05 5.87 -36.18
C LEU A 376 -47.76 6.96 -35.15
N LEU A 377 -47.43 8.16 -35.61
CA LEU A 377 -47.26 9.27 -34.66
C LEU A 377 -48.57 9.59 -33.96
N GLY A 378 -49.69 9.51 -34.68
CA GLY A 378 -50.98 9.70 -34.05
C GLY A 378 -51.24 8.68 -32.96
N ILE A 379 -50.87 7.42 -33.21
CA ILE A 379 -51.00 6.40 -32.18
C ILE A 379 -50.08 6.68 -31.00
N GLU A 380 -48.84 7.12 -31.26
CA GLU A 380 -47.97 7.53 -30.16
C GLU A 380 -48.65 8.57 -29.29
N GLY A 381 -49.20 9.61 -29.93
CA GLY A 381 -49.89 10.65 -29.17
C GLY A 381 -51.12 10.12 -28.45
N ALA A 382 -51.79 9.13 -29.03
CA ALA A 382 -52.97 8.57 -28.40
C ALA A 382 -52.61 7.77 -27.16
N SER A 383 -51.47 7.10 -27.17
CA SER A 383 -51.02 6.36 -25.99
C SER A 383 -50.01 7.14 -25.17
N ALA A 384 -49.84 8.42 -25.47
CA ALA A 384 -49.17 9.34 -24.56
C ALA A 384 -50.16 10.25 -23.86
N GLY A 385 -51.46 10.12 -24.15
CA GLY A 385 -52.50 10.80 -23.42
C GLY A 385 -53.16 9.89 -22.41
N ARG A 386 -53.50 8.67 -22.86
CA ARG A 386 -54.07 7.68 -21.94
C ARG A 386 -53.08 7.34 -20.84
N TYR A 387 -51.84 7.04 -21.24
CA TYR A 387 -50.83 6.66 -20.27
C TYR A 387 -50.62 7.76 -19.25
N PHE A 388 -50.59 9.01 -19.69
CA PHE A 388 -50.33 10.09 -18.76
C PHE A 388 -51.55 10.43 -17.92
N GLN A 389 -52.76 10.25 -18.47
CA GLN A 389 -53.94 10.23 -17.62
C GLN A 389 -53.78 9.27 -16.46
N HIS A 390 -53.25 8.08 -16.74
CA HIS A 390 -53.03 7.12 -15.67
C HIS A 390 -51.68 7.26 -15.00
N PHE A 391 -50.90 8.27 -15.35
CA PHE A 391 -49.59 8.43 -14.75
C PHE A 391 -49.70 8.85 -13.28
N SER A 392 -50.58 9.80 -12.99
CA SER A 392 -50.70 10.39 -11.65
C SER A 392 -50.82 9.36 -10.55
N ARG A 393 -51.13 8.12 -10.91
CA ARG A 393 -51.19 7.03 -9.93
C ARG A 393 -49.81 6.56 -9.50
N MET A 394 -48.76 6.96 -10.20
CA MET A 394 -47.46 6.33 -10.03
C MET A 394 -46.70 6.85 -8.82
N LEU A 395 -47.04 8.04 -8.33
CA LEU A 395 -46.16 8.81 -7.47
C LEU A 395 -46.78 9.02 -6.09
N ARG A 396 -46.00 8.70 -5.04
CA ARG A 396 -46.40 8.88 -3.64
C ARG A 396 -47.79 8.32 -3.38
N GLY A 397 -48.09 7.17 -3.97
CA GLY A 397 -49.40 6.57 -3.82
C GLY A 397 -50.53 7.45 -4.30
N GLY A 398 -50.26 8.31 -5.27
CA GLY A 398 -51.19 9.36 -5.67
C GLY A 398 -50.53 10.68 -5.37
N ASP A 399 -50.77 11.66 -6.25
CA ASP A 399 -50.09 12.94 -6.14
C ASP A 399 -50.36 13.58 -4.77
N GLY A 400 -49.30 13.99 -4.10
CA GLY A 400 -49.41 14.53 -2.76
C GLY A 400 -49.50 16.04 -2.73
N GLU A 401 -48.46 16.67 -2.20
CA GLU A 401 -48.44 18.11 -2.01
C GLU A 401 -48.18 18.80 -3.34
N GLY A 402 -49.24 19.07 -4.08
CA GLY A 402 -49.11 19.79 -5.34
C GLY A 402 -48.26 19.11 -6.39
N MET A 403 -48.12 17.79 -6.32
CA MET A 403 -47.51 17.04 -7.42
C MET A 403 -48.50 16.94 -8.56
N GLY A 404 -48.94 18.07 -9.09
CA GLY A 404 -50.03 18.05 -10.03
C GLY A 404 -49.56 17.68 -11.43
N PHE A 405 -49.79 16.43 -11.81
CA PHE A 405 -49.49 16.00 -13.17
C PHE A 405 -50.64 16.37 -14.09
N ASP A 406 -50.75 17.67 -14.35
CA ASP A 406 -51.77 18.12 -15.28
C ASP A 406 -51.33 17.69 -16.67
N PHE A 407 -51.64 16.44 -17.03
CA PHE A 407 -51.17 15.86 -18.27
C PHE A 407 -51.76 16.52 -19.50
N THR A 408 -52.77 17.38 -19.33
CA THR A 408 -53.16 18.25 -20.43
C THR A 408 -52.01 19.15 -20.85
N THR A 409 -51.29 19.71 -19.87
CA THR A 409 -50.12 20.54 -20.13
C THR A 409 -48.95 19.75 -20.69
N ARG A 410 -49.10 18.46 -20.93
CA ARG A 410 -48.07 17.70 -21.63
C ARG A 410 -47.79 18.35 -22.98
N ASN A 411 -46.52 18.33 -23.38
CA ASN A 411 -46.04 18.86 -24.65
C ASN A 411 -46.00 20.38 -24.68
N ARG A 412 -46.44 21.06 -23.62
CA ARG A 412 -46.42 22.51 -23.59
C ARG A 412 -44.99 22.98 -23.34
N ARG A 413 -44.60 24.03 -24.06
CA ARG A 413 -43.19 24.40 -24.14
C ARG A 413 -42.63 24.78 -22.77
N PRO A 414 -43.10 25.83 -22.10
CA PRO A 414 -42.69 26.02 -20.70
C PRO A 414 -43.67 25.32 -19.77
N PRO A 415 -43.19 24.42 -18.92
CA PRO A 415 -44.11 23.58 -18.15
C PRO A 415 -44.97 24.41 -17.21
N LYS A 416 -46.22 23.97 -17.06
CA LYS A 416 -47.18 24.64 -16.20
C LYS A 416 -47.25 24.03 -14.81
N ASP A 417 -46.66 22.88 -14.60
CA ASP A 417 -46.91 22.07 -13.43
C ASP A 417 -45.59 21.50 -12.92
N PRO A 418 -45.55 21.05 -11.68
CA PRO A 418 -44.28 20.61 -11.11
C PRO A 418 -43.65 19.42 -11.81
N VAL A 419 -44.38 18.32 -11.90
CA VAL A 419 -43.81 17.11 -12.49
C VAL A 419 -43.57 17.29 -13.98
N ASN A 420 -44.47 17.99 -14.67
CA ASN A 420 -44.21 18.33 -16.07
C ASN A 420 -42.92 19.12 -16.21
N ALA A 421 -42.62 19.98 -15.24
CA ALA A 421 -41.34 20.66 -15.20
C ALA A 421 -40.20 19.76 -14.76
N LEU A 422 -40.52 18.54 -14.34
CA LEU A 422 -39.51 17.51 -14.14
C LEU A 422 -39.49 16.49 -15.27
N LEU A 423 -40.65 16.18 -15.84
CA LEU A 423 -40.67 15.38 -17.06
C LEU A 423 -39.86 16.05 -18.15
N SER A 424 -40.27 17.24 -18.57
CA SER A 424 -39.67 17.90 -19.70
C SER A 424 -38.20 18.23 -19.44
N PHE A 425 -37.68 17.78 -18.30
CA PHE A 425 -36.27 17.84 -18.00
C PHE A 425 -35.61 16.48 -18.09
N ALA A 426 -36.24 15.45 -17.51
CA ALA A 426 -35.69 14.11 -17.63
C ALA A 426 -35.71 13.64 -19.09
N TYR A 427 -36.79 13.92 -19.81
CA TYR A 427 -36.81 13.69 -21.25
C TYR A 427 -35.71 14.48 -21.94
N ALA A 428 -35.61 15.77 -21.62
CA ALA A 428 -34.72 16.67 -22.33
C ALA A 428 -33.27 16.47 -21.95
N MET A 429 -32.96 15.59 -21.02
CA MET A 429 -31.58 15.21 -20.82
C MET A 429 -31.29 13.75 -21.18
N LEU A 430 -32.29 12.87 -21.15
CA LEU A 430 -32.15 11.60 -21.87
C LEU A 430 -31.84 11.87 -23.33
N THR A 431 -32.45 12.90 -23.91
CA THR A 431 -32.16 13.28 -25.29
C THR A 431 -30.67 13.48 -25.48
N ARG A 432 -30.04 14.30 -24.64
CA ARG A 432 -28.61 14.51 -24.74
C ARG A 432 -27.85 13.20 -24.57
N GLU A 433 -28.26 12.38 -23.62
CA GLU A 433 -27.52 11.15 -23.38
C GLU A 433 -27.54 10.24 -24.60
N TRP A 434 -28.71 10.10 -25.23
CA TRP A 434 -28.77 9.31 -26.46
C TRP A 434 -27.95 9.94 -27.56
N THR A 435 -27.95 11.27 -27.66
CA THR A 435 -27.20 11.92 -28.72
C THR A 435 -25.71 11.66 -28.57
N VAL A 436 -25.20 11.70 -27.35
CA VAL A 436 -23.80 11.33 -27.14
C VAL A 436 -23.57 9.86 -27.48
N ALA A 437 -24.45 8.99 -27.01
CA ALA A 437 -24.26 7.57 -27.32
C ALA A 437 -24.50 7.24 -28.79
N LEU A 438 -25.15 8.12 -29.54
CA LEU A 438 -25.37 7.94 -30.97
C LEU A 438 -24.31 8.66 -31.81
N ALA A 439 -23.36 9.32 -31.18
CA ALA A 439 -22.17 9.81 -31.86
C ALA A 439 -20.94 9.01 -31.48
N ALA A 440 -21.11 7.92 -30.73
CA ALA A 440 -20.02 7.04 -30.38
C ALA A 440 -19.84 5.92 -31.39
N VAL A 441 -20.92 5.22 -31.76
CA VAL A 441 -20.84 4.26 -32.86
C VAL A 441 -20.61 4.95 -34.19
N GLY A 442 -20.63 6.28 -34.21
CA GLY A 442 -20.41 7.01 -35.42
C GLY A 442 -21.65 7.25 -36.26
N LEU A 443 -22.82 6.88 -35.77
CA LEU A 443 -24.03 7.23 -36.49
C LEU A 443 -24.22 8.74 -36.49
N ASP A 444 -25.18 9.19 -37.30
CA ASP A 444 -25.49 10.60 -37.32
C ASP A 444 -26.80 10.81 -36.61
N PRO A 445 -26.81 11.35 -35.40
CA PRO A 445 -28.06 11.45 -34.66
C PRO A 445 -28.87 12.66 -35.06
N TYR A 446 -28.95 12.92 -36.36
CA TYR A 446 -29.79 14.01 -36.84
C TYR A 446 -30.67 13.60 -38.00
N ARG A 447 -30.41 12.45 -38.63
CA ARG A 447 -31.25 11.96 -39.71
C ARG A 447 -32.30 11.05 -39.10
N GLY A 448 -33.48 11.59 -38.84
CA GLY A 448 -34.52 10.85 -38.17
C GLY A 448 -35.39 10.08 -39.16
N PHE A 449 -35.65 8.82 -38.83
CA PHE A 449 -36.48 8.00 -39.69
C PHE A 449 -37.92 8.51 -39.76
N TYR A 450 -38.50 8.92 -38.63
CA TYR A 450 -39.82 9.53 -38.73
C TYR A 450 -39.93 10.83 -37.96
N HIS A 451 -39.18 10.96 -36.86
CA HIS A 451 -39.08 12.26 -36.19
C HIS A 451 -38.26 13.19 -37.05
N GLN A 452 -38.93 14.11 -37.73
CA GLN A 452 -38.24 15.06 -38.56
C GLN A 452 -37.34 15.95 -37.72
N PRO A 453 -36.29 16.50 -38.30
CA PRO A 453 -35.41 17.38 -37.54
C PRO A 453 -36.18 18.57 -36.99
N ARG A 454 -36.10 18.74 -35.67
CA ARG A 454 -36.64 19.89 -34.96
C ARG A 454 -35.49 20.54 -34.22
N PHE A 455 -35.37 21.86 -34.31
CA PHE A 455 -34.25 22.54 -33.67
C PHE A 455 -34.26 22.23 -32.18
N GLY A 456 -33.11 21.79 -31.67
CA GLY A 456 -33.02 21.32 -30.32
C GLY A 456 -33.33 19.86 -30.15
N ARG A 457 -33.82 19.21 -31.20
CA ARG A 457 -34.20 17.80 -31.14
C ARG A 457 -33.39 17.00 -32.15
N PRO A 458 -32.45 16.19 -31.72
CA PRO A 458 -31.71 15.35 -32.67
C PRO A 458 -32.62 14.29 -33.26
N ALA A 459 -32.99 14.47 -34.52
CA ALA A 459 -34.16 13.83 -35.10
C ALA A 459 -34.16 12.31 -34.99
N LEU A 460 -33.03 11.73 -34.62
CA LEU A 460 -32.96 10.30 -34.38
C LEU A 460 -32.72 9.97 -32.92
N ALA A 461 -32.04 10.84 -32.19
CA ALA A 461 -31.98 10.66 -30.74
C ALA A 461 -33.36 10.76 -30.11
N LEU A 462 -34.31 11.44 -30.75
CA LEU A 462 -35.71 11.34 -30.36
C LEU A 462 -36.38 10.10 -30.88
N ASP A 463 -35.63 9.21 -31.53
CA ASP A 463 -36.29 8.07 -32.14
C ASP A 463 -35.70 6.78 -31.62
N MET A 464 -34.48 6.83 -31.14
CA MET A 464 -33.95 5.70 -30.42
C MET A 464 -34.06 5.88 -28.92
N MET A 465 -34.72 6.94 -28.48
CA MET A 465 -35.07 7.05 -27.07
C MET A 465 -36.48 6.61 -26.77
N GLU A 466 -37.35 6.66 -27.77
CA GLU A 466 -38.76 6.37 -27.56
C GLU A 466 -38.89 5.07 -26.78
N PRO A 467 -38.15 4.01 -27.11
CA PRO A 467 -38.17 2.81 -26.26
C PRO A 467 -37.61 3.03 -24.86
N PHE A 468 -36.71 3.98 -24.66
CA PHE A 468 -36.11 4.21 -23.35
C PHE A 468 -36.65 5.44 -22.68
N ARG A 469 -37.69 6.04 -23.26
CA ARG A 469 -38.40 7.11 -22.58
C ARG A 469 -39.05 6.62 -21.29
N PRO A 470 -39.69 5.45 -21.23
CA PRO A 470 -40.20 4.97 -19.94
C PRO A 470 -39.18 4.25 -19.07
N LEU A 471 -38.18 3.59 -19.65
CA LEU A 471 -37.24 2.86 -18.80
C LEU A 471 -36.30 3.77 -18.05
N ILE A 472 -36.03 4.97 -18.56
CA ILE A 472 -34.91 5.75 -18.05
C ILE A 472 -35.37 7.12 -17.56
N ALA A 473 -36.46 7.63 -18.12
CA ALA A 473 -37.01 8.92 -17.72
C ALA A 473 -38.17 8.74 -16.74
N ASP A 474 -39.22 8.04 -17.14
CA ASP A 474 -40.31 7.78 -16.22
C ASP A 474 -39.99 6.68 -15.23
N SER A 475 -38.72 6.28 -15.13
CA SER A 475 -38.24 5.49 -14.01
C SER A 475 -37.20 6.25 -13.20
N THR A 476 -37.05 7.55 -13.44
CA THR A 476 -36.32 8.45 -12.57
C THR A 476 -37.20 9.54 -12.01
N VAL A 477 -38.18 10.01 -12.77
CA VAL A 477 -39.24 10.82 -12.20
C VAL A 477 -39.93 10.07 -11.07
N LEU A 478 -40.16 8.76 -11.27
CA LEU A 478 -40.79 7.92 -10.27
C LEU A 478 -39.80 7.31 -9.30
N MET A 479 -38.63 7.90 -9.16
CA MET A 479 -37.89 7.82 -7.92
C MET A 479 -37.65 9.18 -7.30
N ALA A 480 -37.51 10.23 -8.12
CA ALA A 480 -37.40 11.57 -7.57
C ALA A 480 -38.63 11.92 -6.76
N ILE A 481 -39.82 11.69 -7.32
CA ILE A 481 -41.02 12.02 -6.57
C ILE A 481 -41.27 10.99 -5.46
N ASN A 482 -41.04 9.72 -5.74
CA ASN A 482 -41.25 8.68 -4.75
C ASN A 482 -40.11 8.59 -3.75
N ASN A 483 -39.23 9.58 -3.70
CA ASN A 483 -38.18 9.62 -2.68
C ASN A 483 -38.06 11.01 -2.08
N GLY A 484 -39.13 11.80 -2.12
CA GLY A 484 -39.10 13.13 -1.52
C GLY A 484 -38.13 14.08 -2.16
N GLU A 485 -37.77 13.89 -3.42
CA GLU A 485 -36.91 14.83 -4.11
C GLU A 485 -37.68 15.89 -4.87
N ILE A 486 -39.02 15.86 -4.81
CA ILE A 486 -39.83 16.95 -5.33
C ILE A 486 -40.97 17.23 -4.36
N ARG A 487 -40.79 18.28 -3.54
CA ARG A 487 -41.85 18.82 -2.69
C ARG A 487 -42.16 20.20 -3.24
N THR A 488 -43.42 20.42 -3.63
CA THR A 488 -43.77 21.55 -4.49
C THR A 488 -43.20 22.89 -4.00
N GLY A 489 -42.75 22.95 -2.75
CA GLY A 489 -41.97 24.06 -2.26
C GLY A 489 -40.51 24.01 -2.64
N ASP A 490 -40.09 22.97 -3.36
CA ASP A 490 -38.74 22.84 -3.90
C ASP A 490 -38.58 23.56 -5.23
N PHE A 491 -39.49 24.47 -5.58
CA PHE A 491 -39.66 24.90 -6.96
C PHE A 491 -39.65 26.42 -7.07
N VAL A 492 -39.15 26.89 -8.20
CA VAL A 492 -39.37 28.27 -8.61
C VAL A 492 -40.81 28.31 -9.08
N ARG A 493 -41.72 28.69 -8.19
CA ARG A 493 -43.13 28.37 -8.37
C ARG A 493 -43.71 29.00 -9.63
N SER A 494 -43.05 30.02 -10.18
CA SER A 494 -43.52 30.67 -11.39
C SER A 494 -42.29 31.06 -12.20
N ALA A 495 -42.49 31.97 -13.16
CA ALA A 495 -41.53 32.55 -14.09
C ALA A 495 -41.22 31.62 -15.27
N GLY A 496 -41.78 30.41 -15.30
CA GLY A 496 -41.71 29.58 -16.47
C GLY A 496 -42.98 28.77 -16.62
N GLY A 497 -44.08 29.29 -16.09
CA GLY A 497 -45.22 28.46 -15.77
C GLY A 497 -44.92 27.77 -14.47
N CYS A 498 -43.82 27.01 -14.46
CA CYS A 498 -43.15 26.62 -13.23
C CYS A 498 -41.73 26.22 -13.62
N ASN A 499 -40.90 25.99 -12.61
CA ASN A 499 -39.49 25.72 -12.84
C ASN A 499 -38.99 24.80 -11.74
N LEU A 500 -37.68 24.73 -11.57
CA LEU A 500 -37.09 23.91 -10.51
C LEU A 500 -35.99 24.71 -9.84
N THR A 501 -35.74 24.41 -8.57
CA THR A 501 -34.73 25.11 -7.79
C THR A 501 -33.47 24.28 -7.68
N ASP A 502 -32.32 24.95 -7.84
CA ASP A 502 -31.04 24.26 -7.81
C ASP A 502 -30.82 23.48 -6.53
N SER A 503 -31.65 23.70 -5.50
CA SER A 503 -31.63 22.83 -4.34
C SER A 503 -31.93 21.39 -4.77
N ALA A 504 -32.96 21.21 -5.60
CA ALA A 504 -33.35 19.89 -6.08
C ALA A 504 -32.75 19.55 -7.44
N ARG A 505 -32.15 20.51 -8.13
CA ARG A 505 -31.58 20.22 -9.45
C ARG A 505 -30.35 19.34 -9.32
N LYS A 506 -29.47 19.66 -8.38
CA LYS A 506 -28.28 18.84 -8.14
C LYS A 506 -28.62 17.52 -7.51
N ARG A 507 -29.87 17.33 -7.09
CA ARG A 507 -30.36 16.05 -6.60
C ARG A 507 -30.97 15.21 -7.72
N PHE A 508 -31.76 15.86 -8.57
CA PHE A 508 -32.39 15.16 -9.68
C PHE A 508 -31.36 14.71 -10.70
N ILE A 509 -30.34 15.53 -10.96
CA ILE A 509 -29.29 15.10 -11.87
C ILE A 509 -28.58 13.88 -11.30
N ALA A 510 -28.36 13.86 -9.99
CA ALA A 510 -27.76 12.69 -9.37
C ALA A 510 -28.65 11.47 -9.52
N GLY A 511 -29.96 11.64 -9.31
CA GLY A 511 -30.87 10.54 -9.49
C GLY A 511 -30.85 10.00 -10.92
N PHE A 512 -30.90 10.90 -11.89
CA PHE A 512 -30.85 10.49 -13.29
C PHE A 512 -29.57 9.74 -13.59
N GLU A 513 -28.44 10.26 -13.13
CA GLU A 513 -27.17 9.62 -13.42
C GLU A 513 -27.10 8.24 -12.78
N ARG A 514 -27.49 8.13 -11.52
CA ARG A 514 -27.44 6.81 -10.88
C ARG A 514 -28.42 5.85 -11.52
N ARG A 515 -29.50 6.36 -12.13
CA ARG A 515 -30.31 5.50 -12.97
C ARG A 515 -29.54 5.06 -14.20
N MET A 516 -28.78 5.97 -14.79
CA MET A 516 -27.95 5.68 -15.96
C MET A 516 -26.79 4.75 -15.64
N GLU A 517 -26.49 4.51 -14.37
CA GLU A 517 -25.43 3.59 -13.99
C GLU A 517 -25.98 2.32 -13.34
N GLN A 518 -27.15 1.87 -13.80
CA GLN A 518 -27.79 0.68 -13.25
C GLN A 518 -27.56 -0.52 -14.17
N GLU A 519 -27.14 -1.62 -13.55
CA GLU A 519 -26.70 -2.81 -14.28
C GLU A 519 -27.90 -3.69 -14.56
N VAL A 520 -28.23 -3.88 -15.84
CA VAL A 520 -29.33 -4.74 -16.25
C VAL A 520 -28.84 -5.69 -17.32
N THR A 521 -29.56 -6.80 -17.48
CA THR A 521 -29.18 -7.80 -18.47
C THR A 521 -29.66 -7.39 -19.85
N HIS A 522 -28.90 -7.76 -20.86
CA HIS A 522 -29.42 -7.54 -22.20
C HIS A 522 -29.99 -8.86 -22.73
N PRO A 523 -31.19 -8.84 -23.29
CA PRO A 523 -31.88 -10.11 -23.57
C PRO A 523 -31.12 -11.05 -24.48
N ILE A 524 -30.34 -10.54 -25.43
CA ILE A 524 -29.73 -11.41 -26.42
C ILE A 524 -28.67 -12.30 -25.78
N PHE A 525 -27.90 -11.77 -24.82
CA PHE A 525 -26.88 -12.57 -24.16
C PHE A 525 -26.99 -12.60 -22.65
N LYS A 526 -27.99 -11.96 -22.05
CA LYS A 526 -28.21 -11.96 -20.61
C LYS A 526 -27.07 -11.29 -19.84
N TYR A 527 -26.10 -10.71 -20.53
CA TYR A 527 -24.97 -10.10 -19.84
C TYR A 527 -25.36 -8.73 -19.32
N THR A 528 -24.86 -8.39 -18.14
CA THR A 528 -25.31 -7.23 -17.41
C THR A 528 -24.42 -6.02 -17.68
N ILE A 529 -25.06 -4.87 -17.87
CA ILE A 529 -24.41 -3.64 -18.34
C ILE A 529 -25.21 -2.46 -17.83
N SER A 530 -24.51 -1.36 -17.59
CA SER A 530 -25.17 -0.11 -17.22
C SER A 530 -26.02 0.39 -18.38
N TYR A 531 -27.05 1.17 -18.06
CA TYR A 531 -27.90 1.74 -19.10
C TYR A 531 -27.11 2.51 -20.13
N ARG A 532 -26.02 3.17 -19.73
CA ARG A 532 -25.22 3.90 -20.70
C ARG A 532 -24.61 2.96 -21.73
N ARG A 533 -23.82 2.00 -21.25
CA ARG A 533 -23.23 1.00 -22.13
C ARG A 533 -24.30 0.27 -22.89
N LEU A 534 -25.51 0.15 -22.31
CA LEU A 534 -26.60 -0.48 -23.02
C LEU A 534 -27.11 0.40 -24.14
N LEU A 535 -27.12 1.72 -23.94
CA LEU A 535 -27.47 2.63 -25.01
C LEU A 535 -26.54 2.44 -26.18
N GLU A 536 -25.25 2.30 -25.88
CA GLU A 536 -24.28 2.15 -26.97
C GLU A 536 -24.35 0.77 -27.63
N VAL A 537 -24.61 -0.28 -26.86
CA VAL A 537 -24.85 -1.59 -27.46
C VAL A 537 -26.05 -1.54 -28.39
N GLN A 538 -27.11 -0.85 -27.97
CA GLN A 538 -28.28 -0.76 -28.82
C GLN A 538 -28.00 0.08 -30.07
N ALA A 539 -27.17 1.11 -29.94
CA ALA A 539 -26.75 1.83 -31.14
C ALA A 539 -25.97 0.90 -32.07
N ARG A 540 -25.11 0.07 -31.51
CA ARG A 540 -24.38 -0.91 -32.31
C ARG A 540 -25.34 -1.83 -33.05
N LEU A 541 -26.38 -2.29 -32.38
CA LEU A 541 -27.39 -3.09 -33.07
C LEU A 541 -28.07 -2.30 -34.16
N LEU A 542 -28.28 -1.00 -33.94
CA LEU A 542 -28.87 -0.20 -35.01
C LEU A 542 -27.97 -0.15 -36.22
N THR A 543 -26.66 0.01 -36.01
CA THR A 543 -25.74 0.02 -37.15
C THR A 543 -25.75 -1.31 -37.87
N ARG A 544 -25.55 -2.40 -37.15
CA ARG A 544 -25.42 -3.67 -37.84
C ARG A 544 -26.77 -4.25 -38.27
N TYR A 545 -27.88 -3.58 -37.98
CA TYR A 545 -29.07 -3.82 -38.78
C TYR A 545 -29.13 -2.90 -39.97
N LEU A 546 -28.60 -1.68 -39.82
CA LEU A 546 -28.60 -0.73 -40.92
C LEU A 546 -27.84 -1.30 -42.12
N SER A 547 -26.76 -2.04 -41.85
CA SER A 547 -26.07 -2.78 -42.89
C SER A 547 -26.86 -3.96 -43.39
N GLY A 548 -28.08 -4.17 -42.91
CA GLY A 548 -28.86 -5.33 -43.27
C GLY A 548 -28.33 -6.64 -42.72
N GLU A 549 -27.24 -6.58 -41.94
CA GLU A 549 -26.63 -7.79 -41.36
C GLU A 549 -27.70 -8.60 -40.61
N ILE A 550 -28.35 -7.97 -39.64
CA ILE A 550 -29.40 -8.60 -38.84
C ILE A 550 -30.75 -8.15 -39.37
N PRO A 551 -31.57 -9.04 -39.89
CA PRO A 551 -32.77 -8.61 -40.62
C PRO A 551 -33.74 -7.82 -39.77
N ALA A 552 -34.15 -8.38 -38.64
CA ALA A 552 -35.02 -7.67 -37.71
C ALA A 552 -34.17 -6.73 -36.87
N TYR A 553 -34.74 -6.19 -35.80
CA TYR A 553 -34.03 -5.29 -34.90
C TYR A 553 -34.37 -5.67 -33.46
N PRO A 554 -33.47 -6.35 -32.76
CA PRO A 554 -33.72 -6.66 -31.35
C PRO A 554 -33.87 -5.36 -30.57
N ASN A 555 -34.93 -5.29 -29.76
CA ASN A 555 -35.53 -4.03 -29.39
C ASN A 555 -35.37 -3.64 -27.93
N PHE A 556 -35.10 -4.59 -27.04
CA PHE A 556 -35.05 -4.35 -25.60
C PHE A 556 -36.38 -3.83 -25.06
N VAL A 557 -37.40 -4.66 -25.19
CA VAL A 557 -38.63 -4.48 -24.45
C VAL A 557 -38.46 -5.13 -23.08
N THR A 558 -39.24 -4.65 -22.12
CA THR A 558 -39.17 -5.16 -20.76
C THR A 558 -40.57 -5.27 -20.16
N GLY B 221 -23.69 35.01 -45.25
CA GLY B 221 -22.93 36.18 -44.86
C GLY B 221 -21.43 35.93 -44.80
N LEU B 222 -20.66 36.98 -44.54
CA LEU B 222 -19.23 36.84 -44.46
C LEU B 222 -18.83 36.10 -43.18
N PRO B 223 -17.95 35.12 -43.27
CA PRO B 223 -17.54 34.35 -42.08
C PRO B 223 -16.55 35.15 -41.25
N LEU B 224 -16.99 35.60 -40.08
CA LEU B 224 -16.11 36.33 -39.19
C LEU B 224 -14.99 35.41 -38.70
N TYR B 225 -13.84 36.00 -38.40
CA TYR B 225 -12.69 35.29 -37.87
C TYR B 225 -12.23 35.98 -36.60
N VAL B 226 -12.34 35.30 -35.47
CA VAL B 226 -11.81 35.87 -34.24
C VAL B 226 -10.30 35.79 -34.35
N GLN B 227 -9.67 36.91 -34.72
CA GLN B 227 -8.30 36.85 -35.23
C GLN B 227 -7.27 36.80 -34.11
N SER B 228 -7.19 37.84 -33.30
CA SER B 228 -6.14 37.91 -32.30
C SER B 228 -6.47 36.95 -31.16
N PRO B 229 -5.61 35.98 -30.87
CA PRO B 229 -5.88 35.12 -29.71
C PRO B 229 -5.69 35.87 -28.41
N LYS B 230 -6.34 37.03 -28.35
CA LYS B 230 -6.41 37.85 -27.16
C LYS B 230 -7.81 38.43 -26.99
N ALA B 231 -8.71 38.18 -27.93
CA ALA B 231 -9.95 38.94 -28.03
C ALA B 231 -10.96 38.45 -26.99
N TYR B 232 -12.17 39.00 -27.06
CA TYR B 232 -13.24 38.64 -26.14
C TYR B 232 -14.56 38.89 -26.87
N VAL B 233 -15.22 37.83 -27.28
CA VAL B 233 -16.43 37.98 -28.07
C VAL B 233 -17.60 38.10 -27.12
N ARG B 234 -18.64 38.83 -27.56
CA ARG B 234 -19.81 39.06 -26.74
C ARG B 234 -20.96 39.45 -27.66
N LYS B 235 -22.18 39.34 -27.13
CA LYS B 235 -23.38 39.72 -27.86
C LYS B 235 -23.98 40.95 -27.19
N ASP B 236 -23.79 42.11 -27.81
CA ASP B 236 -24.48 43.33 -27.42
C ASP B 236 -25.39 43.73 -28.56
N GLY B 237 -26.69 43.81 -28.29
CA GLY B 237 -27.64 44.00 -29.37
C GLY B 237 -27.65 42.79 -30.29
N ASP B 238 -27.90 43.05 -31.57
CA ASP B 238 -27.96 41.99 -32.58
C ASP B 238 -26.67 41.89 -33.38
N CYS B 239 -25.53 42.11 -32.73
CA CYS B 239 -24.23 42.01 -33.37
C CYS B 239 -23.22 41.44 -32.39
N LEU B 240 -22.55 40.37 -32.77
CA LEU B 240 -21.57 39.69 -31.92
C LEU B 240 -20.30 40.53 -31.85
N VAL B 241 -20.39 41.63 -31.11
CA VAL B 241 -19.25 42.54 -31.00
C VAL B 241 -18.12 41.86 -30.25
N ILE B 242 -16.93 41.89 -30.83
CA ILE B 242 -15.77 41.28 -30.22
C ILE B 242 -15.01 42.35 -29.46
N GLU B 243 -14.16 41.92 -28.52
CA GLU B 243 -13.48 42.86 -27.64
C GLU B 243 -12.02 42.49 -27.46
N GLU B 244 -11.13 43.46 -27.71
CA GLU B 244 -9.83 43.48 -27.06
C GLU B 244 -10.08 44.01 -25.65
N GLU B 245 -9.02 44.40 -24.92
CA GLU B 245 -9.23 44.68 -23.50
C GLU B 245 -10.21 45.82 -23.29
N ARG B 246 -11.43 45.47 -22.88
CA ARG B 246 -12.51 46.41 -22.61
C ARG B 246 -12.64 47.46 -23.71
N VAL B 247 -12.43 47.04 -24.95
CA VAL B 247 -12.52 47.96 -26.09
C VAL B 247 -13.21 47.27 -27.24
N ARG B 248 -14.27 47.89 -27.74
CA ARG B 248 -14.94 47.40 -28.94
C ARG B 248 -13.99 47.46 -30.12
N VAL B 249 -13.92 46.36 -30.88
CA VAL B 249 -12.99 46.29 -32.00
C VAL B 249 -13.64 45.87 -33.31
N ALA B 250 -14.81 45.24 -33.32
CA ALA B 250 -15.46 44.89 -34.56
C ALA B 250 -16.93 44.56 -34.31
N GLU B 251 -17.77 44.88 -35.29
CA GLU B 251 -19.20 44.63 -35.24
C GLU B 251 -19.52 43.46 -36.17
N ALA B 252 -20.21 42.45 -35.64
CA ALA B 252 -20.42 41.23 -36.40
C ALA B 252 -21.65 41.28 -37.30
N ARG B 253 -22.67 42.03 -36.90
CA ARG B 253 -23.89 42.21 -37.71
C ARG B 253 -24.54 40.86 -38.02
N LEU B 254 -25.07 40.26 -36.94
CA LEU B 254 -25.63 38.92 -36.99
C LEU B 254 -26.57 38.68 -38.17
N GLY B 255 -27.18 39.73 -38.72
CA GLY B 255 -28.06 39.56 -39.86
C GLY B 255 -27.38 38.91 -41.03
N GLU B 256 -26.14 39.32 -41.33
CA GLU B 256 -25.34 38.73 -42.40
C GLU B 256 -24.00 38.31 -41.81
N THR B 257 -23.94 37.09 -41.31
CA THR B 257 -22.69 36.51 -40.84
C THR B 257 -22.75 35.00 -40.99
N SER B 258 -21.62 34.37 -40.68
CA SER B 258 -21.44 32.94 -40.75
C SER B 258 -20.44 32.57 -39.66
N GLN B 259 -19.78 31.43 -39.80
CA GLN B 259 -18.91 30.92 -38.74
C GLN B 259 -18.04 32.02 -38.16
N VAL B 260 -17.81 31.93 -36.86
CA VAL B 260 -16.80 32.74 -36.19
C VAL B 260 -15.59 31.84 -35.93
N ALA B 261 -14.46 32.20 -36.53
CA ALA B 261 -13.26 31.38 -36.43
C ALA B 261 -12.54 31.71 -35.15
N LEU B 262 -12.59 30.81 -34.18
CA LEU B 262 -11.99 31.05 -32.88
C LEU B 262 -10.56 30.55 -32.88
N PHE B 263 -9.62 31.46 -32.65
CA PHE B 263 -8.20 31.16 -32.68
C PHE B 263 -7.73 30.79 -31.27
N GLY B 264 -6.42 30.77 -31.05
CA GLY B 264 -5.80 30.10 -29.92
C GLY B 264 -6.47 30.18 -28.57
N ASN B 265 -6.54 31.37 -27.98
CA ASN B 265 -7.17 31.49 -26.67
C ASN B 265 -8.03 32.74 -26.60
N ALA B 266 -8.61 33.15 -27.72
CA ALA B 266 -9.54 34.26 -27.72
C ALA B 266 -10.92 33.75 -27.35
N THR B 267 -11.53 34.37 -26.34
CA THR B 267 -12.70 33.82 -25.68
C THR B 267 -13.96 34.55 -26.09
N LEU B 268 -15.10 33.87 -25.94
CA LEU B 268 -16.42 34.45 -26.19
C LEU B 268 -17.31 34.19 -24.99
N THR B 269 -18.12 35.19 -24.64
CA THR B 269 -19.06 35.04 -23.54
C THR B 269 -20.10 33.98 -23.86
N THR B 270 -20.52 33.24 -22.83
CA THR B 270 -21.54 32.22 -23.03
C THR B 270 -22.91 32.86 -23.01
N ALA B 271 -23.06 33.92 -23.77
CA ALA B 271 -24.35 34.50 -24.14
C ALA B 271 -24.45 34.72 -25.63
N ALA B 272 -23.36 35.15 -26.27
CA ALA B 272 -23.31 35.17 -27.72
C ALA B 272 -23.40 33.77 -28.29
N LEU B 273 -22.73 32.81 -27.65
CA LEU B 273 -22.70 31.45 -28.18
C LEU B 273 -24.08 30.81 -28.10
N HIS B 274 -24.81 31.05 -27.02
CA HIS B 274 -26.18 30.57 -26.92
C HIS B 274 -27.12 31.34 -27.83
N GLU B 275 -26.60 32.24 -28.66
CA GLU B 275 -27.34 32.87 -29.74
C GLU B 275 -26.93 32.29 -31.09
N CYS B 276 -25.63 32.12 -31.29
CA CYS B 276 -25.13 31.46 -32.50
C CYS B 276 -25.74 30.07 -32.64
N LEU B 277 -25.73 29.29 -31.57
CA LEU B 277 -26.34 27.97 -31.62
C LEU B 277 -27.82 28.07 -31.98
N ARG B 278 -28.50 29.12 -31.52
CA ARG B 278 -29.92 29.25 -31.84
C ARG B 278 -30.14 29.52 -33.31
N ARG B 279 -29.32 30.35 -33.94
CA ARG B 279 -29.55 30.73 -35.32
C ARG B 279 -28.80 29.86 -36.32
N GLU B 280 -28.41 28.65 -35.94
CA GLU B 280 -27.66 27.74 -36.80
C GLU B 280 -26.49 28.44 -37.48
N ILE B 281 -25.59 28.96 -36.66
CA ILE B 281 -24.36 29.59 -37.11
C ILE B 281 -23.19 28.81 -36.51
N PRO B 282 -22.57 27.91 -37.28
CA PRO B 282 -21.51 27.07 -36.71
C PRO B 282 -20.37 27.92 -36.17
N VAL B 283 -19.85 27.50 -35.02
CA VAL B 283 -18.76 28.20 -34.35
C VAL B 283 -17.55 27.28 -34.42
N THR B 284 -16.51 27.74 -35.11
CA THR B 284 -15.25 26.94 -35.27
C THR B 284 -14.32 27.17 -34.08
N TRP B 285 -13.29 26.33 -33.94
CA TRP B 285 -12.30 26.43 -32.83
C TRP B 285 -10.92 26.07 -33.37
N LEU B 286 -10.17 27.06 -33.84
CA LEU B 286 -8.84 26.85 -34.39
C LEU B 286 -7.79 27.19 -33.34
N SER B 287 -6.66 26.49 -33.38
CA SER B 287 -5.59 26.83 -32.47
C SER B 287 -4.97 28.17 -32.87
N TYR B 288 -3.92 28.58 -32.15
CA TYR B 288 -3.35 29.91 -32.36
C TYR B 288 -2.92 30.09 -33.80
N GLY B 289 -2.18 29.13 -34.34
CA GLY B 289 -1.72 29.24 -35.71
C GLY B 289 -2.86 29.19 -36.71
N GLY B 290 -3.83 28.32 -36.47
CA GLY B 290 -4.89 28.06 -37.43
C GLY B 290 -5.15 26.57 -37.47
N TRP B 291 -4.41 25.83 -36.66
CA TRP B 291 -4.64 24.40 -36.52
C TRP B 291 -6.06 24.15 -36.02
N PHE B 292 -6.72 23.17 -36.63
CA PHE B 292 -8.15 22.99 -36.41
C PHE B 292 -8.42 22.15 -35.17
N MET B 293 -9.31 22.67 -34.33
CA MET B 293 -9.96 21.92 -33.26
C MET B 293 -11.42 21.76 -33.63
N GLY B 294 -12.11 20.84 -32.96
CA GLY B 294 -13.47 20.49 -33.31
C GLY B 294 -14.44 21.65 -33.42
N HIS B 295 -15.61 21.42 -34.00
CA HIS B 295 -16.54 22.48 -34.33
C HIS B 295 -17.50 22.72 -33.16
N THR B 296 -18.54 23.51 -33.41
CA THR B 296 -19.67 23.67 -32.50
C THR B 296 -20.94 23.61 -33.33
N VAL B 297 -21.48 22.40 -33.50
CA VAL B 297 -22.63 22.21 -34.38
C VAL B 297 -23.91 22.55 -33.63
N SER B 298 -24.71 23.44 -34.21
CA SER B 298 -26.02 23.75 -33.67
C SER B 298 -27.00 22.66 -34.06
N THR B 299 -27.76 22.17 -33.08
CA THR B 299 -28.60 21.00 -33.34
C THR B 299 -29.92 21.40 -33.97
N GLY B 300 -29.87 22.16 -35.06
CA GLY B 300 -31.05 22.64 -35.73
C GLY B 300 -31.52 21.71 -36.83
N HIS B 301 -32.24 22.28 -37.78
CA HIS B 301 -32.74 21.56 -38.93
C HIS B 301 -32.42 22.31 -40.23
N ARG B 302 -31.30 23.00 -40.24
CA ARG B 302 -30.77 23.64 -41.44
C ARG B 302 -29.54 22.96 -41.99
N ASN B 303 -28.61 22.56 -41.11
CA ASN B 303 -27.40 21.88 -41.55
C ASN B 303 -27.71 20.48 -42.06
N VAL B 304 -28.57 19.76 -41.35
CA VAL B 304 -28.86 18.39 -41.74
C VAL B 304 -29.69 18.31 -43.00
N GLU B 305 -30.34 19.40 -43.41
CA GLU B 305 -30.83 19.45 -44.78
C GLU B 305 -29.67 19.31 -45.76
N THR B 306 -28.58 20.02 -45.50
CA THR B 306 -27.42 19.97 -46.37
C THR B 306 -26.81 18.58 -46.37
N ARG B 307 -26.63 17.97 -45.19
CA ARG B 307 -26.11 16.61 -45.17
C ARG B 307 -27.07 15.63 -45.83
N THR B 308 -28.37 15.86 -45.70
CA THR B 308 -29.35 15.03 -46.37
C THR B 308 -29.16 15.09 -47.87
N TYR B 309 -29.02 16.30 -48.40
CA TYR B 309 -28.85 16.44 -49.84
C TYR B 309 -27.52 15.86 -50.30
N GLN B 310 -26.46 16.04 -49.51
CA GLN B 310 -25.17 15.50 -49.90
C GLN B 310 -25.21 13.98 -49.95
N TYR B 311 -25.77 13.33 -48.94
CA TYR B 311 -25.84 11.88 -49.01
C TYR B 311 -26.97 11.39 -49.91
N GLN B 312 -27.85 12.27 -50.37
CA GLN B 312 -28.87 11.83 -51.31
C GLN B 312 -28.37 11.87 -52.75
N ARG B 313 -27.82 13.01 -53.16
CA ARG B 313 -27.12 13.06 -54.44
C ARG B 313 -25.87 12.21 -54.43
N SER B 314 -25.40 11.80 -53.25
CA SER B 314 -24.15 11.04 -53.15
C SER B 314 -24.21 9.77 -54.00
N PHE B 315 -25.24 8.97 -53.83
CA PHE B 315 -25.35 7.72 -54.56
C PHE B 315 -26.14 7.84 -55.84
N ASP B 316 -26.51 9.06 -56.24
CA ASP B 316 -27.13 9.27 -57.54
C ASP B 316 -26.03 9.34 -58.60
N PRO B 317 -25.84 8.27 -59.38
CA PRO B 317 -24.67 8.22 -60.26
C PRO B 317 -24.63 9.33 -61.29
N GLU B 318 -25.79 9.80 -61.75
CA GLU B 318 -25.81 10.83 -62.77
C GLU B 318 -25.15 12.12 -62.26
N THR B 319 -25.72 12.71 -61.21
CA THR B 319 -25.14 13.93 -60.67
C THR B 319 -23.76 13.68 -60.08
N CYS B 320 -23.50 12.48 -59.57
CA CYS B 320 -22.16 12.14 -59.12
C CYS B 320 -21.16 12.33 -60.26
N LEU B 321 -21.45 11.72 -61.40
CA LEU B 321 -20.57 11.85 -62.57
C LEU B 321 -20.51 13.28 -63.06
N ASN B 322 -21.64 14.00 -62.99
CA ASN B 322 -21.64 15.38 -63.44
C ASN B 322 -20.68 16.22 -62.62
N LEU B 323 -20.75 16.09 -61.29
CA LEU B 323 -19.78 16.75 -60.43
C LEU B 323 -18.37 16.33 -60.79
N ALA B 324 -18.16 15.04 -61.01
CA ALA B 324 -16.82 14.55 -61.30
C ALA B 324 -16.26 15.22 -62.55
N ARG B 325 -17.07 15.31 -63.61
CA ARG B 325 -16.62 15.95 -64.84
C ARG B 325 -16.29 17.41 -64.62
N ARG B 326 -17.17 18.13 -63.93
CA ARG B 326 -16.86 19.53 -63.65
C ARG B 326 -15.55 19.66 -62.90
N TRP B 327 -15.33 18.81 -61.89
CA TRP B 327 -14.10 18.91 -61.12
C TRP B 327 -12.89 18.66 -62.00
N ILE B 328 -12.93 17.63 -62.84
CA ILE B 328 -11.72 17.27 -63.56
C ILE B 328 -11.42 18.29 -64.65
N VAL B 329 -12.45 18.84 -65.31
CA VAL B 329 -12.19 19.87 -66.30
C VAL B 329 -11.64 21.11 -65.62
N ALA B 330 -12.11 21.42 -64.42
CA ALA B 330 -11.55 22.54 -63.68
C ALA B 330 -10.08 22.29 -63.37
N LYS B 331 -9.75 21.09 -62.90
CA LYS B 331 -8.37 20.81 -62.55
C LYS B 331 -7.46 20.89 -63.76
N ILE B 332 -7.91 20.37 -64.90
CA ILE B 332 -7.08 20.38 -66.10
C ILE B 332 -6.86 21.81 -66.58
N ALA B 333 -7.92 22.61 -66.61
CA ALA B 333 -7.77 24.01 -67.00
C ALA B 333 -6.84 24.74 -66.05
N ASN B 334 -6.97 24.48 -64.75
CA ASN B 334 -6.10 25.13 -63.78
C ASN B 334 -4.65 24.70 -63.93
N CYS B 335 -4.41 23.43 -64.25
CA CYS B 335 -3.03 22.98 -64.39
C CYS B 335 -2.38 23.54 -65.65
N ARG B 336 -3.19 23.59 -66.71
CA ARG B 336 -2.77 24.16 -68.02
C ARG B 336 -2.69 25.69 -67.89
N THR B 337 -3.08 26.22 -66.73
CA THR B 337 -3.04 27.69 -66.47
C THR B 337 -1.60 28.09 -66.11
N LEU B 338 -0.67 27.14 -66.18
CA LEU B 338 0.75 27.41 -65.83
C LEU B 338 1.55 27.70 -67.10
N LEU B 339 0.86 28.15 -68.16
CA LEU B 339 1.52 28.46 -69.45
C LEU B 339 2.08 29.90 -69.40
N ARG B 340 3.13 30.14 -70.19
CA ARG B 340 3.81 31.47 -70.30
C ARG B 340 4.44 31.89 -68.96
N ARG B 341 3.65 31.82 -67.87
CA ARG B 341 4.10 32.15 -66.50
C ARG B 341 4.51 30.84 -65.80
N ASN B 342 4.96 30.91 -64.54
CA ASN B 342 5.44 29.71 -63.80
C ASN B 342 6.49 29.02 -64.67
N TRP B 343 6.07 28.03 -65.49
CA TRP B 343 6.96 27.36 -66.46
C TRP B 343 7.68 28.47 -67.25
N ARG B 344 8.90 28.84 -66.84
CA ARG B 344 9.66 29.93 -67.50
C ARG B 344 10.88 29.32 -68.21
N GLY B 345 11.03 28.00 -68.11
CA GLY B 345 12.13 27.29 -68.75
C GLY B 345 12.18 27.68 -70.22
N GLU B 346 12.59 28.91 -70.48
CA GLU B 346 12.33 29.52 -71.79
C GLU B 346 13.28 28.98 -72.85
N GLY B 347 14.57 29.30 -72.73
CA GLY B 347 15.52 28.87 -73.73
C GLY B 347 15.26 29.61 -75.02
N ASP B 348 14.14 29.28 -75.65
CA ASP B 348 13.56 30.01 -76.76
C ASP B 348 12.21 30.63 -76.42
N GLU B 349 11.37 29.91 -75.68
CA GLU B 349 10.12 30.46 -75.17
C GLU B 349 9.64 29.58 -74.03
N ALA B 350 9.30 30.20 -72.89
CA ALA B 350 8.60 29.48 -71.85
C ALA B 350 7.21 29.09 -72.28
N LYS B 351 6.65 29.80 -73.27
CA LYS B 351 5.33 29.52 -73.79
C LYS B 351 5.24 28.04 -74.10
N ALA B 352 4.36 27.34 -73.39
CA ALA B 352 4.36 25.89 -73.42
C ALA B 352 4.17 25.40 -74.86
N PRO B 353 4.80 24.28 -75.21
CA PRO B 353 4.60 23.70 -76.52
C PRO B 353 3.12 23.67 -76.88
N PRO B 354 2.72 24.35 -77.96
CA PRO B 354 1.32 24.35 -78.34
C PRO B 354 0.79 22.95 -78.53
N GLY B 355 1.68 22.01 -78.81
CA GLY B 355 1.30 20.60 -78.76
C GLY B 355 0.80 20.22 -77.38
N LEU B 356 1.54 20.58 -76.33
CA LEU B 356 1.12 20.24 -74.97
C LEU B 356 -0.17 20.97 -74.59
N LEU B 357 -0.20 22.28 -74.87
CA LEU B 357 -1.37 23.14 -74.54
C LEU B 357 -2.61 22.57 -75.21
N MET B 358 -2.55 22.31 -76.52
CA MET B 358 -3.67 21.77 -77.25
C MET B 358 -3.98 20.34 -76.86
N SER B 359 -2.99 19.59 -76.37
CA SER B 359 -3.27 18.27 -75.83
C SER B 359 -4.09 18.37 -74.55
N LEU B 360 -3.77 19.34 -73.71
CA LEU B 360 -4.60 19.58 -72.52
C LEU B 360 -5.99 20.06 -72.90
N GLN B 361 -6.08 20.90 -73.91
CA GLN B 361 -7.39 21.35 -74.37
C GLN B 361 -8.20 20.19 -74.92
N ASP B 362 -7.55 19.29 -75.65
CA ASP B 362 -8.20 18.07 -76.11
C ASP B 362 -8.58 17.16 -74.95
N ASP B 363 -7.76 17.14 -73.90
CA ASP B 363 -8.09 16.36 -72.72
C ASP B 363 -9.34 16.89 -72.06
N MET B 364 -9.47 18.21 -71.96
CA MET B 364 -10.72 18.79 -71.49
C MET B 364 -11.86 18.45 -72.44
N ARG B 365 -11.63 18.51 -73.75
CA ARG B 365 -12.64 18.11 -74.71
C ARG B 365 -13.14 16.71 -74.42
N HIS B 366 -12.22 15.82 -74.05
CA HIS B 366 -12.62 14.50 -73.55
C HIS B 366 -13.44 14.63 -72.29
N ALA B 367 -12.87 15.27 -71.27
CA ALA B 367 -13.42 15.21 -69.92
C ALA B 367 -14.81 15.80 -69.83
N MET B 368 -15.13 16.81 -70.65
CA MET B 368 -16.50 17.28 -70.64
C MET B 368 -17.49 16.25 -71.17
N ARG B 369 -17.03 15.07 -71.56
CA ARG B 369 -17.93 13.92 -71.70
C ARG B 369 -17.10 12.66 -71.41
N ALA B 370 -17.23 12.16 -70.18
CA ALA B 370 -16.57 10.93 -69.75
C ALA B 370 -17.60 10.08 -69.03
N PRO B 371 -18.08 9.02 -69.64
CA PRO B 371 -19.33 8.40 -69.18
C PRO B 371 -19.19 7.48 -67.96
N SER B 372 -18.09 7.56 -67.22
CA SER B 372 -17.97 6.78 -66.00
C SER B 372 -17.13 7.55 -64.99
N LEU B 373 -17.05 7.00 -63.78
CA LEU B 373 -16.05 7.40 -62.81
C LEU B 373 -14.82 6.50 -62.86
N GLU B 374 -14.68 5.73 -63.93
CA GLU B 374 -13.46 5.02 -64.23
C GLU B 374 -12.83 5.43 -65.55
N VAL B 375 -13.62 6.00 -66.46
CA VAL B 375 -13.04 6.71 -67.60
C VAL B 375 -12.40 8.00 -67.13
N LEU B 376 -13.07 8.72 -66.23
CA LEU B 376 -12.51 9.94 -65.67
C LEU B 376 -11.19 9.65 -64.97
N LEU B 377 -11.10 8.53 -64.27
CA LEU B 377 -9.87 8.21 -63.55
C LEU B 377 -8.70 8.04 -64.51
N GLY B 378 -8.91 7.32 -65.62
CA GLY B 378 -7.85 7.17 -66.59
C GLY B 378 -7.48 8.48 -67.26
N ILE B 379 -8.49 9.29 -67.58
CA ILE B 379 -8.23 10.60 -68.18
C ILE B 379 -7.36 11.44 -67.26
N GLU B 380 -7.74 11.50 -65.98
CA GLU B 380 -6.98 12.30 -65.02
C GLU B 380 -5.58 11.72 -64.84
N GLY B 381 -5.45 10.39 -64.81
CA GLY B 381 -4.13 9.81 -64.67
C GLY B 381 -3.21 10.18 -65.81
N ALA B 382 -3.70 10.07 -67.05
CA ALA B 382 -2.89 10.44 -68.19
C ALA B 382 -2.52 11.92 -68.14
N SER B 383 -3.50 12.78 -67.91
CA SER B 383 -3.27 14.21 -67.93
C SER B 383 -2.80 14.74 -66.59
N ALA B 384 -2.32 13.87 -65.73
CA ALA B 384 -1.47 14.26 -64.61
C ALA B 384 -0.04 13.75 -64.78
N GLY B 385 0.11 12.53 -65.31
CA GLY B 385 1.45 12.08 -65.67
C GLY B 385 2.12 13.00 -66.67
N ARG B 386 1.37 13.44 -67.69
CA ARG B 386 1.97 14.27 -68.72
C ARG B 386 2.58 15.52 -68.14
N TYR B 387 1.89 16.16 -67.21
CA TYR B 387 2.27 17.46 -66.69
C TYR B 387 2.92 17.35 -65.33
N PHE B 388 3.20 16.12 -64.91
CA PHE B 388 4.11 15.86 -63.76
C PHE B 388 5.47 15.45 -64.36
N GLN B 389 5.52 15.33 -65.70
CA GLN B 389 6.69 15.02 -66.56
C GLN B 389 7.03 16.31 -67.32
N HIS B 390 6.67 17.46 -66.73
CA HIS B 390 6.91 18.82 -67.28
C HIS B 390 7.21 19.79 -66.14
N PHE B 391 7.03 19.32 -64.89
CA PHE B 391 7.25 20.10 -63.65
C PHE B 391 8.53 20.94 -63.72
N SER B 392 9.70 20.29 -63.75
CA SER B 392 10.99 20.97 -63.77
C SER B 392 11.01 22.07 -64.83
N ARG B 393 10.17 21.94 -65.86
CA ARG B 393 10.06 22.98 -66.87
C ARG B 393 9.45 24.26 -66.33
N MET B 394 8.94 24.19 -65.11
CA MET B 394 8.35 25.36 -64.42
C MET B 394 8.91 25.39 -63.00
N LEU B 395 10.10 24.80 -62.79
CA LEU B 395 10.60 24.82 -61.41
C LEU B 395 11.46 26.05 -61.16
N ARG B 396 12.60 26.14 -61.82
CA ARG B 396 13.45 27.33 -61.80
C ARG B 396 13.55 27.97 -63.17
N GLY B 397 12.60 27.70 -64.05
CA GLY B 397 12.90 27.84 -65.46
C GLY B 397 13.97 26.88 -65.90
N GLY B 398 14.07 25.74 -65.23
CA GLY B 398 15.22 24.88 -65.35
C GLY B 398 15.48 24.19 -64.01
N ASP B 399 16.74 23.90 -63.76
CA ASP B 399 17.18 23.17 -62.59
C ASP B 399 17.94 24.10 -61.65
N GLY B 400 17.27 24.54 -60.58
CA GLY B 400 17.99 25.06 -59.45
C GLY B 400 18.68 23.89 -58.77
N GLU B 401 19.95 24.06 -58.41
CA GLU B 401 20.76 22.93 -57.94
C GLU B 401 20.08 22.21 -56.77
N GLY B 402 19.67 20.97 -57.02
CA GLY B 402 18.86 20.21 -56.11
C GLY B 402 17.38 20.25 -56.45
N MET B 403 16.87 21.42 -56.84
CA MET B 403 15.49 21.56 -57.28
C MET B 403 15.41 21.31 -58.78
N GLY B 404 15.43 20.03 -59.12
CA GLY B 404 15.00 19.58 -60.43
C GLY B 404 14.10 18.38 -60.22
N PHE B 405 12.84 18.50 -60.58
CA PHE B 405 11.87 17.47 -60.22
C PHE B 405 12.14 16.23 -61.06
N ASP B 406 12.60 15.17 -60.40
CA ASP B 406 12.66 13.87 -61.06
C ASP B 406 11.28 13.51 -61.55
N PHE B 407 11.14 13.34 -62.87
CA PHE B 407 9.82 13.21 -63.46
C PHE B 407 9.27 11.86 -63.03
N THR B 408 8.74 11.85 -61.81
CA THR B 408 8.43 10.66 -61.04
C THR B 408 7.21 10.97 -60.19
N THR B 409 7.01 10.17 -59.15
CA THR B 409 5.85 10.26 -58.27
C THR B 409 5.52 11.69 -57.86
N ARG B 410 4.25 11.95 -57.61
CA ARG B 410 3.84 13.09 -56.80
C ARG B 410 3.99 12.76 -55.30
N ASN B 411 4.85 11.79 -55.00
CA ASN B 411 5.13 11.35 -53.62
C ASN B 411 3.87 10.82 -52.97
N ARG B 412 3.40 9.66 -53.39
CA ARG B 412 2.25 9.15 -52.67
C ARG B 412 2.63 8.56 -51.32
N ARG B 413 3.18 7.36 -51.25
CA ARG B 413 3.17 6.92 -49.85
C ARG B 413 4.39 7.45 -49.10
N PRO B 414 5.62 7.11 -49.46
CA PRO B 414 6.75 7.80 -48.86
C PRO B 414 7.26 8.89 -49.78
N PRO B 415 7.95 9.89 -49.25
CA PRO B 415 8.64 10.84 -50.13
C PRO B 415 9.76 10.15 -50.90
N LYS B 416 10.02 10.63 -52.12
CA LYS B 416 11.09 10.08 -52.94
C LYS B 416 11.99 11.14 -53.55
N ASP B 417 11.82 12.41 -53.21
CA ASP B 417 12.46 13.50 -53.92
C ASP B 417 12.23 14.79 -53.13
N PRO B 418 13.01 15.84 -53.38
CA PRO B 418 12.71 17.14 -52.78
C PRO B 418 11.33 17.68 -53.12
N VAL B 419 11.04 17.88 -54.40
CA VAL B 419 9.70 18.28 -54.78
C VAL B 419 8.69 17.25 -54.32
N ASN B 420 9.06 15.97 -54.35
CA ASN B 420 8.28 14.91 -53.72
C ASN B 420 8.44 14.89 -52.23
N ALA B 421 8.98 15.95 -51.66
CA ALA B 421 8.85 16.19 -50.23
C ALA B 421 8.08 17.48 -50.01
N LEU B 422 7.77 18.21 -51.07
CA LEU B 422 6.93 19.39 -50.99
C LEU B 422 5.55 19.20 -51.60
N LEU B 423 5.41 18.46 -52.70
CA LEU B 423 4.11 18.15 -53.29
C LEU B 423 3.42 16.96 -52.66
N SER B 424 3.66 16.67 -51.40
CA SER B 424 2.72 15.85 -50.65
C SER B 424 2.49 16.47 -49.29
N PHE B 425 3.48 17.24 -48.84
CA PHE B 425 3.28 18.09 -47.67
C PHE B 425 2.27 19.18 -47.97
N ALA B 426 2.54 20.00 -48.99
CA ALA B 426 1.63 21.09 -49.34
C ALA B 426 0.23 20.55 -49.61
N TYR B 427 0.13 19.43 -50.32
CA TYR B 427 -1.17 18.81 -50.51
C TYR B 427 -1.77 18.39 -49.18
N ALA B 428 -0.95 17.91 -48.26
CA ALA B 428 -1.47 17.50 -46.96
C ALA B 428 -2.07 18.68 -46.22
N MET B 429 -1.54 19.88 -46.45
CA MET B 429 -2.17 21.05 -45.85
C MET B 429 -3.45 21.41 -46.59
N LEU B 430 -3.44 21.29 -47.91
CA LEU B 430 -4.64 21.62 -48.68
C LEU B 430 -5.82 20.75 -48.25
N THR B 431 -5.54 19.50 -47.88
CA THR B 431 -6.58 18.63 -47.35
C THR B 431 -7.22 19.25 -46.11
N ARG B 432 -6.44 19.91 -45.26
CA ARG B 432 -6.98 20.46 -44.03
C ARG B 432 -8.04 21.52 -44.28
N GLU B 433 -7.70 22.57 -45.02
CA GLU B 433 -8.71 23.59 -45.24
C GLU B 433 -9.85 23.09 -46.10
N TRP B 434 -9.61 22.14 -47.01
CA TRP B 434 -10.81 21.61 -47.65
C TRP B 434 -11.59 20.63 -46.79
N THR B 435 -11.07 20.23 -45.64
CA THR B 435 -11.92 19.50 -44.72
C THR B 435 -12.66 20.44 -43.79
N VAL B 436 -12.02 21.54 -43.40
CA VAL B 436 -12.57 22.40 -42.36
C VAL B 436 -13.53 23.42 -42.95
N ALA B 437 -13.21 24.00 -44.11
CA ALA B 437 -14.21 24.87 -44.72
C ALA B 437 -15.30 24.10 -45.36
N LEU B 438 -15.27 22.78 -45.21
CA LEU B 438 -16.41 21.93 -45.54
C LEU B 438 -17.22 21.58 -44.30
N ALA B 439 -16.56 21.16 -43.22
CA ALA B 439 -17.24 21.08 -41.94
C ALA B 439 -17.57 22.46 -41.38
N ALA B 440 -17.22 23.53 -42.08
CA ALA B 440 -17.70 24.86 -41.76
C ALA B 440 -19.13 25.06 -42.22
N VAL B 441 -19.65 24.12 -42.99
CA VAL B 441 -21.06 24.06 -43.36
C VAL B 441 -21.50 22.63 -43.14
N GLY B 442 -22.80 22.40 -43.27
CA GLY B 442 -23.31 21.08 -42.97
C GLY B 442 -23.02 20.06 -44.05
N LEU B 443 -21.76 19.95 -44.46
CA LEU B 443 -21.32 18.98 -45.44
C LEU B 443 -20.41 17.96 -44.79
N ASP B 444 -20.77 16.70 -44.90
CA ASP B 444 -19.96 15.62 -44.37
C ASP B 444 -18.75 15.46 -45.27
N PRO B 445 -17.57 15.93 -44.86
CA PRO B 445 -16.41 15.86 -45.75
C PRO B 445 -15.98 14.46 -46.07
N TYR B 446 -16.55 13.45 -45.41
CA TYR B 446 -16.11 12.08 -45.61
C TYR B 446 -16.98 11.31 -46.57
N ARG B 447 -17.97 11.95 -47.19
CA ARG B 447 -18.75 11.34 -48.25
C ARG B 447 -18.54 12.15 -49.52
N GLY B 448 -17.75 11.62 -50.44
CA GLY B 448 -17.38 12.32 -51.66
C GLY B 448 -17.98 11.64 -52.87
N PHE B 449 -18.36 12.46 -53.85
CA PHE B 449 -18.92 11.93 -55.09
C PHE B 449 -17.84 11.27 -55.94
N TYR B 450 -16.69 11.93 -56.09
CA TYR B 450 -15.63 11.41 -56.95
C TYR B 450 -14.99 10.16 -56.36
N HIS B 451 -14.37 10.30 -55.20
CA HIS B 451 -13.59 9.23 -54.60
C HIS B 451 -14.49 8.42 -53.67
N GLN B 452 -14.63 7.14 -53.96
CA GLN B 452 -15.42 6.28 -53.09
C GLN B 452 -14.67 6.05 -51.78
N PRO B 453 -15.24 6.41 -50.64
CA PRO B 453 -14.47 6.44 -49.40
C PRO B 453 -14.03 5.05 -48.97
N ARG B 454 -12.94 5.03 -48.21
CA ARG B 454 -12.34 3.78 -47.75
C ARG B 454 -12.00 3.90 -46.26
N PHE B 455 -12.96 4.39 -45.49
CA PHE B 455 -12.87 4.43 -44.03
C PHE B 455 -11.67 5.26 -43.57
N GLY B 456 -11.75 6.56 -43.87
CA GLY B 456 -10.74 7.49 -43.43
C GLY B 456 -10.27 8.41 -44.53
N ARG B 457 -10.94 8.35 -45.67
CA ARG B 457 -10.59 9.18 -46.81
C ARG B 457 -11.50 10.39 -46.85
N PRO B 458 -10.99 11.60 -46.67
CA PRO B 458 -11.86 12.78 -46.66
C PRO B 458 -12.51 13.01 -48.00
N ALA B 459 -13.25 12.00 -48.49
CA ALA B 459 -13.61 11.92 -49.89
C ALA B 459 -14.33 13.15 -50.43
N LEU B 460 -14.81 14.05 -49.58
CA LEU B 460 -15.29 15.32 -50.09
C LEU B 460 -14.25 16.42 -50.01
N ALA B 461 -13.08 16.16 -49.45
CA ALA B 461 -11.95 17.02 -49.74
C ALA B 461 -11.42 16.74 -51.15
N LEU B 462 -11.33 15.45 -51.50
CA LEU B 462 -10.66 15.04 -52.72
C LEU B 462 -11.53 15.23 -53.95
N ASP B 463 -12.84 15.02 -53.82
CA ASP B 463 -13.75 15.43 -54.88
C ASP B 463 -13.78 16.94 -55.04
N MET B 464 -13.25 17.69 -54.07
CA MET B 464 -13.41 19.13 -53.96
C MET B 464 -12.13 19.90 -54.20
N MET B 465 -11.01 19.39 -53.72
CA MET B 465 -9.73 20.07 -53.82
C MET B 465 -9.16 20.06 -55.18
N GLU B 466 -9.75 19.35 -56.14
CA GLU B 466 -9.11 19.17 -57.44
C GLU B 466 -8.77 20.48 -58.13
N PRO B 467 -9.69 21.44 -58.31
CA PRO B 467 -9.32 22.69 -58.99
C PRO B 467 -8.38 23.57 -58.19
N PHE B 468 -8.12 23.21 -56.94
CA PHE B 468 -7.15 23.92 -56.12
C PHE B 468 -5.93 23.07 -55.83
N ARG B 469 -5.96 21.80 -56.20
CA ARG B 469 -4.75 20.97 -56.15
C ARG B 469 -3.60 21.57 -56.94
N PRO B 470 -3.78 22.13 -58.14
CA PRO B 470 -2.70 22.93 -58.73
C PRO B 470 -2.65 24.35 -58.20
N LEU B 471 -3.82 24.93 -57.92
CA LEU B 471 -3.89 26.37 -57.68
C LEU B 471 -3.13 26.77 -56.42
N ILE B 472 -3.06 25.90 -55.42
CA ILE B 472 -2.53 26.33 -54.14
C ILE B 472 -1.29 25.54 -53.74
N ALA B 473 -1.43 24.24 -53.53
CA ALA B 473 -0.30 23.46 -53.05
C ALA B 473 0.74 23.20 -54.13
N ASP B 474 0.54 23.72 -55.33
CA ASP B 474 1.56 23.71 -56.36
C ASP B 474 2.21 25.09 -56.49
N SER B 475 1.41 26.13 -56.56
CA SER B 475 1.92 27.49 -56.58
C SER B 475 2.46 27.92 -55.24
N THR B 476 2.61 27.01 -54.30
CA THR B 476 3.29 27.29 -53.04
C THR B 476 4.50 26.41 -52.81
N VAL B 477 4.60 25.27 -53.49
CA VAL B 477 5.88 24.56 -53.55
C VAL B 477 6.74 25.14 -54.66
N LEU B 478 6.12 25.87 -55.60
CA LEU B 478 6.85 26.51 -56.68
C LEU B 478 7.51 27.80 -56.20
N MET B 479 6.71 28.76 -55.75
CA MET B 479 7.28 30.01 -55.28
C MET B 479 8.14 29.83 -54.05
N ALA B 480 7.99 28.72 -53.32
CA ALA B 480 8.95 28.44 -52.27
C ALA B 480 10.30 28.04 -52.81
N ILE B 481 10.40 27.72 -54.10
CA ILE B 481 11.68 27.53 -54.77
C ILE B 481 11.81 28.37 -56.04
N ASN B 482 10.71 28.80 -56.66
CA ASN B 482 10.80 29.79 -57.73
C ASN B 482 11.45 31.07 -57.21
N ASN B 483 10.99 31.55 -56.06
CA ASN B 483 11.68 32.63 -55.36
C ASN B 483 12.88 32.14 -54.58
N GLY B 484 13.19 30.85 -54.67
CA GLY B 484 14.44 30.30 -54.19
C GLY B 484 14.59 30.21 -52.68
N GLU B 485 13.50 30.29 -51.92
CA GLU B 485 13.63 30.17 -50.47
C GLU B 485 14.13 28.78 -50.08
N ILE B 486 13.57 27.74 -50.69
CA ILE B 486 13.84 26.36 -50.29
C ILE B 486 14.95 25.79 -51.15
N ARG B 487 16.03 25.35 -50.50
CA ARG B 487 17.14 24.70 -51.15
C ARG B 487 17.43 23.39 -50.44
N THR B 488 18.09 22.46 -51.17
CA THR B 488 18.44 21.12 -50.66
C THR B 488 19.24 21.25 -49.35
N GLY B 489 19.56 22.49 -48.96
CA GLY B 489 20.29 22.75 -47.71
C GLY B 489 19.32 23.03 -46.58
N ASP B 490 18.05 22.64 -46.78
CA ASP B 490 16.98 22.89 -45.77
C ASP B 490 16.26 21.57 -45.45
N PHE B 491 16.55 20.49 -46.18
CA PHE B 491 15.90 19.18 -45.92
C PHE B 491 16.94 18.07 -45.93
N VAL B 492 16.60 16.88 -45.41
CA VAL B 492 17.54 15.78 -45.37
C VAL B 492 16.86 14.54 -45.93
N ARG B 493 17.55 13.84 -46.83
CA ARG B 493 17.03 12.61 -47.39
C ARG B 493 17.08 11.51 -46.33
N SER B 494 16.29 11.66 -45.28
CA SER B 494 16.35 10.79 -44.11
C SER B 494 15.27 9.72 -44.23
N ALA B 495 15.67 8.50 -44.61
CA ALA B 495 14.78 7.35 -44.68
C ALA B 495 13.55 7.65 -45.54
N GLY B 496 13.77 8.33 -46.65
CA GLY B 496 12.70 8.73 -47.53
C GLY B 496 13.19 9.77 -48.52
N GLY B 497 12.25 10.47 -49.14
CA GLY B 497 12.62 11.54 -50.04
C GLY B 497 13.37 12.63 -49.30
N CYS B 498 12.67 13.40 -48.47
CA CYS B 498 13.29 14.42 -47.65
C CYS B 498 12.43 14.69 -46.44
N ASN B 499 13.00 15.41 -45.48
CA ASN B 499 12.27 15.90 -44.31
C ASN B 499 12.86 17.25 -43.95
N LEU B 500 12.03 18.28 -44.02
CA LEU B 500 12.52 19.65 -43.96
C LEU B 500 13.10 19.98 -42.58
N THR B 501 13.90 21.04 -42.55
CA THR B 501 14.22 21.68 -41.29
C THR B 501 12.95 22.24 -40.68
N ASP B 502 12.86 22.21 -39.36
CA ASP B 502 11.71 22.84 -38.71
C ASP B 502 11.61 24.30 -39.10
N SER B 503 12.74 24.97 -39.27
CA SER B 503 12.73 26.32 -39.83
C SER B 503 12.27 26.30 -41.27
N ALA B 504 12.72 25.32 -42.04
CA ALA B 504 12.23 25.17 -43.41
C ALA B 504 10.74 24.91 -43.42
N ARG B 505 10.26 24.05 -42.50
CA ARG B 505 8.83 23.84 -42.35
C ARG B 505 8.11 25.14 -42.04
N LYS B 506 8.70 25.95 -41.16
CA LYS B 506 8.01 27.14 -40.71
C LYS B 506 7.90 28.16 -41.84
N ARG B 507 9.00 28.40 -42.54
CA ARG B 507 8.95 29.32 -43.68
C ARG B 507 8.07 28.77 -44.80
N PHE B 508 8.04 27.45 -44.97
CA PHE B 508 7.17 26.87 -45.97
C PHE B 508 5.70 27.11 -45.61
N ILE B 509 5.31 26.75 -44.39
CA ILE B 509 3.94 27.02 -43.95
C ILE B 509 3.64 28.51 -44.05
N ALA B 510 4.65 29.34 -43.79
CA ALA B 510 4.48 30.77 -44.00
C ALA B 510 4.04 31.04 -45.43
N GLY B 511 4.88 30.68 -46.41
CA GLY B 511 4.50 30.84 -47.80
C GLY B 511 3.15 30.24 -48.11
N PHE B 512 2.81 29.15 -47.43
CA PHE B 512 1.47 28.58 -47.58
C PHE B 512 0.41 29.58 -47.17
N GLU B 513 0.64 30.27 -46.06
CA GLU B 513 -0.30 31.31 -45.66
C GLU B 513 -0.25 32.52 -46.57
N ARG B 514 0.91 32.80 -47.16
CA ARG B 514 0.97 33.82 -48.20
C ARG B 514 -0.01 33.51 -49.31
N ARG B 515 0.03 32.27 -49.82
CA ARG B 515 -0.92 31.87 -50.85
C ARG B 515 -2.34 31.84 -50.31
N MET B 516 -2.55 31.32 -49.10
CA MET B 516 -3.89 31.20 -48.55
C MET B 516 -4.52 32.57 -48.34
N GLU B 517 -3.70 33.56 -48.03
CA GLU B 517 -4.14 34.95 -47.97
C GLU B 517 -3.85 35.71 -49.26
N GLN B 518 -3.20 35.07 -50.23
CA GLN B 518 -3.13 35.66 -51.55
C GLN B 518 -4.54 35.86 -52.08
N GLU B 519 -4.75 36.96 -52.79
CA GLU B 519 -6.12 37.35 -53.08
C GLU B 519 -6.61 36.72 -54.38
N VAL B 520 -7.93 36.68 -54.52
CA VAL B 520 -8.60 36.19 -55.70
C VAL B 520 -9.91 36.96 -55.79
N THR B 521 -10.67 36.78 -56.88
CA THR B 521 -11.95 37.47 -56.99
C THR B 521 -12.97 36.56 -57.66
N HIS B 522 -14.22 36.97 -57.58
CA HIS B 522 -15.37 36.37 -58.25
C HIS B 522 -15.53 34.87 -57.97
N PRO B 523 -16.03 34.50 -56.80
CA PRO B 523 -16.50 33.11 -56.62
C PRO B 523 -17.58 32.75 -57.63
N ILE B 524 -18.69 33.47 -57.59
CA ILE B 524 -19.71 33.43 -58.63
C ILE B 524 -20.00 34.87 -59.06
N PHE B 525 -19.69 35.81 -58.17
CA PHE B 525 -19.93 37.23 -58.37
C PHE B 525 -18.71 38.02 -57.97
N LYS B 526 -18.54 39.19 -58.59
CA LYS B 526 -17.37 40.02 -58.37
C LYS B 526 -17.18 40.27 -56.88
N TYR B 527 -16.16 39.63 -56.29
CA TYR B 527 -16.01 39.69 -54.83
C TYR B 527 -14.58 39.24 -54.53
N THR B 528 -13.73 40.17 -54.11
CA THR B 528 -12.28 39.95 -54.03
C THR B 528 -11.89 39.63 -52.59
N ILE B 529 -11.41 38.41 -52.38
CA ILE B 529 -11.19 37.86 -51.03
C ILE B 529 -9.95 36.98 -50.99
N SER B 530 -9.53 36.66 -49.77
CA SER B 530 -8.47 35.69 -49.56
C SER B 530 -8.92 34.31 -50.04
N TYR B 531 -7.97 33.38 -50.09
CA TYR B 531 -8.32 32.06 -50.61
C TYR B 531 -9.17 31.27 -49.64
N ARG B 532 -9.19 31.62 -48.35
CA ARG B 532 -10.05 30.89 -47.43
C ARG B 532 -11.52 31.27 -47.59
N ARG B 533 -11.83 32.55 -47.76
CA ARG B 533 -13.23 32.92 -47.91
C ARG B 533 -13.81 32.33 -49.19
N LEU B 534 -13.03 32.34 -50.27
CA LEU B 534 -13.45 31.61 -51.46
C LEU B 534 -13.50 30.12 -51.20
N LEU B 535 -12.54 29.60 -50.44
CA LEU B 535 -12.41 28.17 -50.20
C LEU B 535 -13.56 27.65 -49.35
N GLU B 536 -14.31 28.55 -48.72
CA GLU B 536 -15.54 28.19 -48.00
C GLU B 536 -16.80 28.51 -48.80
N VAL B 537 -16.85 29.68 -49.43
CA VAL B 537 -18.02 30.00 -50.25
C VAL B 537 -18.14 29.00 -51.37
N GLN B 538 -17.07 28.30 -51.72
CA GLN B 538 -17.18 27.20 -52.67
C GLN B 538 -18.07 26.09 -52.11
N ALA B 539 -17.86 25.72 -50.85
CA ALA B 539 -18.75 24.74 -50.22
C ALA B 539 -20.17 25.26 -50.14
N ARG B 540 -20.33 26.55 -49.80
CA ARG B 540 -21.66 27.13 -49.77
C ARG B 540 -22.33 27.00 -51.13
N LEU B 541 -21.62 27.33 -52.20
CA LEU B 541 -22.15 27.21 -53.55
C LEU B 541 -22.46 25.76 -53.88
N LEU B 542 -21.65 24.83 -53.37
CA LEU B 542 -21.94 23.42 -53.59
C LEU B 542 -23.29 23.06 -53.00
N THR B 543 -23.49 23.39 -51.73
CA THR B 543 -24.77 23.13 -51.08
C THR B 543 -25.92 23.77 -51.84
N ARG B 544 -25.74 25.03 -52.23
CA ARG B 544 -26.76 25.71 -53.02
C ARG B 544 -27.02 24.98 -54.33
N TYR B 545 -26.00 24.34 -54.88
CA TYR B 545 -26.21 23.55 -56.09
C TYR B 545 -26.96 22.26 -55.77
N LEU B 546 -26.75 21.71 -54.59
CA LEU B 546 -27.42 20.47 -54.19
C LEU B 546 -28.89 20.73 -53.90
N SER B 547 -29.72 20.64 -54.94
CA SER B 547 -31.17 20.74 -54.80
C SER B 547 -31.60 22.12 -54.32
N GLY B 548 -30.64 23.01 -54.12
CA GLY B 548 -30.91 24.35 -53.65
C GLY B 548 -31.15 25.32 -54.78
N GLU B 549 -30.80 26.58 -54.53
CA GLU B 549 -31.06 27.63 -55.50
C GLU B 549 -30.31 27.40 -56.81
N ILE B 550 -28.99 27.33 -56.75
CA ILE B 550 -28.20 27.21 -57.98
C ILE B 550 -28.51 25.87 -58.64
N PRO B 551 -28.85 25.84 -59.93
CA PRO B 551 -29.22 24.58 -60.57
C PRO B 551 -28.06 23.91 -61.30
N ALA B 552 -26.97 24.64 -61.47
CA ALA B 552 -25.77 24.11 -62.12
C ALA B 552 -24.57 24.59 -61.32
N TYR B 553 -23.66 23.68 -61.02
CA TYR B 553 -22.60 23.98 -60.07
C TYR B 553 -21.58 24.92 -60.69
N PRO B 554 -21.35 26.10 -60.12
CA PRO B 554 -20.20 26.90 -60.54
C PRO B 554 -18.91 26.22 -60.16
N ASN B 555 -17.87 26.41 -60.98
CA ASN B 555 -16.73 25.53 -60.90
C ASN B 555 -15.41 26.26 -60.68
N PHE B 556 -15.32 27.55 -61.05
CA PHE B 556 -14.18 28.41 -60.73
C PHE B 556 -12.87 27.92 -61.35
N VAL B 557 -12.78 28.04 -62.66
CA VAL B 557 -11.49 28.16 -63.32
C VAL B 557 -11.14 29.65 -63.41
N THR B 558 -9.93 30.00 -62.99
CA THR B 558 -9.53 31.41 -62.90
C THR B 558 -9.63 32.12 -64.25
N ARG C 220 8.14 -14.72 15.67
CA ARG C 220 8.63 -13.92 16.78
C ARG C 220 9.86 -13.10 16.39
N GLY C 221 10.80 -12.96 17.32
CA GLY C 221 12.00 -12.20 17.07
C GLY C 221 13.03 -12.98 16.28
N LEU C 222 14.15 -12.32 16.02
CA LEU C 222 15.26 -12.92 15.27
C LEU C 222 16.55 -12.76 16.06
N PRO C 223 17.49 -13.70 15.90
CA PRO C 223 18.73 -13.67 16.69
C PRO C 223 19.57 -12.43 16.43
N LEU C 224 20.31 -12.04 17.46
CA LEU C 224 21.27 -10.94 17.43
C LEU C 224 22.67 -11.46 17.73
N TYR C 225 23.44 -11.71 16.67
CA TYR C 225 24.81 -12.18 16.82
C TYR C 225 25.77 -11.02 16.66
N VAL C 226 26.73 -10.92 17.58
CA VAL C 226 27.68 -9.82 17.63
C VAL C 226 29.07 -10.45 17.59
N GLN C 227 29.72 -10.38 16.43
CA GLN C 227 30.97 -11.08 16.20
C GLN C 227 32.17 -10.17 15.98
N SER C 228 31.95 -8.94 15.51
CA SER C 228 33.05 -8.02 15.33
C SER C 228 33.69 -7.72 16.68
N PRO C 229 35.02 -7.83 16.82
CA PRO C 229 35.63 -7.74 18.15
C PRO C 229 35.43 -6.41 18.85
N LYS C 230 35.14 -5.34 18.12
CA LYS C 230 35.06 -4.01 18.70
C LYS C 230 33.66 -3.41 18.54
N ALA C 231 32.64 -4.20 18.82
CA ALA C 231 31.26 -3.71 18.73
C ALA C 231 30.84 -3.04 20.03
N TYR C 232 30.11 -1.94 19.91
CA TYR C 232 29.64 -1.15 21.04
C TYR C 232 28.13 -1.04 20.90
N VAL C 233 27.40 -1.94 21.56
CA VAL C 233 25.95 -1.99 21.45
C VAL C 233 25.36 -1.02 22.46
N ARG C 234 24.57 -0.06 21.97
CA ARG C 234 23.93 0.92 22.83
C ARG C 234 22.49 1.11 22.39
N LYS C 235 21.59 1.18 23.37
CA LYS C 235 20.17 1.23 23.10
C LYS C 235 19.80 2.51 22.36
N ASP C 236 18.91 2.38 21.37
CA ASP C 236 18.24 3.50 20.75
C ASP C 236 16.75 3.20 20.82
N GLY C 237 16.14 3.52 21.96
CA GLY C 237 14.76 3.12 22.16
C GLY C 237 14.62 1.62 21.99
N ASP C 238 13.54 1.22 21.30
CA ASP C 238 13.30 -0.18 20.99
C ASP C 238 14.03 -0.62 19.72
N CYS C 239 15.05 0.11 19.29
CA CYS C 239 15.97 -0.32 18.25
C CYS C 239 17.36 -0.38 18.86
N LEU C 240 18.03 -1.51 18.72
CA LEU C 240 19.39 -1.66 19.22
C LEU C 240 20.36 -1.27 18.13
N VAL C 241 21.09 -0.18 18.36
CA VAL C 241 22.07 0.33 17.42
C VAL C 241 23.45 0.02 17.97
N ILE C 242 24.16 -0.90 17.32
CA ILE C 242 25.51 -1.25 17.74
C ILE C 242 26.46 -0.21 17.19
N GLU C 243 27.69 -0.20 17.69
CA GLU C 243 28.70 0.75 17.24
C GLU C 243 30.03 0.04 17.10
N GLU C 244 30.79 0.39 16.08
CA GLU C 244 32.13 -0.17 15.86
C GLU C 244 33.09 1.01 15.70
N GLU C 245 33.62 1.49 16.81
CA GLU C 245 34.52 2.65 16.84
C GLU C 245 33.82 3.89 16.26
N ARG C 246 32.79 4.32 16.98
CA ARG C 246 32.07 5.58 16.78
C ARG C 246 31.16 5.56 15.56
N VAL C 247 31.00 4.43 14.89
CA VAL C 247 30.08 4.32 13.76
C VAL C 247 29.18 3.11 13.98
N ARG C 248 27.89 3.31 13.74
CA ARG C 248 26.94 2.20 13.81
C ARG C 248 27.18 1.24 12.65
N VAL C 249 26.78 -0.01 12.85
CA VAL C 249 26.92 -1.05 11.84
C VAL C 249 25.56 -1.57 11.40
N ALA C 250 24.70 -1.92 12.36
CA ALA C 250 23.38 -2.42 12.04
C ALA C 250 22.43 -2.21 13.20
N GLU C 251 21.14 -2.34 12.92
CA GLU C 251 20.09 -2.13 13.90
C GLU C 251 19.09 -3.28 13.81
N ALA C 252 18.66 -3.77 14.97
CA ALA C 252 17.62 -4.77 15.06
C ALA C 252 16.47 -4.22 15.88
N ARG C 253 15.26 -4.43 15.39
CA ARG C 253 14.07 -3.98 16.12
C ARG C 253 13.91 -4.84 17.36
N LEU C 254 13.88 -4.20 18.53
CA LEU C 254 13.96 -4.94 19.77
C LEU C 254 12.83 -5.96 19.91
N GLY C 255 11.65 -5.63 19.40
CA GLY C 255 10.60 -6.63 19.32
C GLY C 255 10.98 -7.80 18.43
N GLU C 256 11.62 -7.51 17.30
CA GLU C 256 12.10 -8.53 16.38
C GLU C 256 13.41 -9.15 16.82
N THR C 257 13.90 -8.78 18.00
CA THR C 257 15.10 -9.41 18.57
C THR C 257 14.68 -10.67 19.31
N SER C 258 15.20 -11.82 18.88
CA SER C 258 14.90 -13.06 19.60
C SER C 258 15.82 -13.26 20.80
N GLN C 259 17.12 -13.39 20.56
CA GLN C 259 18.10 -13.50 21.62
C GLN C 259 19.34 -12.72 21.23
N VAL C 260 20.32 -12.68 22.12
CA VAL C 260 21.52 -11.88 21.93
C VAL C 260 22.74 -12.72 22.31
N ALA C 261 23.69 -12.82 21.39
CA ALA C 261 24.97 -13.48 21.62
C ALA C 261 26.08 -12.51 21.27
N LEU C 262 27.05 -12.39 22.16
CA LEU C 262 28.20 -11.52 21.99
C LEU C 262 29.46 -12.35 21.91
N PHE C 263 30.34 -12.03 20.96
CA PHE C 263 31.70 -12.53 21.05
C PHE C 263 32.47 -11.70 22.08
N GLY C 264 33.50 -12.32 22.66
CA GLY C 264 34.00 -11.89 23.95
C GLY C 264 34.38 -10.42 24.02
N ASN C 265 35.15 -9.95 23.04
CA ASN C 265 35.69 -8.60 23.12
C ASN C 265 34.64 -7.53 22.88
N ALA C 266 33.65 -7.80 22.02
CA ALA C 266 32.64 -6.81 21.67
C ALA C 266 31.87 -6.40 22.92
N THR C 267 31.90 -5.11 23.24
CA THR C 267 31.26 -4.60 24.44
C THR C 267 29.81 -4.22 24.17
N LEU C 268 29.16 -3.71 25.21
CA LEU C 268 27.73 -3.39 25.16
C LEU C 268 27.41 -2.54 26.37
N THR C 269 26.76 -1.39 26.15
CA THR C 269 26.47 -0.49 27.24
C THR C 269 25.49 -1.13 28.22
N THR C 270 25.62 -0.76 29.50
CA THR C 270 24.81 -1.39 30.52
C THR C 270 23.36 -0.94 30.46
N ALA C 271 23.09 0.26 29.95
CA ALA C 271 21.71 0.68 29.77
C ALA C 271 20.97 -0.27 28.84
N ALA C 272 21.58 -0.57 27.69
CA ALA C 272 20.97 -1.50 26.75
C ALA C 272 20.82 -2.88 27.37
N LEU C 273 21.81 -3.33 28.15
CA LEU C 273 21.71 -4.63 28.78
C LEU C 273 20.54 -4.68 29.74
N HIS C 274 20.54 -3.84 30.77
CA HIS C 274 19.46 -3.96 31.74
C HIS C 274 18.17 -3.31 31.25
N GLU C 275 18.09 -2.93 29.98
CA GLU C 275 16.79 -2.82 29.33
C GLU C 275 16.45 -4.09 28.56
N CYS C 276 17.45 -4.83 28.09
CA CYS C 276 17.21 -6.09 27.38
C CYS C 276 16.60 -7.13 28.31
N LEU C 277 17.12 -7.25 29.53
CA LEU C 277 16.46 -8.11 30.49
C LEU C 277 15.16 -7.51 30.97
N ARG C 278 15.04 -6.18 30.96
CA ARG C 278 13.73 -5.58 31.16
C ARG C 278 12.75 -6.04 30.09
N ARG C 279 13.26 -6.34 28.90
CA ARG C 279 12.49 -7.01 27.87
C ARG C 279 12.78 -8.51 27.83
N GLU C 280 13.48 -9.02 28.85
CA GLU C 280 13.78 -10.44 29.07
C GLU C 280 14.22 -11.18 27.81
N ILE C 281 14.88 -10.50 26.89
CA ILE C 281 15.50 -11.20 25.77
C ILE C 281 16.82 -11.76 26.26
N PRO C 282 17.05 -13.06 26.13
CA PRO C 282 18.22 -13.68 26.76
C PRO C 282 19.53 -13.17 26.16
N VAL C 283 20.55 -13.17 27.01
CA VAL C 283 21.87 -12.65 26.65
C VAL C 283 22.90 -13.73 26.94
N THR C 284 23.90 -13.85 26.06
CA THR C 284 25.03 -14.73 26.30
C THR C 284 26.25 -14.11 25.64
N TRP C 285 27.42 -14.49 26.14
CA TRP C 285 28.68 -14.11 25.51
C TRP C 285 29.43 -15.33 25.01
N LEU C 286 29.72 -15.34 23.72
CA LEU C 286 30.79 -16.16 23.19
C LEU C 286 32.13 -15.62 23.66
N SER C 287 33.15 -16.46 23.59
CA SER C 287 34.52 -15.98 23.69
C SER C 287 34.92 -15.40 22.34
N TYR C 288 36.21 -15.15 22.15
CA TYR C 288 36.67 -14.75 20.83
C TYR C 288 36.31 -15.80 19.78
N GLY C 289 36.48 -17.07 20.14
CA GLY C 289 36.03 -18.19 19.33
C GLY C 289 34.79 -18.89 19.86
N GLY C 290 34.12 -18.31 20.84
CA GLY C 290 32.89 -18.90 21.36
C GLY C 290 33.08 -20.01 22.37
N TRP C 291 33.66 -19.69 23.53
CA TRP C 291 33.71 -20.67 24.61
C TRP C 291 32.43 -20.69 25.43
N PHE C 292 31.70 -19.58 25.45
CA PHE C 292 30.41 -19.46 26.16
C PHE C 292 30.58 -19.59 27.67
N MET C 293 31.47 -18.78 28.23
CA MET C 293 31.46 -18.57 29.67
C MET C 293 30.39 -17.57 30.08
N GLY C 294 29.93 -16.73 29.14
CA GLY C 294 28.93 -15.74 29.42
C GLY C 294 27.57 -16.13 28.89
N HIS C 295 26.61 -16.26 29.80
CA HIS C 295 25.22 -16.48 29.43
C HIS C 295 24.36 -16.00 30.60
N THR C 296 23.41 -15.12 30.33
CA THR C 296 22.64 -14.54 31.42
C THR C 296 21.69 -15.58 32.02
N VAL C 297 21.26 -15.32 33.24
CA VAL C 297 20.16 -16.03 33.87
C VAL C 297 19.07 -15.02 34.18
N SER C 298 17.84 -15.33 33.77
CA SER C 298 16.74 -14.39 33.89
C SER C 298 16.14 -14.35 35.29
N THR C 299 16.88 -14.85 36.29
CA THR C 299 16.46 -14.77 37.69
C THR C 299 15.10 -15.42 37.92
N GLY C 300 14.85 -16.52 37.21
CA GLY C 300 13.63 -17.26 37.43
C GLY C 300 12.84 -17.62 36.18
N HIS C 301 12.54 -18.91 36.02
CA HIS C 301 11.67 -19.39 34.97
C HIS C 301 10.25 -19.64 35.47
N ARG C 302 10.05 -19.66 36.78
CA ARG C 302 8.74 -19.85 37.41
C ARG C 302 8.12 -21.20 37.06
N ASN C 303 8.95 -22.21 36.84
CA ASN C 303 8.51 -23.60 36.80
C ASN C 303 9.55 -24.41 37.57
N VAL C 304 9.36 -24.50 38.89
CA VAL C 304 10.20 -25.36 39.72
C VAL C 304 9.80 -26.82 39.60
N GLU C 305 8.60 -27.09 39.08
CA GLU C 305 8.16 -28.46 38.94
C GLU C 305 8.97 -29.19 37.88
N THR C 306 9.18 -28.54 36.73
CA THR C 306 10.05 -29.13 35.71
C THR C 306 11.48 -29.23 36.19
N ARG C 307 11.95 -28.22 36.93
CA ARG C 307 13.27 -28.28 37.55
C ARG C 307 13.41 -29.53 38.40
N THR C 308 12.44 -29.76 39.28
CA THR C 308 12.48 -30.92 40.16
C THR C 308 12.38 -32.22 39.37
N TYR C 309 11.48 -32.25 38.38
CA TYR C 309 11.42 -33.39 37.46
C TYR C 309 12.81 -33.77 36.98
N GLN C 310 13.48 -32.83 36.32
CA GLN C 310 14.72 -33.16 35.62
C GLN C 310 15.88 -33.41 36.58
N TYR C 311 15.92 -32.72 37.73
CA TYR C 311 16.89 -33.09 38.75
C TYR C 311 16.67 -34.50 39.28
N GLN C 312 15.47 -34.80 39.80
CA GLN C 312 15.26 -36.12 40.37
C GLN C 312 15.45 -37.21 39.33
N ARG C 313 15.14 -36.91 38.06
CA ARG C 313 15.31 -37.91 37.01
C ARG C 313 16.78 -38.08 36.63
N SER C 314 17.59 -37.03 36.77
CA SER C 314 19.03 -37.18 36.59
C SER C 314 19.66 -37.90 37.77
N PHE C 315 19.05 -37.81 38.94
CA PHE C 315 19.58 -38.52 40.11
C PHE C 315 19.26 -40.01 40.06
N ASP C 316 18.57 -40.48 39.02
CA ASP C 316 18.42 -41.90 38.74
C ASP C 316 19.20 -42.22 37.47
N PRO C 317 20.32 -42.94 37.57
CA PRO C 317 21.16 -43.16 36.38
C PRO C 317 20.50 -43.99 35.29
N GLU C 318 19.42 -44.71 35.60
CA GLU C 318 18.72 -45.45 34.56
C GLU C 318 18.27 -44.50 33.44
N THR C 319 17.59 -43.42 33.81
CA THR C 319 17.14 -42.45 32.82
C THR C 319 18.32 -41.83 32.09
N CYS C 320 19.38 -41.49 32.82
CA CYS C 320 20.55 -40.88 32.20
C CYS C 320 21.12 -41.78 31.11
N LEU C 321 21.40 -43.04 31.45
CA LEU C 321 22.03 -43.95 30.50
C LEU C 321 21.10 -44.29 29.34
N ASN C 322 19.81 -44.49 29.61
CA ASN C 322 18.90 -44.83 28.51
C ASN C 322 18.70 -43.65 27.58
N LEU C 323 18.64 -42.43 28.13
CA LEU C 323 18.58 -41.25 27.27
C LEU C 323 19.87 -41.10 26.47
N ALA C 324 21.01 -41.41 27.07
CA ALA C 324 22.25 -41.42 26.31
C ALA C 324 22.15 -42.38 25.13
N ARG C 325 21.79 -43.64 25.39
CA ARG C 325 21.78 -44.64 24.32
C ARG C 325 20.79 -44.25 23.22
N ARG C 326 19.66 -43.65 23.58
CA ARG C 326 18.78 -43.19 22.52
C ARG C 326 19.37 -41.99 21.79
N TRP C 327 20.24 -41.22 22.43
CA TRP C 327 20.97 -40.19 21.68
C TRP C 327 21.89 -40.83 20.64
N ILE C 328 22.59 -41.90 21.01
CA ILE C 328 23.45 -42.58 20.02
C ILE C 328 22.61 -43.11 18.86
N VAL C 329 21.51 -43.78 19.16
CA VAL C 329 20.63 -44.29 18.11
C VAL C 329 20.10 -43.14 17.27
N ALA C 330 19.91 -41.99 17.94
CA ALA C 330 19.39 -40.76 17.30
C ALA C 330 20.46 -40.15 16.39
N LYS C 331 21.73 -40.49 16.63
CA LYS C 331 22.84 -39.96 15.81
C LYS C 331 23.60 -41.11 15.13
N ILE C 332 23.10 -42.34 15.26
CA ILE C 332 23.79 -43.52 14.63
C ILE C 332 22.75 -44.50 14.06
N ALA C 333 21.53 -44.00 13.81
CA ALA C 333 20.44 -44.83 13.26
C ALA C 333 19.91 -44.20 11.96
N ASN C 334 20.51 -43.07 11.56
CA ASN C 334 20.09 -42.36 10.32
C ASN C 334 21.17 -41.34 9.93
N CYS C 335 22.31 -41.37 10.62
CA CYS C 335 23.43 -40.43 10.33
C CYS C 335 24.14 -40.84 9.03
N ARG C 336 24.40 -42.14 8.87
CA ARG C 336 25.09 -42.66 7.66
C ARG C 336 24.18 -42.49 6.44
N THR C 337 22.86 -42.41 6.67
CA THR C 337 21.88 -42.24 5.57
C THR C 337 21.84 -40.78 5.13
N LEU C 338 22.31 -39.87 5.99
CA LEU C 338 22.32 -38.42 5.68
C LEU C 338 23.61 -38.06 4.95
N LEU C 339 24.62 -38.93 5.02
CA LEU C 339 25.92 -38.68 4.34
C LEU C 339 25.96 -39.48 3.03
N ARG C 340 25.15 -40.53 2.92
CA ARG C 340 25.11 -41.37 1.69
C ARG C 340 24.12 -40.75 0.69
N ARG C 341 23.32 -39.79 1.14
CA ARG C 341 22.32 -39.11 0.27
C ARG C 341 22.96 -37.87 -0.36
N ASN C 342 24.20 -37.57 0.01
CA ASN C 342 24.92 -36.39 -0.53
C ASN C 342 26.43 -36.64 -0.50
N TRP C 343 26.86 -37.85 -0.89
CA TRP C 343 28.30 -38.22 -0.90
C TRP C 343 28.92 -37.87 -2.26
N ARG C 344 30.09 -37.25 -2.23
CA ARG C 344 30.80 -36.85 -3.49
C ARG C 344 32.11 -37.63 -3.60
N GLY C 345 32.13 -38.70 -4.40
CA GLY C 345 33.33 -39.54 -4.58
C GLY C 345 33.94 -39.34 -5.96
N GLU C 346 34.87 -40.23 -6.35
CA GLU C 346 35.54 -40.15 -7.67
C GLU C 346 35.57 -41.54 -8.30
N GLY C 347 35.47 -42.59 -7.48
CA GLY C 347 35.49 -43.98 -7.97
C GLY C 347 35.26 -44.98 -6.84
N ASP C 348 34.24 -45.83 -6.98
CA ASP C 348 33.91 -46.85 -5.95
C ASP C 348 33.78 -46.17 -4.58
N GLU C 349 32.99 -45.09 -4.51
CA GLU C 349 32.78 -44.33 -3.26
C GLU C 349 31.57 -43.40 -3.42
N ALA C 350 31.07 -43.26 -4.65
CA ALA C 350 29.90 -42.39 -4.93
C ALA C 350 28.76 -42.71 -3.96
N LYS C 351 28.25 -43.95 -3.99
CA LYS C 351 27.14 -44.37 -3.10
C LYS C 351 27.72 -44.85 -1.76
N ALA C 352 26.85 -45.13 -0.79
CA ALA C 352 27.29 -45.59 0.55
C ALA C 352 28.25 -46.78 0.40
N PRO C 353 29.51 -46.67 0.89
CA PRO C 353 30.47 -47.77 0.77
C PRO C 353 29.90 -49.09 1.31
N PRO C 354 29.88 -50.18 0.50
CA PRO C 354 29.34 -51.47 0.94
C PRO C 354 30.09 -52.04 2.15
N GLY C 355 31.42 -51.82 2.21
CA GLY C 355 32.25 -52.32 3.31
C GLY C 355 32.22 -51.40 4.53
N LEU C 356 31.62 -50.21 4.37
CA LEU C 356 31.52 -49.24 5.49
C LEU C 356 30.07 -49.20 6.01
N LEU C 357 29.13 -49.69 5.20
CA LEU C 357 27.70 -49.70 5.60
C LEU C 357 27.48 -50.74 6.71
N MET C 358 27.98 -51.96 6.52
CA MET C 358 27.83 -53.04 7.52
C MET C 358 28.82 -52.80 8.67
N SER C 359 29.98 -52.22 8.37
CA SER C 359 31.03 -51.94 9.39
C SER C 359 30.47 -50.95 10.43
N LEU C 360 29.71 -49.94 9.97
CA LEU C 360 29.11 -48.92 10.87
C LEU C 360 27.78 -49.44 11.42
N GLN C 361 27.26 -50.53 10.83
CA GLN C 361 25.98 -51.13 11.27
C GLN C 361 26.20 -51.92 12.56
N ASP C 362 27.44 -52.37 12.80
CA ASP C 362 27.77 -53.15 14.02
C ASP C 362 27.50 -52.28 15.26
N ASP C 363 27.85 -50.99 15.19
CA ASP C 363 27.65 -50.05 16.33
C ASP C 363 26.15 -49.80 16.51
N MET C 364 25.39 -49.79 15.41
CA MET C 364 23.93 -49.56 15.45
C MET C 364 23.26 -50.69 16.24
N ARG C 365 23.73 -51.93 16.05
CA ARG C 365 23.16 -53.11 16.76
C ARG C 365 23.72 -53.17 18.18
N HIS C 366 24.87 -52.53 18.40
CA HIS C 366 25.52 -52.52 19.75
C HIS C 366 25.07 -51.28 20.52
N ALA C 367 24.16 -50.48 19.95
CA ALA C 367 23.65 -49.26 20.61
C ALA C 367 22.25 -49.51 21.16
N MET C 368 21.90 -50.79 21.37
CA MET C 368 20.58 -51.15 21.90
C MET C 368 20.56 -51.13 23.42
N ARG C 369 21.42 -51.93 24.04
CA ARG C 369 21.46 -52.06 25.50
C ARG C 369 22.77 -51.44 25.99
N ALA C 370 22.72 -50.17 26.35
CA ALA C 370 23.91 -49.47 26.82
C ALA C 370 24.27 -49.89 28.24
N PRO C 371 25.46 -50.44 28.49
CA PRO C 371 25.78 -50.96 29.83
C PRO C 371 25.76 -49.91 30.94
N SER C 372 26.61 -48.90 30.84
CA SER C 372 26.77 -47.90 31.88
C SER C 372 27.75 -46.83 31.38
N LEU C 373 27.87 -45.75 32.14
CA LEU C 373 28.43 -44.50 31.62
C LEU C 373 29.78 -44.70 30.94
N GLU C 374 30.66 -45.51 31.53
CA GLU C 374 32.05 -45.55 31.11
C GLU C 374 32.18 -45.99 29.65
N VAL C 375 31.55 -47.09 29.27
CA VAL C 375 31.70 -47.59 27.90
C VAL C 375 31.00 -46.65 26.91
N LEU C 376 29.83 -46.14 27.30
CA LEU C 376 29.14 -45.15 26.47
C LEU C 376 30.10 -44.06 26.00
N LEU C 377 30.83 -43.44 26.92
CA LEU C 377 31.68 -42.31 26.56
C LEU C 377 32.69 -42.69 25.48
N GLY C 378 33.08 -43.96 25.40
CA GLY C 378 34.08 -44.35 24.42
C GLY C 378 33.57 -44.60 23.01
N ILE C 379 32.76 -45.65 22.84
CA ILE C 379 32.48 -46.17 21.49
C ILE C 379 31.79 -45.12 20.64
N GLU C 380 30.83 -44.39 21.21
CA GLU C 380 30.14 -43.35 20.47
C GLU C 380 31.14 -42.42 19.80
N GLY C 381 32.15 -41.99 20.55
CA GLY C 381 33.20 -41.19 19.94
C GLY C 381 33.96 -41.97 18.89
N ALA C 382 34.42 -43.17 19.25
CA ALA C 382 35.16 -44.00 18.30
C ALA C 382 34.29 -44.35 17.10
N SER C 383 33.03 -44.69 17.34
CA SER C 383 32.10 -44.86 16.22
C SER C 383 31.91 -43.55 15.48
N ALA C 384 31.77 -42.44 16.21
CA ALA C 384 31.83 -41.14 15.54
C ALA C 384 33.17 -40.95 14.88
N GLY C 385 34.23 -41.53 15.46
CA GLY C 385 35.51 -41.57 14.78
C GLY C 385 35.38 -42.18 13.40
N ARG C 386 34.61 -43.26 13.28
CA ARG C 386 34.34 -43.84 11.97
C ARG C 386 33.62 -42.84 11.08
N TYR C 387 32.66 -42.11 11.66
CA TYR C 387 32.11 -40.94 10.97
C TYR C 387 33.18 -39.89 10.77
N PHE C 388 34.00 -39.65 11.81
CA PHE C 388 34.99 -38.59 11.74
C PHE C 388 35.93 -38.76 10.56
N GLN C 389 36.53 -39.95 10.41
CA GLN C 389 37.38 -40.20 9.26
C GLN C 389 36.65 -39.85 7.97
N HIS C 390 35.38 -40.26 7.87
CA HIS C 390 34.62 -40.07 6.65
C HIS C 390 34.02 -38.68 6.51
N PHE C 391 34.42 -37.71 7.34
CA PHE C 391 33.95 -36.35 7.13
C PHE C 391 34.62 -35.71 5.93
N SER C 392 35.93 -35.88 5.80
CA SER C 392 36.63 -35.37 4.62
C SER C 392 36.54 -36.35 3.47
N ARG C 393 35.34 -36.83 3.16
CA ARG C 393 35.13 -37.65 1.99
C ARG C 393 33.88 -37.27 1.21
N MET C 394 33.15 -36.24 1.64
CA MET C 394 32.17 -35.59 0.79
C MET C 394 32.47 -34.12 0.56
N LEU C 395 33.03 -33.44 1.56
CA LEU C 395 33.26 -32.00 1.47
C LEU C 395 34.17 -31.67 0.29
N ARG C 396 33.67 -30.81 -0.60
CA ARG C 396 34.44 -30.26 -1.71
C ARG C 396 35.12 -31.36 -2.53
N GLY C 397 34.46 -32.50 -2.64
CA GLY C 397 35.00 -33.62 -3.40
C GLY C 397 36.41 -34.01 -2.98
N GLY C 398 36.55 -34.53 -1.77
CA GLY C 398 37.85 -34.70 -1.17
C GLY C 398 38.35 -33.41 -0.56
N ASP C 399 39.53 -33.48 0.04
CA ASP C 399 40.06 -32.35 0.79
C ASP C 399 40.12 -31.10 -0.09
N GLY C 400 39.69 -29.98 0.48
CA GLY C 400 39.58 -28.74 -0.27
C GLY C 400 40.92 -28.12 -0.61
N GLU C 401 40.93 -26.79 -0.79
CA GLU C 401 42.15 -26.11 -1.18
C GLU C 401 42.98 -25.76 0.04
N GLY C 402 43.21 -26.74 0.92
CA GLY C 402 43.86 -26.51 2.19
C GLY C 402 42.97 -26.83 3.36
N MET C 403 41.96 -27.68 3.11
CA MET C 403 41.03 -28.14 4.14
C MET C 403 41.23 -29.62 4.38
N GLY C 404 41.46 -29.99 5.64
CA GLY C 404 41.58 -31.38 6.00
C GLY C 404 41.06 -31.65 7.40
N PHE C 405 40.12 -32.59 7.54
CA PHE C 405 39.60 -32.98 8.84
C PHE C 405 40.40 -34.15 9.36
N ASP C 406 41.49 -33.85 10.06
CA ASP C 406 42.18 -34.88 10.81
C ASP C 406 41.23 -35.35 11.90
N PHE C 407 40.71 -36.56 11.72
CA PHE C 407 39.74 -37.12 12.67
C PHE C 407 40.35 -37.35 14.04
N THR C 408 41.67 -37.29 14.16
CA THR C 408 42.30 -37.32 15.48
C THR C 408 42.33 -35.95 16.13
N THR C 409 42.09 -34.88 15.37
CA THR C 409 42.15 -33.53 15.90
C THR C 409 40.82 -33.06 16.49
N ARG C 410 39.74 -33.82 16.33
CA ARG C 410 38.48 -33.45 16.96
C ARG C 410 38.60 -33.58 18.47
N ASN C 411 37.91 -32.69 19.18
CA ASN C 411 37.98 -32.60 20.64
C ASN C 411 39.42 -32.33 21.10
N ARG C 412 39.95 -31.20 20.65
CA ARG C 412 41.23 -30.69 21.10
C ARG C 412 41.06 -29.19 21.36
N ARG C 413 41.42 -28.76 22.57
CA ARG C 413 41.18 -27.38 22.98
C ARG C 413 41.76 -26.35 22.00
N PRO C 414 43.01 -26.46 21.54
CA PRO C 414 43.45 -25.61 20.44
C PRO C 414 42.83 -26.09 19.14
N PRO C 415 42.26 -25.20 18.34
CA PRO C 415 41.67 -25.63 17.07
C PRO C 415 42.77 -26.01 16.09
N LYS C 416 42.97 -27.32 15.92
CA LYS C 416 44.13 -27.78 15.15
C LYS C 416 43.91 -27.64 13.65
N ASP C 417 42.97 -28.38 13.09
CA ASP C 417 42.72 -28.30 11.67
C ASP C 417 42.04 -26.98 11.34
N PRO C 418 42.11 -26.53 10.08
CA PRO C 418 41.29 -25.39 9.69
C PRO C 418 39.80 -25.67 9.78
N VAL C 419 39.42 -26.95 9.74
CA VAL C 419 38.01 -27.30 9.80
C VAL C 419 37.55 -27.59 11.23
N ASN C 420 38.42 -28.18 12.05
CA ASN C 420 38.06 -28.36 13.46
C ASN C 420 37.82 -27.03 14.16
N ALA C 421 38.43 -25.94 13.67
CA ALA C 421 38.05 -24.62 14.15
C ALA C 421 36.58 -24.35 13.85
N LEU C 422 36.17 -24.57 12.61
CA LEU C 422 34.79 -24.31 12.20
C LEU C 422 33.83 -25.22 12.98
N LEU C 423 34.18 -26.50 13.10
CA LEU C 423 33.34 -27.44 13.84
C LEU C 423 33.25 -27.05 15.31
N SER C 424 34.35 -26.60 15.90
CA SER C 424 34.33 -26.18 17.30
C SER C 424 33.40 -24.99 17.49
N PHE C 425 33.51 -23.98 16.61
CA PHE C 425 32.62 -22.83 16.73
C PHE C 425 31.16 -23.24 16.56
N ALA C 426 30.89 -24.10 15.56
CA ALA C 426 29.53 -24.57 15.35
C ALA C 426 29.01 -25.31 16.56
N TYR C 427 29.84 -26.19 17.13
CA TYR C 427 29.40 -27.00 18.26
C TYR C 427 29.08 -26.11 19.46
N ALA C 428 29.94 -25.13 19.73
CA ALA C 428 29.69 -24.25 20.88
C ALA C 428 28.44 -23.39 20.67
N MET C 429 28.27 -22.82 19.47
CA MET C 429 27.13 -21.93 19.32
C MET C 429 25.83 -22.70 19.22
N LEU C 430 25.86 -23.92 18.69
CA LEU C 430 24.68 -24.77 18.80
C LEU C 430 24.47 -25.21 20.24
N THR C 431 25.54 -25.31 21.03
CA THR C 431 25.38 -25.58 22.46
C THR C 431 24.57 -24.47 23.11
N ARG C 432 24.89 -23.22 22.77
CA ARG C 432 24.07 -22.11 23.26
C ARG C 432 22.65 -22.22 22.71
N GLU C 433 22.53 -22.56 21.43
CA GLU C 433 21.21 -22.66 20.80
C GLU C 433 20.36 -23.71 21.48
N TRP C 434 20.97 -24.69 22.12
CA TRP C 434 20.22 -25.64 22.95
C TRP C 434 20.01 -25.13 24.36
N THR C 435 20.97 -24.38 24.92
CA THR C 435 20.78 -23.80 26.24
C THR C 435 19.57 -22.88 26.27
N VAL C 436 19.36 -22.13 25.19
CA VAL C 436 18.23 -21.20 25.15
C VAL C 436 16.92 -21.98 25.16
N ALA C 437 16.86 -23.11 24.45
CA ALA C 437 15.68 -23.97 24.51
C ALA C 437 15.48 -24.52 25.91
N LEU C 438 16.56 -24.91 26.58
CA LEU C 438 16.46 -25.38 27.95
C LEU C 438 15.89 -24.29 28.86
N ALA C 439 16.37 -23.06 28.70
CA ALA C 439 15.86 -21.95 29.51
C ALA C 439 14.40 -21.68 29.21
N ALA C 440 14.01 -21.80 27.94
CA ALA C 440 12.63 -21.47 27.55
C ALA C 440 11.62 -22.36 28.27
N VAL C 441 11.96 -23.63 28.46
CA VAL C 441 11.10 -24.55 29.21
C VAL C 441 11.64 -24.81 30.61
N GLY C 442 12.56 -23.98 31.09
CA GLY C 442 13.05 -24.07 32.44
C GLY C 442 14.12 -25.12 32.68
N LEU C 443 14.52 -25.86 31.66
CA LEU C 443 15.60 -26.83 31.84
C LEU C 443 16.93 -26.09 32.01
N ASP C 444 17.90 -26.78 32.60
CA ASP C 444 19.20 -26.21 32.82
C ASP C 444 20.26 -27.02 32.11
N PRO C 445 21.28 -26.40 31.54
CA PRO C 445 22.37 -27.15 30.94
C PRO C 445 23.37 -27.60 31.98
N TYR C 446 23.02 -27.36 33.24
CA TYR C 446 23.95 -27.58 34.34
C TYR C 446 24.11 -29.06 34.67
N ARG C 447 23.01 -29.81 34.70
CA ARG C 447 23.01 -31.19 35.15
C ARG C 447 23.07 -32.11 33.94
N GLY C 448 24.21 -32.75 33.73
CA GLY C 448 24.46 -33.57 32.55
C GLY C 448 24.40 -35.05 32.86
N PHE C 449 23.82 -35.81 31.94
CA PHE C 449 23.66 -37.26 32.14
C PHE C 449 25.00 -37.98 31.97
N TYR C 450 25.56 -37.95 30.75
CA TYR C 450 26.88 -38.51 30.49
C TYR C 450 27.90 -37.43 30.17
N HIS C 451 27.47 -36.28 29.66
CA HIS C 451 28.30 -35.08 29.65
C HIS C 451 28.33 -34.55 31.08
N GLN C 452 29.25 -35.11 31.87
CA GLN C 452 29.41 -34.66 33.24
C GLN C 452 29.70 -33.15 33.24
N PRO C 453 29.15 -32.40 34.18
CA PRO C 453 29.32 -30.94 34.14
C PRO C 453 30.79 -30.53 34.17
N ARG C 454 31.25 -29.97 33.06
CA ARG C 454 32.62 -29.48 32.93
C ARG C 454 32.57 -27.97 32.81
N PHE C 455 33.53 -27.30 33.44
CA PHE C 455 33.52 -25.85 33.47
C PHE C 455 33.54 -25.25 32.08
N GLY C 456 34.14 -25.96 31.11
CA GLY C 456 34.21 -25.44 29.76
C GLY C 456 32.88 -25.38 29.05
N ARG C 457 32.03 -26.37 29.26
CA ARG C 457 30.83 -26.47 28.43
C ARG C 457 29.58 -26.74 29.26
N PRO C 458 28.44 -26.25 28.81
CA PRO C 458 27.16 -26.58 29.48
C PRO C 458 26.83 -28.05 29.33
N ALA C 459 26.56 -28.72 30.46
CA ALA C 459 26.49 -30.18 30.47
C ALA C 459 25.26 -30.70 29.75
N LEU C 460 24.07 -30.40 30.28
CA LEU C 460 22.85 -30.92 29.68
C LEU C 460 22.64 -30.37 28.27
N ALA C 461 23.18 -29.18 28.00
CA ALA C 461 23.16 -28.66 26.64
C ALA C 461 23.84 -29.63 25.69
N LEU C 462 25.02 -30.14 26.07
CA LEU C 462 25.65 -31.19 25.28
C LEU C 462 24.79 -32.45 25.28
N ASP C 463 24.23 -32.80 26.44
CA ASP C 463 23.46 -34.03 26.58
C ASP C 463 22.30 -34.08 25.61
N MET C 464 21.77 -32.94 25.21
CA MET C 464 20.68 -32.92 24.25
C MET C 464 20.99 -32.22 22.95
N MET C 465 22.23 -31.79 22.72
CA MET C 465 22.64 -31.39 21.38
C MET C 465 23.37 -32.48 20.64
N GLU C 466 23.89 -33.47 21.36
CA GLU C 466 24.71 -34.51 20.72
C GLU C 466 24.00 -35.17 19.52
N PRO C 467 22.73 -35.56 19.60
CA PRO C 467 22.07 -36.07 18.38
C PRO C 467 21.98 -35.06 17.26
N PHE C 468 21.96 -33.77 17.57
CA PHE C 468 21.86 -32.73 16.56
C PHE C 468 23.21 -32.14 16.16
N ARG C 469 24.30 -32.63 16.76
CA ARG C 469 25.63 -32.32 16.24
C ARG C 469 25.77 -32.64 14.76
N PRO C 470 25.40 -33.84 14.27
CA PRO C 470 25.52 -34.12 12.84
C PRO C 470 24.51 -33.36 12.00
N LEU C 471 23.24 -33.43 12.42
CA LEU C 471 22.15 -32.94 11.58
C LEU C 471 22.22 -31.43 11.39
N ILE C 472 22.79 -30.69 12.33
CA ILE C 472 22.87 -29.24 12.20
C ILE C 472 24.31 -28.77 12.38
N ALA C 473 24.92 -29.11 13.52
CA ALA C 473 26.25 -28.61 13.83
C ALA C 473 27.29 -29.13 12.84
N ASP C 474 27.19 -30.39 12.44
CA ASP C 474 28.04 -30.86 11.35
C ASP C 474 27.53 -30.41 10.00
N SER C 475 26.20 -30.23 9.88
CA SER C 475 25.63 -29.83 8.60
C SER C 475 26.11 -28.45 8.19
N THR C 476 26.26 -27.53 9.14
CA THR C 476 26.72 -26.19 8.79
C THR C 476 28.13 -26.22 8.21
N VAL C 477 29.02 -27.01 8.81
CA VAL C 477 30.39 -27.11 8.30
C VAL C 477 30.39 -27.84 6.96
N LEU C 478 29.54 -28.86 6.81
CA LEU C 478 29.47 -29.59 5.57
C LEU C 478 29.03 -28.69 4.42
N MET C 479 27.91 -27.98 4.60
CA MET C 479 27.45 -27.02 3.61
C MET C 479 28.38 -25.82 3.51
N ALA C 480 29.20 -25.57 4.52
CA ALA C 480 30.16 -24.48 4.48
C ALA C 480 31.30 -24.80 3.52
N ILE C 481 31.84 -26.02 3.62
CA ILE C 481 32.93 -26.41 2.73
C ILE C 481 32.42 -26.72 1.33
N ASN C 482 31.32 -27.45 1.21
CA ASN C 482 30.91 -27.94 -0.11
C ASN C 482 30.39 -26.82 -1.00
N ASN C 483 29.63 -25.88 -0.42
CA ASN C 483 29.11 -24.77 -1.20
C ASN C 483 30.17 -23.72 -1.52
N GLY C 484 31.41 -23.94 -1.10
CA GLY C 484 32.53 -23.14 -1.53
C GLY C 484 32.71 -21.82 -0.81
N GLU C 485 31.82 -21.45 0.11
CA GLU C 485 32.02 -20.22 0.84
C GLU C 485 33.17 -20.33 1.84
N ILE C 486 33.55 -21.55 2.20
CA ILE C 486 34.73 -21.78 3.03
C ILE C 486 35.93 -21.91 2.10
N ARG C 487 36.87 -20.98 2.24
CA ARG C 487 38.12 -20.99 1.50
C ARG C 487 39.28 -20.97 2.47
N THR C 488 40.31 -21.75 2.17
CA THR C 488 41.45 -21.86 3.08
C THR C 488 42.15 -20.52 3.29
N GLY C 489 42.08 -19.63 2.31
CA GLY C 489 42.68 -18.32 2.46
C GLY C 489 41.92 -17.42 3.40
N ASP C 490 41.60 -17.92 4.59
CA ASP C 490 40.85 -17.15 5.58
C ASP C 490 41.36 -17.37 6.99
N PHE C 491 42.62 -17.77 7.17
CA PHE C 491 43.11 -18.20 8.47
C PHE C 491 44.41 -17.50 8.85
N VAL C 492 44.66 -17.44 10.15
CA VAL C 492 45.98 -17.20 10.73
C VAL C 492 46.24 -18.35 11.70
N ARG C 493 47.41 -18.96 11.60
CA ARG C 493 47.59 -20.26 12.21
C ARG C 493 48.76 -20.26 13.20
N SER C 494 49.10 -21.47 13.66
CA SER C 494 50.23 -21.75 14.55
C SER C 494 49.94 -21.33 15.98
N ALA C 495 48.81 -20.67 16.22
CA ALA C 495 48.44 -20.33 17.59
C ALA C 495 47.76 -21.52 18.28
N GLY C 496 46.60 -21.93 17.77
CA GLY C 496 45.96 -23.15 18.23
C GLY C 496 46.16 -24.26 17.23
N GLY C 497 47.12 -24.07 16.34
CA GLY C 497 47.28 -24.88 15.15
C GLY C 497 46.65 -24.28 13.92
N CYS C 498 45.56 -23.54 14.09
CA CYS C 498 44.90 -22.78 13.05
C CYS C 498 43.81 -21.95 13.70
N ASN C 499 43.52 -20.78 13.11
CA ASN C 499 42.54 -19.87 13.68
C ASN C 499 41.84 -19.15 12.54
N LEU C 500 40.54 -18.96 12.68
CA LEU C 500 39.70 -18.40 11.62
C LEU C 500 39.61 -16.89 11.79
N THR C 501 39.82 -16.16 10.69
CA THR C 501 39.70 -14.72 10.67
C THR C 501 38.30 -14.34 10.17
N ASP C 502 38.10 -13.05 9.89
CA ASP C 502 36.82 -12.58 9.38
C ASP C 502 36.65 -13.00 7.91
N SER C 503 35.53 -12.58 7.33
CA SER C 503 35.18 -12.79 5.93
C SER C 503 34.80 -14.24 5.67
N ALA C 504 35.00 -15.10 6.65
CA ALA C 504 34.51 -16.47 6.61
C ALA C 504 33.76 -16.85 7.88
N ARG C 505 34.21 -16.39 9.04
CA ARG C 505 33.45 -16.60 10.27
C ARG C 505 32.12 -15.87 10.20
N LYS C 506 32.13 -14.63 9.68
CA LYS C 506 30.88 -13.92 9.42
C LYS C 506 30.03 -14.67 8.42
N ARG C 507 30.66 -15.34 7.45
CA ARG C 507 29.92 -16.17 6.52
C ARG C 507 29.50 -17.48 7.16
N PHE C 508 30.34 -18.06 8.01
CA PHE C 508 30.05 -19.37 8.59
C PHE C 508 28.85 -19.33 9.52
N ILE C 509 28.87 -18.42 10.50
CA ILE C 509 27.84 -18.45 11.54
C ILE C 509 26.48 -18.09 10.95
N ALA C 510 26.44 -17.15 10.02
CA ALA C 510 25.21 -16.91 9.28
C ALA C 510 24.83 -18.14 8.45
N GLY C 511 25.82 -18.89 7.97
CA GLY C 511 25.51 -20.15 7.29
C GLY C 511 24.79 -21.12 8.20
N PHE C 512 25.29 -21.27 9.42
CA PHE C 512 24.55 -22.00 10.45
C PHE C 512 23.15 -21.41 10.59
N GLU C 513 23.04 -20.10 10.48
CA GLU C 513 21.75 -19.44 10.70
C GLU C 513 20.72 -19.87 9.66
N ARG C 514 21.11 -19.92 8.38
CA ARG C 514 20.10 -20.31 7.38
C ARG C 514 19.57 -21.73 7.63
N ARG C 515 20.44 -22.65 8.04
CA ARG C 515 20.00 -24.03 8.20
C ARG C 515 18.94 -24.18 9.28
N MET C 516 19.09 -23.45 10.40
CA MET C 516 18.23 -23.63 11.55
C MET C 516 16.88 -22.94 11.41
N GLU C 517 16.65 -22.18 10.34
CA GLU C 517 15.38 -21.49 10.15
C GLU C 517 14.44 -22.18 9.18
N GLN C 518 14.93 -23.10 8.35
CA GLN C 518 14.06 -23.79 7.40
C GLN C 518 13.40 -24.97 8.09
N GLU C 519 12.32 -25.46 7.52
CA GLU C 519 11.27 -26.15 8.25
C GLU C 519 11.17 -27.61 7.80
N VAL C 520 11.02 -28.52 8.78
CA VAL C 520 10.97 -29.96 8.53
C VAL C 520 9.88 -30.57 9.41
N THR C 521 9.22 -31.61 8.90
CA THR C 521 8.12 -32.23 9.66
C THR C 521 8.64 -32.95 10.88
N HIS C 522 7.83 -32.96 11.93
CA HIS C 522 8.11 -33.79 13.10
C HIS C 522 7.65 -35.21 12.84
N PRO C 523 8.49 -36.22 13.12
CA PRO C 523 8.10 -37.61 12.81
C PRO C 523 6.84 -38.07 13.52
N ILE C 524 6.64 -37.64 14.77
CA ILE C 524 5.54 -38.15 15.59
C ILE C 524 4.36 -37.18 15.59
N PHE C 525 4.62 -35.90 15.86
CA PHE C 525 3.56 -34.89 15.85
C PHE C 525 3.14 -34.50 14.44
N LYS C 526 3.84 -35.00 13.42
CA LYS C 526 3.50 -34.96 12.00
C LYS C 526 3.30 -33.55 11.45
N TYR C 527 3.61 -32.51 12.22
CA TYR C 527 3.54 -31.16 11.66
C TYR C 527 4.94 -30.63 11.41
N THR C 528 5.02 -29.67 10.49
CA THR C 528 6.29 -29.17 9.98
C THR C 528 6.70 -27.95 10.80
N ILE C 529 7.91 -27.99 11.36
CA ILE C 529 8.34 -27.01 12.35
C ILE C 529 9.79 -26.60 12.05
N SER C 530 10.15 -25.39 12.49
CA SER C 530 11.51 -24.89 12.32
C SER C 530 12.46 -25.52 13.33
N TYR C 531 13.74 -25.62 12.94
CA TYR C 531 14.74 -26.28 13.78
C TYR C 531 14.88 -25.65 15.15
N ARG C 532 14.84 -24.32 15.25
CA ARG C 532 14.86 -23.74 16.58
C ARG C 532 13.59 -24.10 17.33
N ARG C 533 12.44 -23.92 16.68
CA ARG C 533 11.19 -24.38 17.25
C ARG C 533 11.19 -25.89 17.42
N LEU C 534 11.91 -26.62 16.54
CA LEU C 534 12.02 -28.06 16.71
C LEU C 534 12.78 -28.42 17.98
N LEU C 535 13.85 -27.70 18.28
CA LEU C 535 14.60 -27.92 19.51
C LEU C 535 13.75 -27.57 20.73
N GLU C 536 13.00 -26.48 20.64
CA GLU C 536 12.09 -26.13 21.73
C GLU C 536 11.07 -27.23 21.95
N VAL C 537 10.52 -27.79 20.87
CA VAL C 537 9.58 -28.89 21.00
C VAL C 537 10.27 -30.16 21.51
N GLN C 538 11.54 -30.35 21.18
CA GLN C 538 12.28 -31.48 21.73
C GLN C 538 12.40 -31.35 23.25
N ALA C 539 12.66 -30.14 23.73
CA ALA C 539 12.66 -29.91 25.18
C ALA C 539 11.26 -30.10 25.77
N ARG C 540 10.23 -29.64 25.05
CA ARG C 540 8.85 -29.89 25.46
C ARG C 540 8.58 -31.38 25.57
N LEU C 541 9.12 -32.16 24.64
CA LEU C 541 8.98 -33.60 24.66
C LEU C 541 9.74 -34.21 25.82
N LEU C 542 10.87 -33.62 26.19
CA LEU C 542 11.54 -34.04 27.42
C LEU C 542 10.64 -33.82 28.62
N THR C 543 9.99 -32.65 28.69
CA THR C 543 9.09 -32.38 29.80
C THR C 543 7.93 -33.38 29.82
N ARG C 544 7.38 -33.69 28.65
CA ARG C 544 6.32 -34.68 28.56
C ARG C 544 6.82 -36.06 28.98
N TYR C 545 8.09 -36.37 28.69
CA TYR C 545 8.68 -37.61 29.15
C TYR C 545 8.81 -37.62 30.67
N LEU C 546 9.17 -36.47 31.26
CA LEU C 546 9.14 -36.34 32.71
C LEU C 546 7.74 -36.61 33.23
N SER C 547 6.72 -36.15 32.50
CA SER C 547 5.36 -36.56 32.81
C SER C 547 5.19 -38.07 32.66
N GLY C 548 5.73 -38.63 31.59
CA GLY C 548 5.76 -40.06 31.42
C GLY C 548 4.88 -40.65 30.35
N GLU C 549 4.17 -39.82 29.57
CA GLU C 549 3.34 -40.36 28.50
C GLU C 549 4.16 -41.01 27.40
N ILE C 550 5.44 -40.69 27.29
CA ILE C 550 6.33 -41.28 26.30
C ILE C 550 7.42 -42.09 26.99
N PRO C 551 7.32 -43.42 27.00
CA PRO C 551 8.41 -44.24 27.55
C PRO C 551 9.73 -43.98 26.86
N ALA C 552 9.71 -43.65 25.57
CA ALA C 552 10.92 -43.41 24.80
C ALA C 552 10.98 -41.96 24.35
N TYR C 553 12.16 -41.38 24.42
CA TYR C 553 12.35 -40.01 23.94
C TYR C 553 12.31 -40.01 22.41
N PRO C 554 11.55 -39.09 21.80
CA PRO C 554 11.55 -39.00 20.34
C PRO C 554 12.88 -38.45 19.83
N ASN C 555 13.69 -39.33 19.27
CA ASN C 555 15.09 -39.02 19.01
C ASN C 555 15.35 -38.42 17.64
N PHE C 556 14.32 -38.35 16.77
CA PHE C 556 14.41 -37.66 15.49
C PHE C 556 15.53 -38.21 14.62
N VAL C 557 15.36 -39.47 14.23
CA VAL C 557 16.20 -40.08 13.19
C VAL C 557 15.58 -39.77 11.84
N THR C 558 16.40 -39.27 10.92
CA THR C 558 15.92 -38.89 9.60
C THR C 558 15.94 -40.08 8.64
N ARG D 220 35.07 -15.64 47.61
CA ARG D 220 36.13 -15.51 48.60
C ARG D 220 35.62 -14.78 49.85
N GLY D 221 35.95 -13.50 49.96
CA GLY D 221 35.48 -12.70 51.07
C GLY D 221 34.05 -12.25 50.89
N LEU D 222 33.61 -11.41 51.81
CA LEU D 222 32.25 -10.89 51.73
C LEU D 222 32.09 -10.02 50.48
N PRO D 223 30.96 -10.10 49.79
CA PRO D 223 30.77 -9.35 48.55
C PRO D 223 30.81 -7.84 48.75
N LEU D 224 30.78 -7.14 47.63
CA LEU D 224 30.70 -5.69 47.60
C LEU D 224 29.79 -5.27 46.46
N TYR D 225 29.36 -4.01 46.48
CA TYR D 225 28.45 -3.49 45.50
C TYR D 225 28.88 -2.08 45.09
N VAL D 226 28.46 -1.65 43.91
CA VAL D 226 28.85 -0.36 43.37
C VAL D 226 27.60 0.39 42.93
N GLN D 227 27.72 1.72 42.87
CA GLN D 227 26.56 2.57 42.59
C GLN D 227 26.77 3.51 41.41
N SER D 228 27.95 4.11 41.27
CA SER D 228 28.07 5.38 40.59
C SER D 228 27.52 5.32 39.16
N PRO D 229 26.68 6.27 38.76
CA PRO D 229 25.94 6.14 37.50
C PRO D 229 26.81 6.18 36.26
N LYS D 230 28.00 6.75 36.34
CA LYS D 230 28.93 6.82 35.21
C LYS D 230 30.31 6.39 35.65
N ALA D 231 30.36 5.27 36.37
CA ALA D 231 31.60 4.74 36.90
C ALA D 231 32.24 3.80 35.89
N TYR D 232 33.25 3.05 36.34
CA TYR D 232 33.99 2.14 35.47
C TYR D 232 34.58 1.02 36.33
N VAL D 233 34.24 -0.22 36.02
CA VAL D 233 34.75 -1.37 36.73
C VAL D 233 35.73 -2.08 35.81
N ARG D 234 36.99 -2.16 36.21
CA ARG D 234 38.01 -2.79 35.39
C ARG D 234 38.90 -3.66 36.27
N LYS D 235 39.66 -4.53 35.61
CA LYS D 235 40.50 -5.51 36.28
C LYS D 235 41.96 -5.24 35.99
N ASP D 236 42.79 -5.34 37.03
CA ASP D 236 44.25 -5.27 36.92
C ASP D 236 44.88 -6.53 37.51
N GLY D 237 45.24 -7.47 36.65
CA GLY D 237 46.06 -8.59 37.03
C GLY D 237 45.33 -9.57 37.93
N ASP D 238 45.08 -9.15 39.17
CA ASP D 238 44.40 -9.98 40.14
C ASP D 238 43.42 -9.19 41.01
N CYS D 239 43.14 -7.94 40.66
CA CYS D 239 42.22 -7.12 41.46
C CYS D 239 41.25 -6.41 40.53
N LEU D 240 40.22 -5.81 41.12
CA LEU D 240 39.28 -5.00 40.38
C LEU D 240 39.20 -3.62 41.01
N VAL D 241 39.28 -2.59 40.19
CA VAL D 241 39.11 -1.20 40.63
C VAL D 241 37.85 -0.65 39.98
N ILE D 242 37.00 -0.05 40.79
CA ILE D 242 35.75 0.55 40.31
C ILE D 242 36.06 2.02 40.04
N GLU D 243 36.61 2.28 38.86
CA GLU D 243 36.92 3.64 38.44
C GLU D 243 35.62 4.42 38.29
N GLU D 244 35.73 5.75 38.41
CA GLU D 244 34.56 6.62 38.28
C GLU D 244 34.98 7.84 37.46
N GLU D 245 34.63 7.84 36.18
CA GLU D 245 35.02 8.90 35.26
C GLU D 245 36.52 9.14 35.31
N ARG D 246 37.29 8.05 35.17
CA ARG D 246 38.75 8.06 35.15
C ARG D 246 39.36 8.43 36.50
N VAL D 247 38.67 8.12 37.59
CA VAL D 247 39.17 8.41 38.94
C VAL D 247 39.44 7.10 39.65
N ARG D 248 40.67 6.94 40.15
CA ARG D 248 41.08 5.71 40.82
C ARG D 248 40.44 5.59 42.19
N VAL D 249 40.07 4.37 42.57
CA VAL D 249 39.58 4.07 43.90
C VAL D 249 40.40 2.91 44.46
N ALA D 250 40.01 2.43 45.64
CA ALA D 250 40.70 1.29 46.24
C ALA D 250 40.59 0.06 45.36
N GLU D 251 41.66 -0.73 45.33
CA GLU D 251 41.74 -1.93 44.50
C GLU D 251 41.16 -3.10 45.28
N ALA D 252 39.91 -3.46 44.99
CA ALA D 252 39.33 -4.64 45.62
C ALA D 252 40.09 -5.88 45.19
N ARG D 253 40.75 -6.52 46.15
CA ARG D 253 41.51 -7.72 45.88
C ARG D 253 40.56 -8.89 45.59
N LEU D 254 40.78 -9.57 44.47
CA LEU D 254 39.90 -10.68 44.11
C LEU D 254 40.03 -11.84 45.08
N GLY D 255 41.08 -11.89 45.88
CA GLY D 255 41.24 -12.97 46.84
C GLY D 255 40.35 -12.89 48.05
N GLU D 256 39.68 -11.76 48.27
CA GLU D 256 38.77 -11.59 49.39
C GLU D 256 37.53 -10.83 48.96
N THR D 257 37.04 -11.09 47.74
CA THR D 257 35.82 -10.45 47.26
C THR D 257 34.91 -11.51 46.66
N SER D 258 33.70 -11.09 46.33
CA SER D 258 32.65 -12.01 45.90
C SER D 258 31.72 -11.25 44.95
N GLN D 259 30.50 -11.76 44.76
CA GLN D 259 29.56 -11.20 43.80
C GLN D 259 29.46 -9.68 43.91
N VAL D 260 29.23 -9.04 42.78
CA VAL D 260 29.20 -7.58 42.68
C VAL D 260 27.94 -7.16 41.92
N ALA D 261 27.32 -6.07 42.37
CA ALA D 261 26.15 -5.52 41.72
C ALA D 261 26.55 -4.30 40.91
N LEU D 262 25.75 -3.97 39.89
CA LEU D 262 25.99 -2.79 39.06
C LEU D 262 24.71 -1.95 39.06
N PHE D 263 24.84 -0.72 39.54
CA PHE D 263 23.70 0.20 39.63
C PHE D 263 23.78 1.17 38.46
N GLY D 264 22.65 1.38 37.78
CA GLY D 264 22.61 2.41 36.75
C GLY D 264 23.45 2.09 35.53
N ASN D 265 23.72 3.14 34.75
CA ASN D 265 24.47 3.02 33.49
C ASN D 265 25.98 3.02 33.75
N ALA D 266 26.42 2.04 34.54
CA ALA D 266 27.83 1.88 34.82
C ALA D 266 28.55 1.34 33.58
N THR D 267 29.85 1.10 33.73
CA THR D 267 30.65 0.48 32.66
C THR D 267 31.54 -0.60 33.27
N LEU D 268 31.19 -1.86 33.03
CA LEU D 268 32.02 -3.01 33.40
C LEU D 268 32.38 -3.75 32.13
N THR D 269 33.69 -3.85 31.86
CA THR D 269 34.14 -4.42 30.59
C THR D 269 33.83 -5.91 30.52
N THR D 270 33.61 -6.39 29.29
CA THR D 270 33.30 -7.80 29.08
C THR D 270 34.46 -8.70 29.48
N ALA D 271 35.69 -8.31 29.13
CA ALA D 271 36.85 -9.11 29.49
C ALA D 271 36.97 -9.27 31.00
N ALA D 272 36.62 -8.23 31.75
CA ALA D 272 36.65 -8.33 33.20
C ALA D 272 35.74 -9.44 33.69
N LEU D 273 34.54 -9.53 33.13
CA LEU D 273 33.64 -10.57 33.61
C LEU D 273 33.99 -11.96 33.06
N HIS D 274 34.60 -12.04 31.88
CA HIS D 274 35.17 -13.31 31.47
C HIS D 274 36.18 -13.80 32.51
N GLU D 275 37.14 -12.93 32.86
CA GLU D 275 38.15 -13.30 33.85
C GLU D 275 37.54 -13.57 35.21
N CYS D 276 36.44 -12.91 35.53
CA CYS D 276 35.76 -13.14 36.81
C CYS D 276 35.06 -14.50 36.82
N LEU D 277 34.27 -14.78 35.78
CA LEU D 277 33.54 -16.04 35.69
C LEU D 277 34.46 -17.23 35.52
N ARG D 278 35.72 -17.00 35.14
CA ARG D 278 36.70 -18.08 35.21
C ARG D 278 36.70 -18.72 36.61
N ARG D 279 36.59 -17.90 37.65
CA ARG D 279 36.53 -18.38 39.02
C ARG D 279 35.09 -18.39 39.56
N GLU D 280 34.12 -18.14 38.69
CA GLU D 280 32.69 -18.21 39.04
C GLU D 280 32.28 -17.16 40.08
N ILE D 281 33.02 -16.06 40.18
CA ILE D 281 32.56 -14.97 41.05
C ILE D 281 31.41 -14.24 40.37
N PRO D 282 30.28 -14.08 41.04
CA PRO D 282 29.04 -13.67 40.36
C PRO D 282 28.98 -12.16 40.14
N VAL D 283 27.90 -11.74 39.48
CA VAL D 283 27.69 -10.33 39.14
C VAL D 283 26.21 -10.18 38.81
N THR D 284 25.67 -9.00 39.10
CA THR D 284 24.25 -8.77 38.86
C THR D 284 24.01 -7.32 38.48
N TRP D 285 22.81 -7.07 37.95
CA TRP D 285 22.44 -5.77 37.39
C TRP D 285 21.17 -5.26 38.04
N LEU D 286 21.23 -4.00 38.47
CA LEU D 286 20.27 -3.33 39.34
C LEU D 286 19.68 -2.15 38.58
N SER D 287 18.84 -1.38 39.26
CA SER D 287 18.35 -0.13 38.70
C SER D 287 19.39 0.96 38.90
N TYR D 288 19.02 2.21 38.60
CA TYR D 288 19.87 3.34 38.92
C TYR D 288 20.22 3.35 40.40
N GLY D 289 19.25 3.00 41.24
CA GLY D 289 19.53 2.73 42.64
C GLY D 289 19.79 1.25 42.87
N GLY D 290 18.93 0.61 43.66
CA GLY D 290 19.14 -0.78 44.02
C GLY D 290 17.96 -1.69 43.80
N TRP D 291 17.21 -1.46 42.72
CA TRP D 291 16.04 -2.28 42.40
C TRP D 291 16.51 -3.45 41.53
N PHE D 292 16.70 -4.61 42.15
CA PHE D 292 17.37 -5.72 41.49
C PHE D 292 16.53 -6.26 40.34
N MET D 293 17.17 -6.45 39.18
CA MET D 293 16.45 -7.10 38.10
C MET D 293 17.16 -8.30 37.49
N GLY D 294 18.46 -8.21 37.16
CA GLY D 294 19.07 -9.16 36.26
C GLY D 294 20.37 -9.75 36.77
N HIS D 295 20.82 -10.79 36.08
CA HIS D 295 21.98 -11.58 36.47
C HIS D 295 22.52 -12.31 35.24
N THR D 296 23.82 -12.63 35.29
CA THR D 296 24.49 -13.45 34.30
C THR D 296 25.40 -14.43 35.03
N VAL D 297 25.37 -15.70 34.61
CA VAL D 297 26.04 -16.78 35.32
C VAL D 297 26.75 -17.69 34.33
N SER D 298 27.93 -18.17 34.72
CA SER D 298 28.68 -19.15 33.95
C SER D 298 28.39 -20.57 34.44
N THR D 299 28.66 -21.54 33.58
CA THR D 299 28.57 -22.93 33.98
C THR D 299 29.86 -23.35 34.68
N GLY D 300 29.86 -24.56 35.23
CA GLY D 300 31.02 -25.06 35.95
C GLY D 300 30.66 -26.32 36.70
N HIS D 301 31.45 -26.59 37.75
CA HIS D 301 31.22 -27.75 38.59
C HIS D 301 30.79 -27.39 40.01
N ARG D 302 31.24 -26.25 40.53
CA ARG D 302 30.76 -25.78 41.83
C ARG D 302 29.29 -25.39 41.76
N ASN D 303 28.89 -24.71 40.70
CA ASN D 303 27.50 -24.26 40.56
C ASN D 303 26.54 -25.45 40.49
N VAL D 304 26.87 -26.43 39.64
CA VAL D 304 26.02 -27.62 39.54
C VAL D 304 26.05 -28.39 40.85
N GLU D 305 27.19 -28.40 41.54
CA GLU D 305 27.28 -29.07 42.83
C GLU D 305 26.33 -28.45 43.82
N THR D 306 26.29 -27.12 43.87
CA THR D 306 25.38 -26.43 44.77
C THR D 306 23.93 -26.72 44.42
N ARG D 307 23.58 -26.67 43.13
CA ARG D 307 22.20 -26.92 42.75
C ARG D 307 21.77 -28.34 43.10
N THR D 308 22.61 -29.33 42.79
CA THR D 308 22.25 -30.71 43.10
C THR D 308 22.25 -30.96 44.59
N TYR D 309 23.13 -30.29 45.35
CA TYR D 309 23.10 -30.43 46.81
C TYR D 309 21.81 -29.85 47.38
N GLN D 310 21.36 -28.71 46.87
CA GLN D 310 20.10 -28.15 47.34
C GLN D 310 18.94 -29.07 47.03
N TYR D 311 18.90 -29.62 45.82
CA TYR D 311 17.75 -30.43 45.44
C TYR D 311 17.78 -31.81 46.09
N GLN D 312 18.97 -32.35 46.40
CA GLN D 312 19.02 -33.57 47.19
C GLN D 312 18.66 -33.29 48.65
N ARG D 313 19.07 -32.13 49.17
CA ARG D 313 18.55 -31.69 50.45
C ARG D 313 17.11 -31.21 50.35
N SER D 314 16.58 -31.12 49.14
CA SER D 314 15.15 -31.00 48.91
C SER D 314 14.46 -32.36 48.84
N PHE D 315 15.17 -33.42 49.14
CA PHE D 315 14.58 -34.76 49.14
C PHE D 315 14.79 -35.50 50.44
N ASP D 316 15.93 -35.31 51.10
CA ASP D 316 16.14 -35.90 52.41
C ASP D 316 15.55 -34.97 53.47
N PRO D 317 14.52 -35.40 54.19
CA PRO D 317 13.77 -34.46 55.03
C PRO D 317 14.37 -34.19 56.39
N GLU D 318 15.29 -35.05 56.85
CA GLU D 318 15.83 -34.86 58.19
C GLU D 318 16.63 -33.56 58.30
N THR D 319 17.42 -33.24 57.26
CA THR D 319 18.08 -31.93 57.22
C THR D 319 17.06 -30.79 57.11
N CYS D 320 16.00 -31.00 56.33
CA CYS D 320 14.97 -29.97 56.19
C CYS D 320 14.37 -29.63 57.55
N LEU D 321 14.11 -30.66 58.36
CA LEU D 321 13.56 -30.43 59.70
C LEU D 321 14.62 -29.87 60.64
N ASN D 322 15.87 -30.32 60.49
CA ASN D 322 16.97 -29.76 61.27
C ASN D 322 17.04 -28.26 61.08
N LEU D 323 16.72 -27.78 59.87
CA LEU D 323 16.70 -26.34 59.63
C LEU D 323 15.37 -25.72 60.06
N ALA D 324 14.25 -26.41 59.85
CA ALA D 324 12.95 -25.81 60.09
C ALA D 324 12.68 -25.61 61.58
N ARG D 325 13.00 -26.61 62.41
CA ARG D 325 12.80 -26.47 63.84
C ARG D 325 13.50 -25.22 64.34
N ARG D 326 14.81 -25.15 64.09
CA ARG D 326 15.59 -24.00 64.52
C ARG D 326 15.10 -22.72 63.86
N TRP D 327 14.48 -22.81 62.68
CA TRP D 327 14.02 -21.61 61.99
C TRP D 327 12.83 -20.99 62.71
N ILE D 328 11.82 -21.79 63.04
CA ILE D 328 10.70 -21.26 63.83
C ILE D 328 11.16 -20.88 65.24
N VAL D 329 12.07 -21.66 65.83
CA VAL D 329 12.56 -21.33 67.16
C VAL D 329 13.27 -19.98 67.16
N ALA D 330 14.12 -19.74 66.16
CA ALA D 330 14.82 -18.46 66.06
C ALA D 330 13.87 -17.34 65.71
N LYS D 331 12.81 -17.62 64.94
CA LYS D 331 11.80 -16.59 64.69
C LYS D 331 11.17 -16.14 66.00
N ILE D 332 10.78 -17.09 66.85
CA ILE D 332 10.16 -16.73 68.12
C ILE D 332 11.16 -16.02 69.03
N ALA D 333 12.42 -16.46 69.01
CA ALA D 333 13.45 -15.85 69.83
C ALA D 333 13.68 -14.39 69.42
N ASN D 334 13.89 -14.15 68.13
CA ASN D 334 14.03 -12.78 67.66
C ASN D 334 12.73 -12.00 67.86
N CYS D 335 11.59 -12.70 67.90
CA CYS D 335 10.32 -12.02 68.10
C CYS D 335 10.22 -11.42 69.50
N ARG D 336 10.50 -12.21 70.54
CA ARG D 336 10.43 -11.60 71.86
C ARG D 336 11.66 -10.76 72.16
N THR D 337 12.78 -10.99 71.46
CA THR D 337 13.88 -10.03 71.52
C THR D 337 13.45 -8.67 70.99
N LEU D 338 12.69 -8.66 69.89
CA LEU D 338 12.16 -7.42 69.35
C LEU D 338 11.13 -6.81 70.29
N LEU D 339 10.34 -7.65 70.96
CA LEU D 339 9.44 -7.16 72.00
C LEU D 339 10.21 -6.41 73.08
N ARG D 340 11.28 -7.02 73.58
CA ARG D 340 12.09 -6.38 74.63
C ARG D 340 12.72 -5.08 74.13
N ARG D 341 13.33 -5.12 72.94
CA ARG D 341 14.05 -3.95 72.44
C ARG D 341 13.10 -2.79 72.12
N ASN D 342 12.04 -3.07 71.36
CA ASN D 342 11.15 -2.04 70.84
C ASN D 342 9.97 -1.78 71.77
N TRP D 343 10.13 -2.08 73.06
CA TRP D 343 9.08 -1.78 74.03
C TRP D 343 8.98 -0.26 74.21
N ARG D 344 7.94 0.33 73.65
CA ARG D 344 7.69 1.77 73.77
C ARG D 344 6.43 2.05 74.59
N GLY D 345 6.27 1.31 75.68
CA GLY D 345 5.17 1.57 76.61
C GLY D 345 5.58 2.45 77.77
N GLU D 346 6.21 3.58 77.48
CA GLU D 346 6.73 4.43 78.55
C GLU D 346 5.60 5.04 79.35
N GLY D 347 5.88 5.31 80.63
CA GLY D 347 4.92 5.91 81.51
C GLY D 347 4.34 4.95 82.54
N ASP D 348 4.06 3.72 82.12
CA ASP D 348 3.51 2.70 83.01
C ASP D 348 4.30 1.41 82.99
N GLU D 349 4.78 0.97 81.82
CA GLU D 349 5.52 -0.28 81.68
C GLU D 349 6.77 -0.01 80.84
N ALA D 350 7.87 0.32 81.51
CA ALA D 350 9.16 0.42 80.82
C ALA D 350 9.66 -0.94 80.34
N LYS D 351 9.05 -2.02 80.81
CA LYS D 351 9.40 -3.37 80.40
C LYS D 351 8.19 -4.07 79.80
N ALA D 352 8.44 -5.04 78.94
CA ALA D 352 7.39 -5.97 78.54
C ALA D 352 6.99 -6.80 79.76
N PRO D 353 5.73 -7.25 79.82
CA PRO D 353 5.33 -8.12 80.93
C PRO D 353 6.22 -9.34 80.99
N PRO D 354 6.74 -9.67 82.17
CA PRO D 354 7.54 -10.90 82.29
C PRO D 354 6.77 -12.13 81.85
N GLY D 355 5.44 -12.12 82.04
CA GLY D 355 4.63 -13.19 81.51
C GLY D 355 4.64 -13.24 79.99
N LEU D 356 4.74 -12.07 79.35
CA LEU D 356 4.79 -12.03 77.89
C LEU D 356 6.04 -12.73 77.36
N LEU D 357 7.21 -12.34 77.86
CA LEU D 357 8.45 -12.99 77.43
C LEU D 357 8.49 -14.44 77.87
N MET D 358 7.91 -14.74 79.03
CA MET D 358 7.87 -16.12 79.51
C MET D 358 7.05 -17.00 78.56
N SER D 359 5.89 -16.49 78.12
CA SER D 359 5.05 -17.25 77.19
C SER D 359 5.69 -17.34 75.81
N LEU D 360 6.39 -16.30 75.37
CA LEU D 360 7.11 -16.42 74.10
C LEU D 360 8.23 -17.45 74.17
N GLN D 361 8.93 -17.52 75.30
CA GLN D 361 9.93 -18.57 75.45
C GLN D 361 9.27 -19.94 75.57
N ASP D 362 8.05 -19.99 76.09
CA ASP D 362 7.26 -21.22 76.05
C ASP D 362 6.95 -21.61 74.61
N ASP D 363 6.61 -20.63 73.76
CA ASP D 363 6.44 -20.90 72.34
C ASP D 363 7.73 -21.41 71.73
N MET D 364 8.86 -20.86 72.17
CA MET D 364 10.16 -21.34 71.72
C MET D 364 10.35 -22.82 72.05
N ARG D 365 10.14 -23.19 73.31
CA ARG D 365 10.32 -24.59 73.71
C ARG D 365 9.27 -25.49 73.07
N HIS D 366 8.11 -24.92 72.72
CA HIS D 366 7.13 -25.68 71.95
C HIS D 366 7.64 -25.95 70.54
N ALA D 367 8.20 -24.93 69.90
CA ALA D 367 8.68 -25.07 68.52
C ALA D 367 9.88 -26.00 68.43
N MET D 368 10.72 -26.04 69.47
CA MET D 368 11.86 -26.95 69.41
C MET D 368 11.44 -28.42 69.51
N ARG D 369 10.16 -28.69 69.75
CA ARG D 369 9.65 -30.05 69.76
C ARG D 369 9.15 -30.44 68.38
N ALA D 370 10.06 -30.71 67.43
CA ALA D 370 9.68 -31.01 66.06
C ALA D 370 10.48 -32.18 65.50
N PRO D 371 10.12 -33.42 65.82
CA PRO D 371 10.67 -34.56 65.06
C PRO D 371 9.87 -34.88 63.80
N SER D 372 8.96 -33.99 63.40
CA SER D 372 8.13 -34.23 62.21
C SER D 372 7.98 -32.94 61.42
N LEU D 373 7.37 -33.07 60.24
CA LEU D 373 7.14 -31.93 59.33
C LEU D 373 5.71 -31.45 59.53
N GLU D 374 5.50 -30.68 60.60
CA GLU D 374 4.19 -30.50 61.21
C GLU D 374 4.19 -29.27 62.13
N VAL D 375 3.49 -29.42 63.25
CA VAL D 375 2.97 -28.40 64.17
C VAL D 375 3.71 -27.08 64.23
N LEU D 376 5.01 -27.06 63.90
CA LEU D 376 5.77 -25.81 63.77
C LEU D 376 4.93 -24.70 63.18
N LEU D 377 4.19 -25.03 62.11
CA LEU D 377 3.19 -24.12 61.54
C LEU D 377 2.30 -23.51 62.61
N GLY D 378 1.54 -24.33 63.32
CA GLY D 378 0.53 -23.81 64.24
C GLY D 378 1.14 -23.08 65.43
N ILE D 379 2.25 -23.60 65.94
CA ILE D 379 2.87 -22.94 67.09
C ILE D 379 3.45 -21.59 66.68
N GLU D 380 4.04 -21.48 65.49
CA GLU D 380 4.45 -20.19 65.00
C GLU D 380 3.28 -19.26 64.76
N GLY D 381 2.14 -19.82 64.33
CA GLY D 381 0.96 -19.01 64.19
C GLY D 381 0.49 -18.42 65.51
N ALA D 382 0.51 -19.24 66.57
CA ALA D 382 0.13 -18.74 67.89
C ALA D 382 1.13 -17.69 68.40
N SER D 383 2.43 -17.93 68.19
CA SER D 383 3.44 -16.97 68.59
C SER D 383 3.23 -15.64 67.87
N ALA D 384 2.99 -15.70 66.56
CA ALA D 384 2.72 -14.50 65.79
C ALA D 384 1.46 -13.81 66.27
N GLY D 385 0.43 -14.58 66.60
CA GLY D 385 -0.80 -13.99 67.10
C GLY D 385 -0.59 -13.20 68.37
N ARG D 386 0.13 -13.78 69.33
CA ARG D 386 0.40 -13.06 70.57
C ARG D 386 1.29 -11.84 70.32
N TYR D 387 2.31 -11.99 69.48
CA TYR D 387 3.16 -10.86 69.18
C TYR D 387 2.37 -9.74 68.52
N PHE D 388 1.42 -10.08 67.64
CA PHE D 388 0.60 -9.04 67.02
C PHE D 388 -0.36 -8.43 68.02
N GLN D 389 -0.82 -9.21 68.99
CA GLN D 389 -1.64 -8.63 70.06
C GLN D 389 -0.88 -7.55 70.80
N HIS D 390 0.40 -7.79 71.09
CA HIS D 390 1.23 -6.77 71.72
C HIS D 390 1.87 -5.80 70.74
N PHE D 391 1.72 -6.03 69.43
CA PHE D 391 2.38 -5.20 68.45
C PHE D 391 1.63 -3.88 68.25
N SER D 392 0.35 -3.83 68.64
CA SER D 392 -0.31 -2.54 68.82
C SER D 392 0.20 -1.81 70.05
N ARG D 393 0.76 -2.54 71.02
CA ARG D 393 1.51 -1.88 72.08
C ARG D 393 2.85 -1.39 71.56
N MET D 394 3.41 -2.06 70.56
CA MET D 394 4.61 -1.59 69.88
C MET D 394 4.40 -0.27 69.13
N LEU D 395 3.22 0.34 69.20
CA LEU D 395 2.96 1.60 68.54
C LEU D 395 3.57 2.74 69.35
N ARG D 396 3.22 3.99 69.01
CA ARG D 396 3.84 5.18 69.57
C ARG D 396 3.51 5.42 71.05
N GLY D 397 2.86 4.50 71.77
CA GLY D 397 2.57 4.71 73.17
C GLY D 397 1.24 4.16 73.62
N GLY D 398 0.44 3.67 72.69
CA GLY D 398 -0.85 3.11 73.05
C GLY D 398 -1.65 2.76 71.81
N ASP D 399 -2.92 2.40 72.03
CA ASP D 399 -3.83 2.01 70.95
C ASP D 399 -4.28 3.27 70.22
N GLY D 400 -3.40 3.78 69.36
CA GLY D 400 -3.68 5.02 68.66
C GLY D 400 -4.83 4.86 67.69
N GLU D 401 -5.83 5.74 67.78
CA GLU D 401 -6.90 5.75 66.80
C GLU D 401 -6.37 6.14 65.44
N GLY D 402 -6.83 5.43 64.41
CA GLY D 402 -6.24 5.55 63.09
C GLY D 402 -4.93 4.79 62.93
N MET D 403 -4.43 4.19 64.00
CA MET D 403 -3.23 3.36 63.97
C MET D 403 -3.57 1.94 64.37
N GLY D 404 -4.82 1.54 64.15
CA GLY D 404 -5.35 0.34 64.76
C GLY D 404 -4.66 -0.93 64.29
N PHE D 405 -4.86 -1.98 65.06
CA PHE D 405 -4.24 -3.27 64.79
C PHE D 405 -5.17 -4.37 65.25
N ASP D 406 -5.38 -5.36 64.38
CA ASP D 406 -6.20 -6.52 64.68
C ASP D 406 -5.34 -7.78 64.52
N PHE D 407 -5.19 -8.53 65.61
CA PHE D 407 -4.25 -9.65 65.63
C PHE D 407 -4.63 -10.74 64.63
N THR D 408 -5.91 -11.08 64.55
CA THR D 408 -6.35 -12.16 63.67
C THR D 408 -6.22 -11.83 62.20
N THR D 409 -6.55 -10.59 61.81
CA THR D 409 -6.70 -10.25 60.40
C THR D 409 -5.39 -9.85 59.73
N ARG D 410 -4.25 -10.27 60.25
CA ARG D 410 -2.97 -9.89 59.65
C ARG D 410 -2.79 -10.59 58.31
N ASN D 411 -1.99 -9.95 57.44
CA ASN D 411 -1.46 -10.59 56.23
C ASN D 411 -2.57 -11.01 55.27
N ARG D 412 -3.70 -10.32 55.33
CA ARG D 412 -4.80 -10.64 54.41
C ARG D 412 -4.43 -10.25 52.99
N ARG D 413 -5.17 -10.84 52.04
CA ARG D 413 -4.89 -10.60 50.62
C ARG D 413 -4.90 -9.12 50.27
N PRO D 414 -5.88 -8.33 50.69
CA PRO D 414 -5.66 -6.88 50.76
C PRO D 414 -5.18 -6.51 52.15
N PRO D 415 -4.42 -5.43 52.28
CA PRO D 415 -4.16 -4.87 53.61
C PRO D 415 -5.43 -4.21 54.14
N LYS D 416 -5.47 -4.02 55.45
CA LYS D 416 -6.54 -3.23 56.04
C LYS D 416 -6.01 -2.06 56.87
N ASP D 417 -5.07 -2.32 57.71
CA ASP D 417 -4.44 -1.26 58.49
C ASP D 417 -3.17 -0.79 57.79
N PRO D 418 -2.79 0.47 57.98
CA PRO D 418 -1.45 0.89 57.54
C PRO D 418 -0.36 0.02 58.17
N VAL D 419 -0.57 -0.41 59.41
CA VAL D 419 0.38 -1.31 60.06
C VAL D 419 0.46 -2.64 59.31
N ASN D 420 -0.70 -3.19 58.93
CA ASN D 420 -0.71 -4.43 58.15
C ASN D 420 0.00 -4.25 56.82
N ALA D 421 -0.25 -3.10 56.16
CA ALA D 421 0.40 -2.84 54.88
C ALA D 421 1.91 -2.77 55.03
N LEU D 422 2.40 -2.06 56.06
CA LEU D 422 3.84 -2.00 56.28
C LEU D 422 4.43 -3.38 56.56
N LEU D 423 3.76 -4.18 57.40
CA LEU D 423 4.30 -5.50 57.69
C LEU D 423 4.35 -6.38 56.45
N SER D 424 3.27 -6.41 55.67
CA SER D 424 3.22 -7.23 54.47
C SER D 424 4.25 -6.77 53.44
N PHE D 425 4.35 -5.45 53.23
CA PHE D 425 5.32 -4.92 52.28
C PHE D 425 6.73 -5.17 52.74
N ALA D 426 6.98 -5.09 54.04
CA ALA D 426 8.32 -5.36 54.57
C ALA D 426 8.71 -6.82 54.32
N TYR D 427 7.79 -7.75 54.58
CA TYR D 427 8.10 -9.15 54.30
C TYR D 427 8.33 -9.38 52.81
N ALA D 428 7.48 -8.79 51.97
CA ALA D 428 7.62 -8.97 50.53
C ALA D 428 8.94 -8.44 50.02
N MET D 429 9.35 -7.26 50.51
CA MET D 429 10.63 -6.69 50.06
C MET D 429 11.81 -7.48 50.61
N LEU D 430 11.73 -7.91 51.88
CA LEU D 430 12.81 -8.73 52.45
C LEU D 430 13.00 -10.03 51.67
N THR D 431 11.90 -10.61 51.18
CA THR D 431 12.02 -11.82 50.38
C THR D 431 12.89 -11.61 49.15
N ARG D 432 12.91 -10.40 48.59
CA ARG D 432 13.71 -10.14 47.40
C ARG D 432 15.21 -10.18 47.70
N GLU D 433 15.64 -9.53 48.78
CA GLU D 433 17.04 -9.66 49.17
C GLU D 433 17.39 -11.09 49.54
N TRP D 434 16.45 -11.81 50.16
CA TRP D 434 16.70 -13.21 50.44
C TRP D 434 16.93 -14.00 49.16
N THR D 435 16.09 -13.78 48.15
CA THR D 435 16.22 -14.55 46.92
C THR D 435 17.45 -14.13 46.12
N VAL D 436 17.87 -12.86 46.20
CA VAL D 436 19.10 -12.48 45.51
C VAL D 436 20.32 -13.07 46.22
N ALA D 437 20.29 -13.13 47.55
CA ALA D 437 21.35 -13.82 48.27
C ALA D 437 21.40 -15.28 47.88
N LEU D 438 20.23 -15.88 47.67
CA LEU D 438 20.18 -17.26 47.16
C LEU D 438 20.75 -17.34 45.74
N ALA D 439 20.41 -16.38 44.90
CA ALA D 439 20.75 -16.46 43.48
C ALA D 439 22.23 -16.21 43.22
N ALA D 440 22.84 -15.33 43.99
CA ALA D 440 24.26 -15.03 43.79
C ALA D 440 25.11 -16.28 44.02
N VAL D 441 24.81 -17.05 45.07
CA VAL D 441 25.40 -18.36 45.23
C VAL D 441 24.64 -19.32 44.32
N GLY D 442 25.18 -20.51 44.12
CA GLY D 442 24.60 -21.42 43.15
C GLY D 442 23.46 -22.26 43.67
N LEU D 443 22.67 -21.72 44.58
CA LEU D 443 21.52 -22.42 45.14
C LEU D 443 20.25 -21.93 44.47
N ASP D 444 19.41 -22.87 44.07
CA ASP D 444 18.14 -22.55 43.43
C ASP D 444 17.23 -21.84 44.43
N PRO D 445 16.78 -20.62 44.14
CA PRO D 445 15.88 -19.92 45.08
C PRO D 445 14.49 -20.52 45.18
N TYR D 446 14.17 -21.52 44.36
CA TYR D 446 12.80 -21.98 44.18
C TYR D 446 12.47 -23.25 44.98
N ARG D 447 13.29 -23.63 45.96
CA ARG D 447 13.15 -24.95 46.56
C ARG D 447 13.42 -24.89 48.06
N GLY D 448 12.36 -24.95 48.86
CA GLY D 448 12.40 -24.98 50.30
C GLY D 448 11.03 -25.38 50.83
N PHE D 449 10.99 -25.82 52.09
CA PHE D 449 9.83 -26.53 52.60
C PHE D 449 9.04 -25.86 53.71
N TYR D 450 9.55 -24.77 54.30
CA TYR D 450 8.70 -24.04 55.24
C TYR D 450 7.46 -23.50 54.52
N HIS D 451 7.61 -23.14 53.25
CA HIS D 451 6.51 -23.03 52.30
C HIS D 451 6.91 -23.92 51.13
N GLN D 452 6.35 -25.13 51.09
CA GLN D 452 6.84 -26.17 50.22
C GLN D 452 6.78 -25.75 48.75
N PRO D 453 7.71 -26.23 47.92
CA PRO D 453 7.81 -25.73 46.55
C PRO D 453 6.65 -26.17 45.68
N ARG D 454 5.82 -25.21 45.26
CA ARG D 454 4.64 -25.49 44.47
C ARG D 454 4.26 -24.27 43.66
N PHE D 455 4.34 -24.40 42.33
CA PHE D 455 4.00 -23.35 41.38
C PHE D 455 4.75 -22.05 41.69
N GLY D 456 6.06 -22.09 41.48
CA GLY D 456 6.87 -20.88 41.43
C GLY D 456 7.05 -20.15 42.73
N ARG D 457 7.33 -20.84 43.82
CA ARG D 457 7.57 -20.16 45.08
C ARG D 457 9.04 -19.73 45.17
N PRO D 458 9.32 -18.64 45.88
CA PRO D 458 10.68 -18.47 46.45
C PRO D 458 10.90 -19.43 47.59
N ALA D 459 10.71 -20.73 47.29
CA ALA D 459 10.50 -21.73 48.34
C ALA D 459 11.72 -21.84 49.24
N LEU D 460 12.93 -21.82 48.67
CA LEU D 460 14.11 -21.75 49.52
C LEU D 460 14.13 -20.46 50.34
N ALA D 461 13.82 -19.33 49.70
CA ALA D 461 13.72 -18.08 50.42
C ALA D 461 12.58 -18.10 51.42
N LEU D 462 11.45 -18.69 51.02
CA LEU D 462 10.30 -18.78 51.93
C LEU D 462 10.63 -19.62 53.15
N ASP D 463 11.53 -20.58 53.00
CA ASP D 463 12.06 -21.36 54.12
C ASP D 463 13.18 -20.64 54.85
N MET D 464 13.67 -19.53 54.30
CA MET D 464 14.75 -18.75 54.87
C MET D 464 14.33 -17.31 55.16
N MET D 465 13.17 -17.08 55.78
CA MET D 465 12.76 -15.70 55.99
C MET D 465 12.24 -15.37 57.39
N GLU D 466 11.99 -16.35 58.25
CA GLU D 466 11.19 -16.03 59.43
C GLU D 466 11.98 -15.30 60.52
N PRO D 467 13.10 -15.82 61.04
CA PRO D 467 13.82 -15.10 62.09
C PRO D 467 14.33 -13.74 61.69
N PHE D 468 14.46 -13.47 60.39
CA PHE D 468 14.85 -12.16 59.92
C PHE D 468 13.67 -11.23 59.69
N ARG D 469 12.44 -11.73 59.87
CA ARG D 469 11.31 -10.83 59.98
C ARG D 469 11.44 -9.91 61.18
N PRO D 470 11.71 -10.39 62.41
CA PRO D 470 11.95 -9.44 63.51
C PRO D 470 13.23 -8.65 63.34
N LEU D 471 14.28 -9.26 62.78
CA LEU D 471 15.52 -8.54 62.61
C LEU D 471 15.37 -7.34 61.69
N ILE D 472 14.76 -7.54 60.51
CA ILE D 472 14.75 -6.47 59.52
C ILE D 472 13.33 -5.92 59.33
N ALA D 473 12.43 -6.77 58.83
CA ALA D 473 11.15 -6.29 58.34
C ALA D 473 10.30 -5.67 59.45
N ASP D 474 10.09 -6.41 60.53
CA ASP D 474 9.37 -5.85 61.67
C ASP D 474 10.12 -4.68 62.27
N SER D 475 11.45 -4.78 62.32
CA SER D 475 12.25 -3.64 62.78
C SER D 475 12.08 -2.44 61.87
N THR D 476 12.02 -2.67 60.56
CA THR D 476 11.81 -1.57 59.63
C THR D 476 10.45 -0.90 59.87
N VAL D 477 9.41 -1.71 60.06
CA VAL D 477 8.09 -1.15 60.36
C VAL D 477 8.14 -0.35 61.66
N LEU D 478 8.84 -0.88 62.66
CA LEU D 478 8.91 -0.21 63.96
C LEU D 478 9.59 1.14 63.85
N MET D 479 10.78 1.18 63.24
CA MET D 479 11.47 2.46 63.09
C MET D 479 10.75 3.39 62.12
N ALA D 480 9.92 2.86 61.23
CA ALA D 480 9.15 3.73 60.34
C ALA D 480 8.01 4.40 61.08
N ILE D 481 7.31 3.66 61.94
CA ILE D 481 6.11 4.21 62.56
C ILE D 481 6.39 4.92 63.88
N ASN D 482 7.45 4.53 64.60
CA ASN D 482 7.77 5.16 65.88
C ASN D 482 8.41 6.53 65.70
N ASN D 483 9.24 6.69 64.67
CA ASN D 483 10.08 7.88 64.55
C ASN D 483 9.29 9.15 64.27
N GLY D 484 8.01 9.05 63.94
CA GLY D 484 7.17 10.23 63.82
C GLY D 484 7.52 11.17 62.68
N GLU D 485 7.82 10.62 61.50
CA GLU D 485 8.03 11.42 60.30
C GLU D 485 6.91 11.25 59.28
N ILE D 486 6.57 10.02 58.94
CA ILE D 486 5.51 9.76 57.97
C ILE D 486 4.16 9.93 58.65
N ARG D 487 3.27 10.69 58.00
CA ARG D 487 1.95 10.97 58.53
C ARG D 487 0.89 10.31 57.64
N THR D 488 -0.22 9.93 58.28
CA THR D 488 -1.30 9.27 57.57
C THR D 488 -1.98 10.15 56.53
N GLY D 489 -1.58 11.42 56.41
CA GLY D 489 -1.96 12.19 55.24
C GLY D 489 -1.45 11.54 53.97
N ASP D 490 -0.25 10.96 54.02
CA ASP D 490 0.23 10.11 52.95
C ASP D 490 -0.52 8.78 52.89
N PHE D 491 -1.12 8.36 54.01
CA PHE D 491 -1.88 7.12 54.07
C PHE D 491 -3.32 7.38 53.63
N VAL D 492 -3.49 7.58 52.33
CA VAL D 492 -4.82 7.76 51.78
C VAL D 492 -5.59 6.46 51.90
N ARG D 493 -6.90 6.58 52.12
CA ARG D 493 -7.74 5.41 52.33
C ARG D 493 -7.94 4.67 51.01
N SER D 494 -7.55 3.40 50.98
CA SER D 494 -7.88 2.52 49.88
C SER D 494 -9.11 1.70 50.26
N ALA D 495 -9.56 0.85 49.33
CA ALA D 495 -10.73 0.03 49.59
C ALA D 495 -10.51 -0.87 50.80
N GLY D 496 -9.39 -1.58 50.82
CA GLY D 496 -9.08 -2.43 51.96
C GLY D 496 -8.21 -1.79 53.01
N GLY D 497 -7.04 -1.29 52.62
CA GLY D 497 -6.04 -0.86 53.58
C GLY D 497 -5.26 0.34 53.10
N CYS D 498 -4.74 1.10 54.07
CA CYS D 498 -4.00 2.32 53.79
C CYS D 498 -2.63 1.94 53.25
N ASN D 499 -2.57 1.74 51.94
CA ASN D 499 -1.30 1.47 51.28
C ASN D 499 -0.46 2.74 51.22
N LEU D 500 0.86 2.57 51.38
CA LEU D 500 1.76 3.71 51.37
C LEU D 500 1.77 4.37 50.00
N THR D 501 1.62 5.69 49.98
CA THR D 501 1.71 6.44 48.74
C THR D 501 3.16 6.51 48.29
N ASP D 502 3.41 7.25 47.21
CA ASP D 502 4.76 7.34 46.65
C ASP D 502 5.77 7.80 47.70
N SER D 503 5.47 8.90 48.38
CA SER D 503 6.36 9.39 49.43
C SER D 503 6.42 8.41 50.60
N ALA D 504 5.27 7.89 51.02
CA ALA D 504 5.25 6.95 52.14
C ALA D 504 5.98 5.66 51.80
N ARG D 505 5.74 5.13 50.59
CA ARG D 505 6.45 3.93 50.16
C ARG D 505 7.95 4.17 50.09
N LYS D 506 8.35 5.33 49.55
CA LYS D 506 9.77 5.64 49.43
C LYS D 506 10.42 5.76 50.80
N ARG D 507 9.72 6.38 51.76
CA ARG D 507 10.28 6.50 53.11
C ARG D 507 10.33 5.14 53.81
N PHE D 508 9.36 4.27 53.53
CA PHE D 508 9.42 2.91 54.05
C PHE D 508 10.64 2.17 53.47
N ILE D 509 10.91 2.36 52.19
CA ILE D 509 12.10 1.78 51.58
C ILE D 509 13.36 2.34 52.23
N ALA D 510 13.36 3.65 52.52
CA ALA D 510 14.51 4.26 53.18
C ALA D 510 14.72 3.67 54.56
N GLY D 511 13.63 3.44 55.29
CA GLY D 511 13.74 2.77 56.57
C GLY D 511 14.26 1.35 56.45
N PHE D 512 13.84 0.65 55.40
CA PHE D 512 14.37 -0.68 55.14
C PHE D 512 15.88 -0.62 54.92
N GLU D 513 16.33 0.34 54.12
CA GLU D 513 17.76 0.51 53.90
C GLU D 513 18.49 0.82 55.20
N ARG D 514 17.95 1.76 55.98
CA ARG D 514 18.58 2.11 57.25
C ARG D 514 18.56 0.95 58.23
N ARG D 515 17.71 -0.06 57.99
CA ARG D 515 17.77 -1.27 58.79
C ARG D 515 18.98 -2.13 58.43
N MET D 516 19.67 -1.84 57.33
CA MET D 516 20.77 -2.65 56.84
C MET D 516 22.13 -2.22 57.36
N GLU D 517 22.47 -0.92 57.30
CA GLU D 517 23.86 -0.52 57.43
C GLU D 517 24.40 -0.71 58.83
N GLN D 518 23.55 -0.68 59.86
CA GLN D 518 24.07 -0.75 61.22
C GLN D 518 24.78 -2.08 61.46
N GLU D 519 25.78 -2.04 62.33
CA GLU D 519 26.78 -3.10 62.41
C GLU D 519 26.43 -4.08 63.52
N VAL D 520 26.13 -5.32 63.14
CA VAL D 520 25.94 -6.44 64.07
C VAL D 520 26.67 -7.64 63.48
N THR D 521 27.55 -8.24 64.28
CA THR D 521 28.40 -9.32 63.84
C THR D 521 27.96 -10.66 64.41
N HIS D 522 28.41 -11.73 63.77
CA HIS D 522 28.28 -13.03 64.39
C HIS D 522 29.63 -13.44 64.99
N PRO D 523 29.64 -14.14 66.13
CA PRO D 523 30.92 -14.45 66.77
C PRO D 523 31.88 -15.27 65.92
N ILE D 524 31.38 -16.11 65.01
CA ILE D 524 32.30 -16.92 64.20
C ILE D 524 33.05 -16.06 63.20
N PHE D 525 32.37 -15.11 62.57
CA PHE D 525 32.96 -14.20 61.59
C PHE D 525 32.79 -12.78 62.12
N LYS D 526 33.86 -12.21 62.66
CA LYS D 526 33.76 -10.91 63.31
C LYS D 526 33.60 -9.79 62.28
N TYR D 527 32.44 -9.73 61.64
CA TYR D 527 32.12 -8.67 60.67
C TYR D 527 31.06 -7.78 61.30
N THR D 528 31.50 -6.78 62.06
CA THR D 528 30.61 -5.77 62.61
C THR D 528 30.50 -4.62 61.62
N ILE D 529 29.78 -4.87 60.53
CA ILE D 529 29.69 -3.89 59.45
C ILE D 529 28.26 -3.47 59.19
N SER D 530 27.41 -4.41 58.75
CA SER D 530 26.08 -4.07 58.29
C SER D 530 25.23 -5.34 58.30
N TYR D 531 24.05 -5.26 57.68
CA TYR D 531 23.14 -6.39 57.63
C TYR D 531 23.04 -7.08 56.27
N ARG D 532 23.52 -6.45 55.19
CA ARG D 532 23.68 -7.22 53.95
C ARG D 532 24.99 -8.00 53.96
N ARG D 533 26.02 -7.46 54.60
CA ARG D 533 27.15 -8.27 55.01
C ARG D 533 26.70 -9.36 55.98
N LEU D 534 25.53 -9.19 56.57
CA LEU D 534 24.88 -10.21 57.38
C LEU D 534 23.72 -10.87 56.63
N LEU D 535 23.39 -10.39 55.43
CA LEU D 535 22.33 -10.97 54.61
C LEU D 535 22.84 -11.96 53.57
N GLU D 536 24.12 -11.89 53.20
CA GLU D 536 24.72 -12.93 52.37
C GLU D 536 25.52 -13.94 53.18
N VAL D 537 25.82 -13.63 54.45
CA VAL D 537 26.58 -14.55 55.28
C VAL D 537 25.79 -15.82 55.53
N GLN D 538 24.48 -15.70 55.73
CA GLN D 538 23.67 -16.90 55.95
C GLN D 538 23.45 -17.68 54.66
N ALA D 539 23.45 -17.00 53.52
CA ALA D 539 23.44 -17.72 52.25
C ALA D 539 24.71 -18.56 52.11
N ARG D 540 25.86 -17.97 52.42
CA ARG D 540 27.11 -18.72 52.41
C ARG D 540 27.08 -19.86 53.43
N LEU D 541 26.48 -19.60 54.60
CA LEU D 541 26.38 -20.61 55.64
C LEU D 541 25.54 -21.79 55.17
N LEU D 542 24.41 -21.53 54.52
CA LEU D 542 23.58 -22.61 54.00
C LEU D 542 24.32 -23.38 52.90
N THR D 543 24.99 -22.66 51.99
CA THR D 543 25.74 -23.33 50.93
C THR D 543 26.80 -24.24 51.51
N ARG D 544 27.50 -23.78 52.55
CA ARG D 544 28.57 -24.58 53.14
C ARG D 544 28.03 -25.71 54.01
N TYR D 545 26.89 -25.53 54.67
CA TYR D 545 26.28 -26.65 55.38
C TYR D 545 25.87 -27.73 54.41
N LEU D 546 25.37 -27.34 53.23
CA LEU D 546 25.14 -28.31 52.17
C LEU D 546 26.46 -28.96 51.72
N SER D 547 27.49 -28.15 51.51
CA SER D 547 28.75 -28.60 50.90
C SER D 547 29.96 -28.42 51.79
N GLY D 548 30.18 -27.22 52.33
CA GLY D 548 31.43 -26.87 52.95
C GLY D 548 31.60 -27.40 54.37
N GLU D 549 32.50 -26.76 55.10
CA GLU D 549 32.99 -27.28 56.38
C GLU D 549 32.26 -26.71 57.60
N ILE D 550 31.29 -25.82 57.42
CA ILE D 550 30.59 -25.29 58.59
C ILE D 550 29.80 -26.41 59.25
N PRO D 551 29.93 -26.62 60.56
CA PRO D 551 29.30 -27.80 61.19
C PRO D 551 27.80 -27.86 61.03
N ALA D 552 27.11 -26.73 61.08
CA ALA D 552 25.64 -26.71 61.02
C ALA D 552 25.21 -25.34 60.54
N TYR D 553 23.92 -25.05 60.67
CA TYR D 553 23.40 -23.73 60.29
C TYR D 553 22.99 -23.00 61.56
N PRO D 554 23.72 -21.97 61.98
CA PRO D 554 23.35 -21.24 63.19
C PRO D 554 22.05 -20.46 63.01
N ASN D 555 21.52 -19.99 64.14
CA ASN D 555 20.20 -19.38 64.19
C ASN D 555 20.21 -17.87 64.06
N PHE D 556 21.33 -17.21 64.38
CA PHE D 556 21.41 -15.76 64.44
C PHE D 556 20.49 -15.18 65.51
N VAL D 557 20.18 -15.97 66.54
CA VAL D 557 19.40 -15.48 67.66
C VAL D 557 20.25 -14.46 68.41
N THR D 558 19.86 -13.19 68.33
CA THR D 558 20.63 -12.11 68.92
C THR D 558 20.66 -12.20 70.44
N MET E 1 -12.49 -3.92 -13.65
CA MET E 1 -11.10 -4.06 -13.25
C MET E 1 -10.51 -2.70 -12.89
N GLU E 2 -10.62 -2.35 -11.62
CA GLU E 2 -10.11 -1.08 -11.15
C GLU E 2 -9.69 -1.22 -9.69
N HIS E 3 -8.54 -0.65 -9.35
CA HIS E 3 -8.06 -0.63 -7.98
C HIS E 3 -7.88 0.80 -7.53
N LEU E 4 -7.51 0.95 -6.27
CA LEU E 4 -7.14 2.24 -5.71
C LEU E 4 -5.64 2.22 -5.47
N TYR E 5 -4.94 3.19 -6.05
CA TYR E 5 -3.49 3.26 -5.99
C TYR E 5 -3.10 4.55 -5.28
N ILE E 6 -2.32 4.42 -4.23
CA ILE E 6 -1.86 5.57 -3.45
C ILE E 6 -0.43 5.89 -3.88
N VAL E 7 -0.19 7.14 -4.23
CA VAL E 7 1.12 7.58 -4.68
C VAL E 7 1.79 8.30 -3.54
N SER E 8 2.91 7.76 -3.09
CA SER E 8 3.66 8.32 -1.96
C SER E 8 4.95 8.88 -2.52
N TYR E 9 4.90 10.13 -2.97
CA TYR E 9 6.04 10.74 -3.62
C TYR E 9 6.72 11.70 -2.66
N ASP E 10 8.03 11.81 -2.84
CA ASP E 10 8.96 12.70 -2.10
C ASP E 10 10.11 13.01 -3.06
N ILE E 11 10.05 14.16 -3.75
CA ILE E 11 11.08 14.56 -4.76
C ILE E 11 12.21 15.37 -4.11
N ARG E 12 12.71 16.38 -4.81
CA ARG E 12 13.83 17.21 -4.27
C ARG E 12 13.95 18.55 -4.99
N ASN E 13 13.22 18.75 -6.11
CA ASN E 13 13.38 20.03 -6.79
C ASN E 13 12.02 20.59 -7.22
N GLN E 14 11.78 21.85 -6.87
CA GLN E 14 10.50 22.47 -7.17
C GLN E 14 10.23 22.51 -8.67
N ARG E 15 11.28 22.71 -9.47
CA ARG E 15 11.11 22.69 -10.91
C ARG E 15 10.57 21.36 -11.39
N ARG E 16 10.84 20.29 -10.64
CA ARG E 16 10.17 19.02 -10.87
C ARG E 16 8.95 18.84 -9.97
N TRP E 17 8.98 19.45 -8.79
CA TRP E 17 7.86 19.31 -7.88
C TRP E 17 6.58 19.84 -8.52
N ARG E 18 6.50 21.14 -8.77
CA ARG E 18 5.29 21.75 -9.29
C ARG E 18 4.67 20.93 -10.41
N ARG E 19 5.52 20.46 -11.33
CA ARG E 19 5.04 19.62 -12.42
C ARG E 19 4.45 18.32 -11.89
N LEU E 20 5.16 17.64 -10.98
CA LEU E 20 4.65 16.37 -10.46
C LEU E 20 3.36 16.58 -9.67
N PHE E 21 3.35 17.58 -8.82
CA PHE E 21 2.16 17.98 -8.08
C PHE E 21 0.97 18.12 -9.00
N LYS E 22 1.03 19.05 -9.94
CA LYS E 22 -0.12 19.29 -10.81
C LYS E 22 -0.47 18.05 -11.63
N THR E 23 0.53 17.39 -12.19
CA THR E 23 0.29 16.22 -13.03
C THR E 23 -0.45 15.13 -12.27
N MET E 24 0.18 14.59 -11.24
CA MET E 24 -0.38 13.43 -10.58
C MET E 24 -1.61 13.84 -9.75
N HIS E 25 -1.73 15.13 -9.43
CA HIS E 25 -3.02 15.65 -8.99
C HIS E 25 -4.07 15.52 -10.06
N GLY E 26 -3.68 15.63 -11.33
CA GLY E 26 -4.62 15.36 -12.39
C GLY E 26 -5.13 13.94 -12.42
N PHE E 27 -4.46 13.04 -11.71
CA PHE E 27 -4.90 11.65 -11.63
C PHE E 27 -5.85 11.43 -10.47
N GLY E 28 -5.46 11.86 -9.27
CA GLY E 28 -6.30 11.67 -8.11
C GLY E 28 -6.17 12.82 -7.14
N CYS E 29 -6.87 12.70 -6.02
CA CYS E 29 -7.04 13.79 -5.08
C CYS E 29 -5.93 13.83 -4.05
N TRP E 30 -5.69 15.03 -3.52
CA TRP E 30 -4.77 15.22 -2.41
C TRP E 30 -5.22 14.37 -1.22
N LEU E 31 -4.27 13.67 -0.62
CA LEU E 31 -4.58 12.82 0.53
C LEU E 31 -3.83 13.25 1.78
N GLN E 32 -2.51 13.40 1.70
CA GLN E 32 -1.69 13.67 2.86
C GLN E 32 -0.56 14.59 2.41
N LEU E 33 0.17 15.15 3.38
CA LEU E 33 1.06 16.27 3.10
C LEU E 33 2.10 15.96 2.04
N SER E 34 2.27 14.72 1.66
CA SER E 34 3.12 14.42 0.53
C SER E 34 2.56 13.31 -0.35
N VAL E 35 1.38 12.80 -0.07
CA VAL E 35 0.91 11.54 -0.64
C VAL E 35 -0.48 11.77 -1.19
N PHE E 36 -0.72 11.35 -2.42
CA PHE E 36 -2.06 11.44 -3.00
C PHE E 36 -2.61 10.04 -3.19
N GLN E 37 -3.86 9.99 -3.65
CA GLN E 37 -4.49 8.72 -3.96
C GLN E 37 -5.26 8.86 -5.26
N CYS E 38 -5.49 7.72 -5.92
CA CYS E 38 -6.16 7.68 -7.21
C CYS E 38 -6.92 6.37 -7.27
N ARG E 39 -7.91 6.32 -8.15
CA ARG E 39 -8.66 5.09 -8.41
C ARG E 39 -8.60 4.83 -9.90
N LEU E 40 -7.84 3.83 -10.29
CA LEU E 40 -7.45 3.66 -11.69
C LEU E 40 -7.54 2.21 -12.12
N ASP E 41 -7.58 2.02 -13.44
CA ASP E 41 -7.52 0.72 -14.07
C ASP E 41 -6.13 0.52 -14.67
N ARG E 42 -5.96 -0.58 -15.41
CA ARG E 42 -4.66 -0.91 -15.99
C ARG E 42 -4.17 0.20 -16.92
N ILE E 43 -5.02 0.63 -17.86
CA ILE E 43 -4.56 1.58 -18.87
C ILE E 43 -4.16 2.91 -18.24
N ARG E 44 -4.96 3.39 -17.28
CA ARG E 44 -4.66 4.68 -16.72
C ARG E 44 -3.52 4.65 -15.71
N ILE E 45 -3.31 3.54 -15.00
CA ILE E 45 -2.11 3.44 -14.18
C ILE E 45 -0.88 3.36 -15.07
N ILE E 46 -0.99 2.67 -16.21
CA ILE E 46 0.11 2.68 -17.16
C ILE E 46 0.40 4.10 -17.59
N LYS E 47 -0.64 4.87 -17.92
CA LYS E 47 -0.41 6.26 -18.29
C LYS E 47 0.03 7.12 -17.10
N MET E 48 -0.21 6.66 -15.87
CA MET E 48 0.38 7.32 -14.71
C MET E 48 1.88 7.18 -14.73
N GLU E 49 2.37 5.94 -14.65
CA GLU E 49 3.83 5.77 -14.69
C GLU E 49 4.40 6.11 -16.05
N ALA E 50 3.56 6.51 -17.01
CA ALA E 50 4.03 7.19 -18.21
C ALA E 50 4.22 8.68 -17.96
N ALA E 51 3.19 9.35 -17.45
CA ALA E 51 3.30 10.76 -17.13
C ALA E 51 4.29 10.99 -15.99
N ILE E 52 4.22 10.15 -14.97
CA ILE E 52 5.26 10.06 -13.95
C ILE E 52 6.33 9.16 -14.56
N ASN E 53 7.51 9.08 -13.93
CA ASN E 53 8.68 8.33 -14.34
C ASN E 53 9.51 9.08 -15.36
N GLU E 54 9.12 10.30 -15.74
CA GLU E 54 10.05 11.20 -16.42
C GLU E 54 9.96 12.63 -15.93
N ILE E 55 8.91 13.02 -15.20
CA ILE E 55 8.92 14.32 -14.54
C ILE E 55 9.99 14.36 -13.48
N VAL E 56 10.38 13.21 -12.96
CA VAL E 56 11.32 13.13 -11.85
C VAL E 56 12.67 12.63 -12.35
N ASN E 57 13.72 13.12 -11.72
CA ASN E 57 15.00 12.43 -11.77
C ASN E 57 14.82 11.05 -11.15
N HIS E 58 15.71 10.13 -11.51
CA HIS E 58 15.66 8.78 -10.96
C HIS E 58 16.78 8.52 -9.96
N ALA E 59 17.48 9.58 -9.55
CA ALA E 59 18.49 9.46 -8.49
C ALA E 59 18.10 10.28 -7.27
N GLU E 60 17.84 11.57 -7.43
CA GLU E 60 17.53 12.45 -6.31
C GLU E 60 16.04 12.53 -6.00
N ASP E 61 15.19 11.83 -6.75
CA ASP E 61 13.76 11.84 -6.53
C ASP E 61 13.30 10.44 -6.20
N HIS E 62 12.49 10.32 -5.15
CA HIS E 62 11.86 9.05 -4.79
C HIS E 62 10.35 9.21 -4.91
N VAL E 63 9.72 8.29 -5.63
CA VAL E 63 8.28 8.19 -5.72
C VAL E 63 7.93 6.72 -5.56
N LEU E 64 6.72 6.46 -5.10
CA LEU E 64 6.35 5.09 -4.74
C LEU E 64 4.85 4.93 -4.92
N ILE E 65 4.45 4.07 -5.86
CA ILE E 65 3.05 3.75 -6.05
C ILE E 65 2.67 2.66 -5.08
N LEU E 66 1.37 2.51 -4.84
CA LEU E 66 0.86 1.53 -3.88
C LEU E 66 -0.43 0.97 -4.45
N ASP E 67 -0.35 -0.21 -5.04
CA ASP E 67 -1.51 -0.88 -5.63
C ASP E 67 -2.28 -1.55 -4.50
N LEU E 68 -3.39 -0.95 -4.08
CA LEU E 68 -4.24 -1.53 -3.06
C LEU E 68 -5.26 -2.46 -3.72
N GLY E 69 -6.28 -2.84 -2.97
CA GLY E 69 -7.34 -3.67 -3.49
C GLY E 69 -8.15 -2.97 -4.54
N PRO E 70 -9.26 -3.58 -4.94
CA PRO E 70 -10.02 -3.06 -6.09
C PRO E 70 -10.84 -1.81 -5.80
N ALA E 71 -10.52 -1.11 -4.72
CA ALA E 71 -10.99 0.21 -4.34
C ALA E 71 -12.40 0.21 -3.76
N GLU E 72 -13.10 -0.92 -3.74
CA GLU E 72 -14.34 -1.01 -2.99
C GLU E 72 -14.17 -1.71 -1.66
N ASN E 73 -13.14 -2.55 -1.52
CA ASN E 73 -12.73 -3.12 -0.25
C ASN E 73 -11.49 -2.42 0.29
N VAL E 74 -11.25 -1.18 -0.13
CA VAL E 74 -10.09 -0.45 0.37
C VAL E 74 -10.28 -0.09 1.84
N LYS E 75 -11.52 0.15 2.26
CA LYS E 75 -11.77 0.55 3.64
C LYS E 75 -11.18 -0.41 4.66
N PRO E 76 -11.36 -1.74 4.56
CA PRO E 76 -10.77 -2.63 5.56
C PRO E 76 -9.25 -2.52 5.68
N LYS E 77 -8.54 -2.34 4.56
CA LYS E 77 -7.08 -2.47 4.56
C LYS E 77 -6.37 -1.12 4.68
N VAL E 78 -7.00 -0.15 5.34
CA VAL E 78 -6.36 1.14 5.61
C VAL E 78 -7.18 1.85 6.68
N SER E 79 -6.48 2.48 7.62
CA SER E 79 -7.13 3.26 8.66
C SER E 79 -6.33 4.54 8.88
N SER E 80 -7.03 5.56 9.35
CA SER E 80 -6.47 6.91 9.46
C SER E 80 -6.61 7.37 10.91
N ILE E 81 -5.51 7.39 11.64
CA ILE E 81 -5.52 7.81 13.04
C ILE E 81 -5.92 9.27 13.19
N GLY E 82 -5.73 10.07 12.14
CA GLY E 82 -6.06 11.47 12.23
C GLY E 82 -7.45 11.76 11.70
N LYS E 83 -7.53 12.31 10.50
CA LYS E 83 -8.82 12.53 9.86
C LYS E 83 -9.32 11.18 9.35
N THR E 84 -10.36 11.20 8.52
CA THR E 84 -10.93 9.99 7.97
C THR E 84 -10.19 9.56 6.70
N PHE E 85 -10.36 8.30 6.34
CA PHE E 85 -9.92 7.81 5.04
C PHE E 85 -11.14 7.72 4.14
N ASP E 86 -11.04 8.32 2.96
CA ASP E 86 -12.14 8.35 2.00
C ASP E 86 -11.63 8.01 0.62
N PRO E 87 -11.90 6.80 0.11
CA PRO E 87 -11.60 6.52 -1.29
C PRO E 87 -12.36 7.49 -2.19
N ILE E 88 -11.71 7.93 -3.26
CA ILE E 88 -12.37 8.84 -4.18
C ILE E 88 -13.51 8.11 -4.87
N LEU E 89 -14.65 8.77 -4.99
CA LEU E 89 -15.86 8.15 -5.50
C LEU E 89 -15.99 8.42 -7.00
N ARG E 90 -16.27 7.37 -7.77
CA ARG E 90 -16.64 7.58 -9.16
C ARG E 90 -18.07 8.10 -9.20
N GLN E 91 -18.23 9.42 -9.21
CA GLN E 91 -19.54 10.03 -9.20
C GLN E 91 -19.57 11.16 -10.21
N ALA E 92 -20.73 11.35 -10.83
CA ALA E 92 -20.91 12.48 -11.74
C ALA E 92 -20.77 13.78 -10.96
N VAL E 93 -19.85 14.63 -11.39
CA VAL E 93 -19.57 15.85 -10.64
C VAL E 93 -20.63 16.87 -10.99
N ILE E 94 -21.70 16.89 -10.21
CA ILE E 94 -22.89 17.68 -10.51
C ILE E 94 -22.80 18.92 -9.63
N VAL E 95 -22.16 19.96 -10.17
CA VAL E 95 -21.78 21.10 -9.36
C VAL E 95 -22.05 22.41 -10.07
N MET F 1 0.69 -15.78 9.61
CA MET F 1 -0.21 -14.64 9.46
C MET F 1 0.55 -13.34 9.71
N GLU F 2 1.13 -12.78 8.66
CA GLU F 2 1.89 -11.54 8.76
C GLU F 2 1.78 -10.79 7.46
N HIS F 3 1.58 -9.48 7.55
CA HIS F 3 1.56 -8.61 6.39
C HIS F 3 2.63 -7.55 6.52
N LEU F 4 2.75 -6.73 5.48
CA LEU F 4 3.62 -5.58 5.49
C LEU F 4 2.73 -4.34 5.55
N TYR F 5 2.94 -3.51 6.54
CA TYR F 5 2.13 -2.32 6.77
C TYR F 5 3.01 -1.10 6.65
N ILE F 6 2.62 -0.18 5.77
CA ILE F 6 3.35 1.05 5.55
C ILE F 6 2.67 2.16 6.30
N VAL F 7 3.42 2.90 7.12
CA VAL F 7 2.87 3.97 7.93
C VAL F 7 3.22 5.29 7.25
N SER F 8 2.20 6.03 6.84
CA SER F 8 2.38 7.30 6.15
C SER F 8 1.93 8.39 7.10
N TYR F 9 2.84 8.85 7.93
CA TYR F 9 2.49 9.82 8.95
C TYR F 9 3.00 11.19 8.54
N ASP F 10 2.23 12.21 8.88
CA ASP F 10 2.68 13.58 8.70
C ASP F 10 2.01 14.41 9.78
N ILE F 11 2.74 14.64 10.87
CA ILE F 11 2.22 15.31 12.05
C ILE F 11 2.93 16.64 12.23
N ARG F 12 2.45 17.43 13.19
CA ARG F 12 2.73 18.87 13.17
C ARG F 12 3.79 19.30 14.18
N ASN F 13 3.82 18.71 15.38
CA ASN F 13 4.58 19.26 16.49
C ASN F 13 5.76 18.36 16.84
N GLN F 14 6.95 18.97 16.92
CA GLN F 14 8.15 18.19 17.20
C GLN F 14 8.07 17.48 18.54
N ARG F 15 7.43 18.11 19.53
CA ARG F 15 7.27 17.45 20.82
C ARG F 15 6.47 16.17 20.67
N ARG F 16 5.64 16.07 19.66
CA ARG F 16 5.01 14.81 19.29
C ARG F 16 5.78 14.10 18.20
N TRP F 17 6.47 14.84 17.33
CA TRP F 17 7.20 14.23 16.25
C TRP F 17 8.27 13.29 16.79
N ARG F 18 9.27 13.85 17.49
CA ARG F 18 10.40 13.04 17.97
C ARG F 18 9.92 11.74 18.59
N ARG F 19 8.89 11.81 19.41
CA ARG F 19 8.33 10.62 20.02
C ARG F 19 7.78 9.66 18.98
N LEU F 20 7.00 10.17 18.02
CA LEU F 20 6.43 9.29 17.00
C LEU F 20 7.52 8.69 16.12
N PHE F 21 8.45 9.52 15.69
CA PHE F 21 9.62 9.07 14.95
C PHE F 21 10.29 7.89 15.63
N LYS F 22 10.80 8.10 16.85
CA LYS F 22 11.53 7.03 17.53
C LYS F 22 10.64 5.82 17.77
N THR F 23 9.40 6.04 18.22
CA THR F 23 8.51 4.94 18.53
C THR F 23 8.26 4.07 17.32
N MET F 24 7.64 4.63 16.29
CA MET F 24 7.21 3.82 15.16
C MET F 24 8.42 3.38 14.34
N HIS F 25 9.56 4.08 14.49
CA HIS F 25 10.83 3.52 14.03
C HIS F 25 11.18 2.25 14.78
N GLY F 26 10.78 2.17 16.05
CA GLY F 26 10.96 0.92 16.77
C GLY F 26 10.17 -0.23 16.20
N PHE F 27 9.19 0.06 15.35
CA PHE F 27 8.41 -0.98 14.70
C PHE F 27 9.03 -1.42 13.38
N GLY F 28 9.34 -0.47 12.49
CA GLY F 28 9.93 -0.81 11.22
C GLY F 28 10.91 0.25 10.76
N CYS F 29 11.45 0.04 9.57
CA CYS F 29 12.56 0.81 9.07
C CYS F 29 12.10 2.07 8.34
N TRP F 30 12.99 3.06 8.34
CA TRP F 30 12.78 4.27 7.54
C TRP F 30 12.61 3.90 6.07
N LEU F 31 11.59 4.47 5.43
CA LEU F 31 11.34 4.20 4.02
C LEU F 31 11.44 5.45 3.16
N GLN F 32 10.74 6.51 3.52
CA GLN F 32 10.65 7.70 2.69
C GLN F 32 10.59 8.90 3.63
N LEU F 33 10.75 10.10 3.08
CA LEU F 33 11.03 11.28 3.90
C LEU F 33 9.95 11.54 4.94
N SER F 34 8.84 10.88 4.87
CA SER F 34 7.87 10.98 5.96
C SER F 34 7.19 9.66 6.27
N VAL F 35 7.57 8.57 5.60
CA VAL F 35 6.79 7.34 5.60
C VAL F 35 7.72 6.19 5.93
N PHE F 36 7.31 5.35 6.88
CA PHE F 36 8.09 4.16 7.21
C PHE F 36 7.32 2.92 6.78
N GLN F 37 7.94 1.77 6.97
CA GLN F 37 7.30 0.50 6.69
C GLN F 37 7.64 -0.47 7.80
N CYS F 38 6.79 -1.49 7.95
CA CYS F 38 6.93 -2.47 8.99
C CYS F 38 6.38 -3.79 8.46
N ARG F 39 6.80 -4.89 9.07
CA ARG F 39 6.26 -6.20 8.72
C ARG F 39 5.74 -6.82 10.01
N LEU F 40 4.42 -6.91 10.15
CA LEU F 40 3.80 -7.18 11.43
C LEU F 40 2.66 -8.18 11.30
N ASP F 41 2.31 -8.78 12.43
CA ASP F 41 1.15 -9.64 12.56
C ASP F 41 0.03 -8.89 13.27
N ARG F 42 -1.05 -9.60 13.60
CA ARG F 42 -2.20 -8.97 14.23
C ARG F 42 -1.82 -8.34 15.57
N ILE F 43 -1.14 -9.11 16.44
CA ILE F 43 -0.88 -8.61 17.78
C ILE F 43 0.02 -7.37 17.74
N ARG F 44 1.05 -7.40 16.90
CA ARG F 44 1.97 -6.27 16.90
C ARG F 44 1.43 -5.06 16.17
N ILE F 45 0.58 -5.24 15.15
CA ILE F 45 -0.08 -4.06 14.58
C ILE F 45 -1.06 -3.48 15.59
N ILE F 46 -1.72 -4.33 16.36
CA ILE F 46 -2.57 -3.82 17.43
C ILE F 46 -1.73 -2.98 18.39
N LYS F 47 -0.57 -3.50 18.78
CA LYS F 47 0.30 -2.73 19.65
C LYS F 47 0.90 -1.52 18.95
N MET F 48 0.93 -1.51 17.62
CA MET F 48 1.29 -0.29 16.90
C MET F 48 0.26 0.79 17.13
N GLU F 49 -0.99 0.54 16.69
CA GLU F 49 -2.00 1.56 16.94
C GLU F 49 -2.35 1.70 18.41
N ALA F 50 -1.71 0.92 19.27
CA ALA F 50 -1.69 1.21 20.70
C ALA F 50 -0.61 2.24 21.03
N ALA F 51 0.62 1.98 20.63
CA ALA F 51 1.71 2.93 20.86
C ALA F 51 1.49 4.21 20.07
N ILE F 52 1.07 4.08 18.83
CA ILE F 52 0.55 5.20 18.05
C ILE F 52 -0.91 5.32 18.46
N ASN F 53 -1.57 6.42 18.08
CA ASN F 53 -2.95 6.79 18.37
C ASN F 53 -3.06 7.46 19.74
N GLU F 54 -1.95 7.67 20.45
CA GLU F 54 -1.94 8.61 21.56
C GLU F 54 -0.70 9.48 21.61
N ILE F 55 0.38 9.13 20.90
CA ILE F 55 1.49 10.05 20.76
C ILE F 55 1.06 11.28 19.98
N VAL F 56 0.03 11.17 19.17
CA VAL F 56 -0.40 12.24 18.29
C VAL F 56 -1.71 12.83 18.80
N ASN F 57 -1.86 14.13 18.59
CA ASN F 57 -3.18 14.73 18.61
C ASN F 57 -4.02 14.08 17.51
N HIS F 58 -5.34 14.15 17.67
CA HIS F 58 -6.25 13.61 16.68
C HIS F 58 -6.94 14.69 15.87
N ALA F 59 -6.49 15.93 15.99
CA ALA F 59 -6.99 17.02 15.16
C ALA F 59 -5.90 17.59 14.26
N GLU F 60 -4.77 18.01 14.82
CA GLU F 60 -3.70 18.64 14.06
C GLU F 60 -2.67 17.64 13.54
N ASP F 61 -2.84 16.35 13.82
CA ASP F 61 -1.91 15.32 13.37
C ASP F 61 -2.65 14.35 12.48
N HIS F 62 -2.06 14.03 11.34
CA HIS F 62 -2.58 13.00 10.46
C HIS F 62 -1.56 11.88 10.35
N VAL F 63 -2.02 10.65 10.56
CA VAL F 63 -1.21 9.45 10.36
C VAL F 63 -2.11 8.47 9.62
N LEU F 64 -1.49 7.55 8.89
CA LEU F 64 -2.25 6.68 8.01
C LEU F 64 -1.50 5.38 7.85
N ILE F 65 -2.08 4.28 8.33
CA ILE F 65 -1.50 2.95 8.16
C ILE F 65 -1.93 2.43 6.80
N LEU F 66 -1.21 1.44 6.29
CA LEU F 66 -1.48 0.88 4.98
C LEU F 66 -1.22 -0.62 5.07
N ASP F 67 -2.30 -1.40 5.21
CA ASP F 67 -2.21 -2.86 5.30
C ASP F 67 -2.06 -3.41 3.89
N LEU F 68 -0.84 -3.78 3.53
CA LEU F 68 -0.57 -4.39 2.24
C LEU F 68 -0.79 -5.90 2.33
N GLY F 69 -0.32 -6.63 1.31
CA GLY F 69 -0.40 -8.06 1.31
C GLY F 69 0.45 -8.69 2.39
N PRO F 70 0.57 -10.02 2.34
CA PRO F 70 1.23 -10.74 3.44
C PRO F 70 2.75 -10.61 3.47
N ALA F 71 3.28 -9.60 2.79
CA ALA F 71 4.67 -9.13 2.84
C ALA F 71 5.63 -10.01 2.05
N GLU F 72 5.19 -11.15 1.51
CA GLU F 72 6.02 -11.88 0.58
C GLU F 72 5.62 -11.64 -0.88
N ASN F 73 4.37 -11.24 -1.11
CA ASN F 73 3.91 -10.78 -2.42
C ASN F 73 3.80 -9.27 -2.45
N VAL F 74 4.52 -8.58 -1.57
CA VAL F 74 4.47 -7.12 -1.56
C VAL F 74 5.13 -6.56 -2.80
N LYS F 75 6.15 -7.23 -3.33
CA LYS F 75 6.87 -6.72 -4.49
C LYS F 75 5.95 -6.41 -5.68
N PRO F 76 5.02 -7.29 -6.08
CA PRO F 76 4.15 -6.94 -7.22
C PRO F 76 3.34 -5.68 -7.02
N LYS F 77 2.82 -5.43 -5.81
CA LYS F 77 1.84 -4.37 -5.59
C LYS F 77 2.47 -3.08 -5.10
N VAL F 78 3.72 -2.82 -5.46
CA VAL F 78 4.37 -1.55 -5.14
C VAL F 78 5.61 -1.42 -6.01
N SER F 79 5.85 -0.22 -6.53
CA SER F 79 7.02 0.07 -7.30
C SER F 79 7.57 1.44 -6.92
N SER F 80 8.87 1.61 -7.10
CA SER F 80 9.59 2.79 -6.63
C SER F 80 10.30 3.43 -7.81
N ILE F 81 9.77 4.56 -8.27
CA ILE F 81 10.35 5.27 -9.41
C ILE F 81 11.75 5.78 -9.10
N GLY F 82 12.06 5.98 -7.83
CA GLY F 82 13.36 6.50 -7.45
C GLY F 82 14.32 5.38 -7.11
N LYS F 83 14.59 5.19 -5.83
CA LYS F 83 15.42 4.07 -5.39
C LYS F 83 14.60 2.80 -5.49
N THR F 84 15.10 1.72 -4.90
CA THR F 84 14.40 0.44 -4.94
C THR F 84 13.41 0.34 -3.79
N PHE F 85 12.46 -0.58 -3.94
CA PHE F 85 11.57 -0.97 -2.86
C PHE F 85 12.08 -2.28 -2.27
N ASP F 86 12.28 -2.31 -0.96
CA ASP F 86 12.79 -3.48 -0.26
C ASP F 86 11.96 -3.76 0.98
N PRO F 87 11.11 -4.78 0.96
CA PRO F 87 10.45 -5.19 2.20
C PRO F 87 11.50 -5.59 3.22
N ILE F 88 11.24 -5.23 4.49
CA ILE F 88 12.19 -5.59 5.54
C ILE F 88 12.19 -7.10 5.70
N LEU F 89 13.37 -7.67 5.85
CA LEU F 89 13.53 -9.12 5.89
C LEU F 89 13.55 -9.60 7.33
N ARG F 90 12.76 -10.64 7.61
CA ARG F 90 12.90 -11.32 8.90
C ARG F 90 14.17 -12.16 8.87
N GLN F 91 15.28 -11.59 9.32
CA GLN F 91 16.56 -12.28 9.30
C GLN F 91 17.26 -12.06 10.63
N ALA F 92 18.00 -13.07 11.06
CA ALA F 92 18.82 -12.95 12.26
C ALA F 92 19.87 -11.87 12.04
N VAL F 93 19.88 -10.86 12.90
CA VAL F 93 20.78 -9.73 12.70
C VAL F 93 22.16 -10.14 13.20
N ILE F 94 22.97 -10.68 12.30
CA ILE F 94 24.25 -11.28 12.65
C ILE F 94 25.31 -10.25 12.31
N VAL F 95 25.62 -9.40 13.28
CA VAL F 95 26.42 -8.21 13.02
C VAL F 95 27.46 -7.98 14.09
#